data_2DWV
#
_entry.id   2DWV
#
_cell.length_a   1.000
_cell.length_b   1.000
_cell.length_c   1.000
_cell.angle_alpha   90.00
_cell.angle_beta   90.00
_cell.angle_gamma   90.00
#
_symmetry.space_group_name_H-M   'P 1'
#
_entity_poly.entity_id   1
_entity_poly.type   'polypeptide(L)'
_entity_poly.pdbx_seq_one_letter_code
;GSSGSSGPLEREGLPPGWERVESSEFGTYYVDHTNKRAQYRHPSGPSSG
;
_entity_poly.pdbx_strand_id   A,B
#
# COMPACT_ATOMS: atom_id res chain seq x y z
N GLY A 1 -20.49 -10.42 -15.94
CA GLY A 1 -20.88 -11.62 -16.69
C GLY A 1 -19.82 -11.97 -17.72
N SER A 2 -18.70 -12.56 -17.28
CA SER A 2 -17.58 -12.95 -18.13
C SER A 2 -18.01 -13.94 -19.21
N SER A 3 -17.31 -13.88 -20.33
CA SER A 3 -17.44 -14.71 -21.52
C SER A 3 -16.19 -15.59 -21.66
N GLY A 4 -15.36 -15.68 -20.61
CA GLY A 4 -14.14 -16.46 -20.53
C GLY A 4 -12.94 -15.67 -20.02
N SER A 5 -13.02 -14.34 -19.92
CA SER A 5 -11.94 -13.49 -19.44
C SER A 5 -12.50 -12.27 -18.75
N SER A 6 -12.74 -12.35 -17.44
CA SER A 6 -13.28 -11.23 -16.68
C SER A 6 -12.26 -10.08 -16.75
N GLY A 7 -12.73 -8.84 -16.62
CA GLY A 7 -11.84 -7.69 -16.70
C GLY A 7 -10.85 -7.62 -15.53
N PRO A 8 -9.77 -6.86 -15.70
CA PRO A 8 -8.75 -6.66 -14.65
C PRO A 8 -9.15 -5.55 -13.68
N LEU A 9 -10.12 -4.73 -14.11
CA LEU A 9 -10.74 -3.57 -13.50
C LEU A 9 -12.18 -3.54 -14.02
N GLU A 10 -13.08 -2.85 -13.33
CA GLU A 10 -14.50 -2.71 -13.69
C GLU A 10 -14.96 -1.25 -13.72
N ARG A 11 -14.05 -0.31 -13.44
CA ARG A 11 -14.17 1.16 -13.40
C ARG A 11 -14.79 1.64 -12.09
N GLU A 12 -15.49 0.76 -11.41
CA GLU A 12 -16.18 0.94 -10.15
C GLU A 12 -15.22 1.15 -8.99
N GLY A 13 -15.76 1.49 -7.81
CA GLY A 13 -14.97 1.71 -6.61
C GLY A 13 -14.54 0.39 -6.00
N LEU A 14 -13.60 0.46 -5.07
CA LEU A 14 -13.06 -0.70 -4.36
C LEU A 14 -14.00 -1.11 -3.22
N PRO A 15 -13.88 -2.34 -2.68
CA PRO A 15 -14.71 -2.77 -1.55
C PRO A 15 -14.30 -1.99 -0.28
N PRO A 16 -15.17 -1.96 0.74
CA PRO A 16 -14.89 -1.27 1.99
C PRO A 16 -13.76 -2.00 2.73
N GLY A 17 -12.59 -1.40 2.78
CA GLY A 17 -11.39 -1.92 3.41
C GLY A 17 -10.18 -1.92 2.46
N TRP A 18 -10.42 -1.78 1.14
CA TRP A 18 -9.37 -1.75 0.14
C TRP A 18 -9.02 -0.30 -0.17
N GLU A 19 -7.74 -0.04 -0.40
CA GLU A 19 -7.23 1.29 -0.69
C GLU A 19 -6.44 1.31 -2.00
N ARG A 20 -6.60 2.37 -2.79
CA ARG A 20 -5.90 2.57 -4.05
C ARG A 20 -4.81 3.60 -3.79
N VAL A 21 -3.60 3.34 -4.27
CA VAL A 21 -2.47 4.24 -4.13
C VAL A 21 -2.11 4.72 -5.53
N GLU A 22 -1.78 6.00 -5.73
CA GLU A 22 -1.42 6.57 -7.03
C GLU A 22 -0.15 7.43 -6.92
N SER A 23 0.83 7.22 -7.81
CA SER A 23 2.10 7.95 -7.88
C SER A 23 2.65 7.99 -9.30
N SER A 24 3.69 8.77 -9.54
CA SER A 24 4.34 8.92 -10.83
C SER A 24 5.42 7.86 -11.07
N GLU A 25 6.09 7.34 -10.04
CA GLU A 25 7.15 6.34 -10.22
C GLU A 25 6.55 4.95 -10.50
N PHE A 26 5.52 4.57 -9.72
CA PHE A 26 4.89 3.26 -9.83
C PHE A 26 3.58 3.24 -10.61
N GLY A 27 2.87 4.37 -10.70
CA GLY A 27 1.62 4.48 -11.42
C GLY A 27 0.47 4.35 -10.45
N THR A 28 -0.06 3.14 -10.29
CA THR A 28 -1.19 2.90 -9.40
C THR A 28 -1.21 1.45 -8.93
N TYR A 29 -1.34 1.22 -7.62
CA TYR A 29 -1.43 -0.13 -7.07
C TYR A 29 -2.55 -0.17 -6.02
N TYR A 30 -2.88 -1.35 -5.48
CA TYR A 30 -3.93 -1.51 -4.49
C TYR A 30 -3.35 -2.24 -3.29
N VAL A 31 -3.82 -1.92 -2.10
CA VAL A 31 -3.37 -2.53 -0.85
C VAL A 31 -4.54 -3.24 -0.17
N ASP A 32 -4.24 -4.38 0.45
CA ASP A 32 -5.14 -5.24 1.18
C ASP A 32 -4.86 -5.14 2.66
N HIS A 33 -5.74 -4.53 3.45
CA HIS A 33 -5.56 -4.41 4.90
C HIS A 33 -5.76 -5.76 5.59
N THR A 34 -6.54 -6.66 5.00
CA THR A 34 -6.87 -7.97 5.53
C THR A 34 -5.65 -8.88 5.54
N ASN A 35 -4.77 -8.73 4.56
CA ASN A 35 -3.57 -9.57 4.43
C ASN A 35 -2.27 -8.76 4.42
N LYS A 36 -2.32 -7.43 4.55
CA LYS A 36 -1.19 -6.50 4.53
C LYS A 36 -0.31 -6.76 3.31
N ARG A 37 -0.93 -6.81 2.13
CA ARG A 37 -0.24 -7.06 0.87
C ARG A 37 -0.58 -5.98 -0.13
N ALA A 38 0.17 -5.93 -1.22
CA ALA A 38 0.00 -5.01 -2.31
C ALA A 38 -0.18 -5.85 -3.58
N GLN A 39 -0.94 -5.35 -4.56
CA GLN A 39 -1.21 -6.00 -5.84
C GLN A 39 -1.43 -4.91 -6.89
N TYR A 40 -1.51 -5.29 -8.15
CA TYR A 40 -1.71 -4.33 -9.24
C TYR A 40 -3.09 -4.50 -9.92
N ARG A 41 -3.85 -5.55 -9.57
CA ARG A 41 -5.18 -5.84 -10.12
C ARG A 41 -6.26 -5.41 -9.13
N HIS A 42 -7.52 -5.38 -9.58
CA HIS A 42 -8.60 -5.00 -8.69
C HIS A 42 -8.90 -6.20 -7.76
N PRO A 43 -9.35 -5.96 -6.53
CA PRO A 43 -9.71 -7.02 -5.58
C PRO A 43 -11.03 -7.68 -6.01
N SER A 44 -11.39 -8.80 -5.38
CA SER A 44 -12.61 -9.51 -5.73
C SER A 44 -13.16 -10.28 -4.53
N GLY A 45 -14.37 -9.95 -4.08
CA GLY A 45 -15.03 -10.61 -2.96
C GLY A 45 -16.53 -10.79 -3.25
N PRO A 46 -17.24 -11.59 -2.45
CA PRO A 46 -18.66 -11.87 -2.60
C PRO A 46 -19.49 -10.76 -1.92
N SER A 47 -19.65 -9.61 -2.58
CA SER A 47 -20.38 -8.46 -2.06
C SER A 47 -21.81 -8.80 -1.60
N SER A 48 -22.44 -9.80 -2.21
CA SER A 48 -23.78 -10.26 -1.89
C SER A 48 -23.69 -11.78 -1.68
N GLY A 49 -24.34 -12.30 -0.65
CA GLY A 49 -24.36 -13.71 -0.30
C GLY A 49 -25.29 -13.84 0.87
N GLY B 1 21.57 7.50 16.50
CA GLY B 1 22.28 7.41 17.78
C GLY B 1 21.37 6.90 18.89
N SER B 2 20.78 5.72 18.74
CA SER B 2 19.91 5.12 19.74
C SER B 2 20.72 4.88 21.02
N SER B 3 20.05 4.98 22.16
CA SER B 3 20.59 4.78 23.49
C SER B 3 19.57 4.01 24.35
N GLY B 4 18.74 3.18 23.70
CA GLY B 4 17.71 2.37 24.34
C GLY B 4 16.94 1.61 23.27
N SER B 5 15.97 2.26 22.63
CA SER B 5 15.15 1.68 21.58
C SER B 5 15.10 2.63 20.38
N SER B 6 15.06 2.10 19.16
CA SER B 6 14.99 2.96 17.98
C SER B 6 13.62 3.63 18.00
N GLY B 7 13.59 4.93 17.72
CA GLY B 7 12.38 5.72 17.71
C GLY B 7 11.37 5.22 16.69
N PRO B 8 10.14 5.73 16.74
CA PRO B 8 9.09 5.34 15.81
C PRO B 8 9.39 5.90 14.42
N LEU B 9 9.95 7.10 14.38
CA LEU B 9 10.30 7.81 13.17
C LEU B 9 11.33 8.88 13.51
N GLU B 10 12.08 9.27 12.49
CA GLU B 10 13.11 10.28 12.54
C GLU B 10 12.67 11.52 11.76
N ARG B 11 11.43 11.56 11.26
CA ARG B 11 10.78 12.64 10.49
C ARG B 11 11.35 12.79 9.08
N GLU B 12 12.34 11.99 8.72
CA GLU B 12 13.02 11.99 7.43
C GLU B 12 12.09 11.46 6.34
N GLY B 13 12.54 11.51 5.08
CA GLY B 13 11.78 11.02 3.94
C GLY B 13 11.90 9.49 3.85
N LEU B 14 11.33 8.88 2.82
CA LEU B 14 11.37 7.43 2.61
C LEU B 14 12.46 7.05 1.60
N PRO B 15 12.95 5.80 1.62
CA PRO B 15 13.96 5.35 0.68
C PRO B 15 13.38 5.20 -0.74
N PRO B 16 14.24 5.16 -1.77
CA PRO B 16 13.80 5.02 -3.15
C PRO B 16 13.18 3.64 -3.33
N GLY B 17 11.89 3.59 -3.64
CA GLY B 17 11.13 2.35 -3.84
C GLY B 17 10.04 2.16 -2.79
N TRP B 18 10.13 2.79 -1.62
CA TRP B 18 9.10 2.68 -0.60
C TRP B 18 8.03 3.73 -0.87
N GLU B 19 6.87 3.59 -0.25
CA GLU B 19 5.77 4.55 -0.43
C GLU B 19 4.98 4.70 0.87
N ARG B 20 4.37 5.87 1.06
CA ARG B 20 3.55 6.25 2.19
C ARG B 20 2.13 6.40 1.68
N VAL B 21 1.16 5.84 2.39
CA VAL B 21 -0.23 5.94 2.01
C VAL B 21 -0.94 6.66 3.15
N GLU B 22 -1.70 7.71 2.85
CA GLU B 22 -2.44 8.51 3.81
C GLU B 22 -3.93 8.22 3.60
N SER B 23 -4.68 8.14 4.68
CA SER B 23 -6.11 7.85 4.69
C SER B 23 -6.74 8.48 5.94
N SER B 24 -7.99 8.12 6.17
CA SER B 24 -8.81 8.52 7.31
C SER B 24 -9.42 7.26 7.90
N GLU B 25 -9.80 6.29 7.07
CA GLU B 25 -10.35 5.04 7.54
C GLU B 25 -9.26 4.24 8.27
N PHE B 26 -7.99 4.47 7.89
CA PHE B 26 -6.84 3.78 8.45
C PHE B 26 -5.80 4.73 9.09
N GLY B 27 -5.74 5.98 8.66
CA GLY B 27 -4.82 7.00 9.17
C GLY B 27 -3.62 7.14 8.25
N THR B 28 -2.54 6.41 8.47
CA THR B 28 -1.35 6.48 7.62
C THR B 28 -0.57 5.16 7.73
N TYR B 29 -0.09 4.62 6.61
CA TYR B 29 0.70 3.40 6.61
C TYR B 29 1.75 3.47 5.50
N TYR B 30 2.58 2.44 5.36
CA TYR B 30 3.63 2.40 4.36
C TYR B 30 3.59 1.07 3.63
N VAL B 31 4.09 1.06 2.40
CA VAL B 31 4.12 -0.13 1.56
C VAL B 31 5.50 -0.26 0.90
N ASP B 32 5.95 -1.51 0.79
CA ASP B 32 7.21 -1.96 0.22
C ASP B 32 6.97 -2.55 -1.16
N HIS B 33 7.68 -2.07 -2.18
CA HIS B 33 7.56 -2.58 -3.54
C HIS B 33 8.45 -3.80 -3.75
N THR B 34 9.47 -4.02 -2.91
CA THR B 34 10.39 -5.14 -2.99
C THR B 34 9.70 -6.42 -2.54
N ASN B 35 8.77 -6.34 -1.58
CA ASN B 35 8.06 -7.51 -1.06
C ASN B 35 6.55 -7.42 -1.17
N LYS B 36 6.01 -6.29 -1.66
CA LYS B 36 4.57 -6.05 -1.82
C LYS B 36 3.83 -6.26 -0.50
N ARG B 37 4.42 -5.80 0.62
CA ARG B 37 3.84 -5.93 1.95
C ARG B 37 3.55 -4.54 2.47
N ALA B 38 2.63 -4.46 3.44
CA ALA B 38 2.21 -3.22 4.09
C ALA B 38 2.59 -3.31 5.57
N GLN B 39 2.94 -2.18 6.20
CA GLN B 39 3.28 -2.07 7.63
C GLN B 39 2.94 -0.65 8.11
N TYR B 40 2.84 -0.45 9.43
CA TYR B 40 2.50 0.84 10.03
C TYR B 40 3.72 1.57 10.63
N ARG B 41 4.90 0.94 10.63
CA ARG B 41 6.13 1.50 11.17
C ARG B 41 6.94 2.18 10.07
N HIS B 42 7.90 3.02 10.42
CA HIS B 42 8.74 3.67 9.40
C HIS B 42 9.78 2.62 8.98
N PRO B 43 10.20 2.52 7.70
CA PRO B 43 11.17 1.50 7.28
C PRO B 43 12.56 1.74 7.88
N SER B 44 13.43 0.72 7.73
CA SER B 44 14.80 0.71 8.21
C SER B 44 15.72 -0.12 7.31
N GLY B 45 17.01 -0.17 7.64
CA GLY B 45 18.06 -0.89 6.94
C GLY B 45 19.24 0.03 6.62
N PRO B 46 20.23 -0.47 5.85
CA PRO B 46 21.41 0.29 5.46
C PRO B 46 21.06 1.25 4.31
N SER B 47 21.94 2.21 4.03
CA SER B 47 21.78 3.20 2.97
C SER B 47 23.06 3.43 2.14
N SER B 48 24.20 2.88 2.54
CA SER B 48 25.49 3.04 1.86
C SER B 48 26.26 1.72 1.93
N GLY B 49 27.49 1.71 1.41
CA GLY B 49 28.36 0.54 1.38
C GLY B 49 29.47 0.87 0.44
N GLY A 1 -7.55 2.33 -27.40
CA GLY A 1 -9.00 2.49 -27.50
C GLY A 1 -9.34 3.65 -28.41
N SER A 2 -10.43 4.34 -28.11
CA SER A 2 -10.95 5.50 -28.83
C SER A 2 -10.98 6.71 -27.86
N SER A 3 -11.14 6.46 -26.55
CA SER A 3 -11.17 7.48 -25.52
C SER A 3 -9.79 8.15 -25.45
N GLY A 4 -9.73 9.46 -25.23
CA GLY A 4 -8.49 10.20 -25.16
C GLY A 4 -7.76 9.88 -23.85
N SER A 5 -8.03 10.67 -22.81
CA SER A 5 -7.44 10.52 -21.50
C SER A 5 -8.52 10.71 -20.44
N SER A 6 -8.21 10.36 -19.18
CA SER A 6 -8.97 10.40 -17.94
C SER A 6 -8.32 9.32 -17.05
N GLY A 7 -8.96 8.97 -15.94
CA GLY A 7 -8.45 7.95 -15.03
C GLY A 7 -8.73 6.56 -15.60
N PRO A 8 -8.15 5.52 -14.99
CA PRO A 8 -8.36 4.14 -15.42
C PRO A 8 -9.77 3.69 -15.02
N LEU A 9 -10.09 3.90 -13.75
CA LEU A 9 -11.31 3.62 -13.02
C LEU A 9 -11.38 4.62 -11.86
N GLU A 10 -12.45 4.56 -11.06
CA GLU A 10 -12.70 5.45 -9.92
C GLU A 10 -11.96 5.01 -8.64
N ARG A 11 -12.41 5.51 -7.49
CA ARG A 11 -11.87 5.24 -6.15
C ARG A 11 -12.97 4.96 -5.12
N GLU A 12 -14.20 4.77 -5.57
CA GLU A 12 -15.36 4.53 -4.73
C GLU A 12 -16.08 3.30 -5.28
N GLY A 13 -15.40 2.15 -5.26
CA GLY A 13 -15.93 0.88 -5.74
C GLY A 13 -15.15 -0.36 -5.31
N LEU A 14 -14.14 -0.21 -4.46
CA LEU A 14 -13.34 -1.33 -3.93
C LEU A 14 -14.09 -1.92 -2.74
N PRO A 15 -13.77 -3.15 -2.31
CA PRO A 15 -14.45 -3.73 -1.17
C PRO A 15 -14.07 -2.95 0.12
N PRO A 16 -14.90 -3.06 1.18
CA PRO A 16 -14.67 -2.40 2.45
C PRO A 16 -13.37 -2.92 3.05
N GLY A 17 -12.35 -2.07 3.08
CA GLY A 17 -11.05 -2.39 3.64
C GLY A 17 -9.91 -2.35 2.62
N TRP A 18 -10.21 -2.34 1.32
CA TRP A 18 -9.18 -2.26 0.29
C TRP A 18 -9.05 -0.81 -0.10
N GLU A 19 -7.85 -0.40 -0.52
CA GLU A 19 -7.60 0.97 -0.93
C GLU A 19 -6.81 1.03 -2.22
N ARG A 20 -7.05 2.07 -3.02
CA ARG A 20 -6.39 2.32 -4.29
C ARG A 20 -5.41 3.44 -4.00
N VAL A 21 -4.18 3.25 -4.41
CA VAL A 21 -3.11 4.21 -4.24
C VAL A 21 -2.63 4.63 -5.64
N GLU A 22 -2.26 5.90 -5.79
CA GLU A 22 -1.76 6.46 -7.04
C GLU A 22 -0.41 7.14 -6.73
N SER A 23 0.50 7.13 -7.69
CA SER A 23 1.84 7.70 -7.58
C SER A 23 2.42 7.99 -8.96
N SER A 24 3.48 8.80 -9.03
CA SER A 24 4.12 9.11 -10.31
C SER A 24 5.26 8.12 -10.58
N GLU A 25 5.89 7.57 -9.52
CA GLU A 25 7.01 6.63 -9.65
C GLU A 25 6.62 5.16 -9.84
N PHE A 26 5.37 4.80 -9.51
CA PHE A 26 4.87 3.44 -9.65
C PHE A 26 3.66 3.44 -10.59
N GLY A 27 2.70 4.35 -10.38
CA GLY A 27 1.51 4.48 -11.22
C GLY A 27 0.25 4.35 -10.38
N THR A 28 -0.42 3.20 -10.44
CA THR A 28 -1.65 2.97 -9.69
C THR A 28 -1.60 1.55 -9.14
N TYR A 29 -1.73 1.40 -7.82
CA TYR A 29 -1.69 0.11 -7.17
C TYR A 29 -2.80 -0.02 -6.13
N TYR A 30 -2.92 -1.19 -5.50
CA TYR A 30 -3.95 -1.47 -4.52
C TYR A 30 -3.35 -2.12 -3.28
N VAL A 31 -4.00 -1.92 -2.12
CA VAL A 31 -3.54 -2.49 -0.85
C VAL A 31 -4.69 -3.16 -0.10
N ASP A 32 -4.38 -4.33 0.45
CA ASP A 32 -5.24 -5.20 1.25
C ASP A 32 -4.85 -4.95 2.69
N HIS A 33 -5.70 -4.27 3.46
CA HIS A 33 -5.39 -3.99 4.86
C HIS A 33 -5.54 -5.20 5.76
N THR A 34 -6.28 -6.24 5.36
CA THR A 34 -6.46 -7.43 6.18
C THR A 34 -5.25 -8.35 6.07
N ASN A 35 -4.79 -8.62 4.83
CA ASN A 35 -3.66 -9.50 4.54
C ASN A 35 -2.35 -8.75 4.44
N LYS A 36 -2.42 -7.42 4.41
CA LYS A 36 -1.31 -6.49 4.33
C LYS A 36 -0.44 -6.78 3.11
N ARG A 37 -1.07 -7.01 1.96
CA ARG A 37 -0.39 -7.32 0.70
C ARG A 37 -0.63 -6.20 -0.30
N ALA A 38 0.17 -6.15 -1.37
CA ALA A 38 0.10 -5.16 -2.42
C ALA A 38 -0.01 -5.87 -3.76
N GLN A 39 -0.66 -5.22 -4.73
CA GLN A 39 -0.84 -5.72 -6.09
C GLN A 39 -1.17 -4.56 -7.02
N TYR A 40 -0.82 -4.70 -8.29
CA TYR A 40 -1.05 -3.70 -9.33
C TYR A 40 -2.37 -3.95 -10.06
N ARG A 41 -3.24 -4.85 -9.58
CA ARG A 41 -4.53 -5.17 -10.21
C ARG A 41 -5.65 -5.12 -9.19
N HIS A 42 -6.88 -4.98 -9.67
CA HIS A 42 -8.07 -4.91 -8.82
C HIS A 42 -8.22 -6.24 -8.05
N PRO A 43 -8.59 -6.21 -6.75
CA PRO A 43 -8.75 -7.38 -5.88
C PRO A 43 -10.01 -8.21 -6.13
N SER A 44 -10.24 -8.63 -7.37
CA SER A 44 -11.40 -9.43 -7.70
C SER A 44 -11.37 -10.75 -6.91
N GLY A 45 -12.52 -11.18 -6.39
CA GLY A 45 -12.68 -12.40 -5.61
C GLY A 45 -14.14 -12.58 -5.19
N PRO A 46 -14.50 -13.66 -4.48
CA PRO A 46 -15.89 -13.87 -4.05
C PRO A 46 -16.16 -13.01 -2.80
N SER A 47 -17.44 -12.78 -2.50
CA SER A 47 -17.86 -12.00 -1.35
C SER A 47 -19.13 -12.63 -0.79
N SER A 48 -18.99 -13.73 -0.06
CA SER A 48 -20.11 -14.42 0.53
C SER A 48 -20.52 -13.76 1.85
N GLY A 49 -19.60 -13.62 2.80
CA GLY A 49 -19.86 -13.00 4.09
C GLY A 49 -18.92 -13.54 5.15
N GLY B 1 1.17 17.00 23.70
CA GLY B 1 2.63 17.02 23.58
C GLY B 1 3.15 18.44 23.57
N SER B 2 4.01 18.79 22.61
CA SER B 2 4.59 20.14 22.51
C SER B 2 4.43 20.75 21.10
N SER B 3 3.95 20.00 20.11
CA SER B 3 3.74 20.54 18.77
C SER B 3 2.48 21.41 18.80
N GLY B 4 2.33 22.30 17.82
CA GLY B 4 1.15 23.14 17.71
C GLY B 4 0.14 22.25 17.00
N SER B 5 0.24 22.21 15.68
CA SER B 5 -0.59 21.39 14.81
C SER B 5 0.22 21.20 13.54
N SER B 6 0.42 19.94 13.13
CA SER B 6 1.18 19.57 11.95
C SER B 6 0.92 18.10 11.62
N GLY B 7 1.53 17.61 10.54
CA GLY B 7 1.43 16.21 10.11
C GLY B 7 2.45 15.38 10.90
N PRO B 8 2.42 14.04 10.79
CA PRO B 8 3.34 13.17 11.53
C PRO B 8 4.81 13.29 11.12
N LEU B 9 5.11 13.17 9.82
CA LEU B 9 6.44 13.22 9.22
C LEU B 9 6.34 13.60 7.75
N GLU B 10 7.48 13.71 7.06
CA GLU B 10 7.62 14.08 5.64
C GLU B 10 7.49 12.84 4.75
N ARG B 11 7.65 13.03 3.45
CA ARG B 11 7.54 11.98 2.44
C ARG B 11 8.91 11.60 1.88
N GLU B 12 9.62 12.62 1.39
CA GLU B 12 10.94 12.60 0.76
C GLU B 12 12.09 11.94 1.56
N GLY B 13 11.86 11.48 2.80
CA GLY B 13 12.86 10.85 3.64
C GLY B 13 12.87 9.33 3.59
N LEU B 14 11.97 8.69 2.84
CA LEU B 14 11.90 7.23 2.73
C LEU B 14 12.95 6.66 1.77
N PRO B 15 13.30 5.37 1.91
CA PRO B 15 14.30 4.74 1.04
C PRO B 15 13.76 4.53 -0.38
N PRO B 16 14.64 4.25 -1.35
CA PRO B 16 14.26 4.03 -2.73
C PRO B 16 13.33 2.83 -2.85
N GLY B 17 12.13 3.05 -3.38
CA GLY B 17 11.11 2.03 -3.60
C GLY B 17 10.01 1.99 -2.56
N TRP B 18 10.13 2.71 -1.43
CA TRP B 18 9.09 2.72 -0.42
C TRP B 18 8.17 3.93 -0.69
N GLU B 19 6.97 3.92 -0.13
CA GLU B 19 6.01 5.03 -0.29
C GLU B 19 5.17 5.13 0.99
N ARG B 20 4.38 6.20 1.16
CA ARG B 20 3.52 6.44 2.30
C ARG B 20 2.12 6.75 1.82
N VAL B 21 1.15 5.97 2.26
CA VAL B 21 -0.25 6.16 1.90
C VAL B 21 -0.91 6.94 3.03
N GLU B 22 -1.52 8.09 2.73
CA GLU B 22 -2.21 8.91 3.73
C GLU B 22 -3.71 8.89 3.42
N SER B 23 -4.54 8.76 4.45
CA SER B 23 -5.99 8.70 4.36
C SER B 23 -6.59 9.28 5.66
N SER B 24 -7.80 8.84 5.99
CA SER B 24 -8.56 9.22 7.17
C SER B 24 -8.98 7.92 7.87
N GLU B 25 -9.66 7.03 7.14
CA GLU B 25 -10.16 5.74 7.63
C GLU B 25 -9.04 4.81 8.12
N PHE B 26 -7.82 4.97 7.59
CA PHE B 26 -6.67 4.16 7.98
C PHE B 26 -5.66 5.07 8.67
N GLY B 27 -5.44 6.28 8.14
CA GLY B 27 -4.53 7.26 8.72
C GLY B 27 -3.28 7.44 7.89
N THR B 28 -2.21 6.76 8.25
CA THR B 28 -0.93 6.88 7.55
C THR B 28 -0.17 5.54 7.65
N TYR B 29 -0.07 4.80 6.55
CA TYR B 29 0.63 3.51 6.50
C TYR B 29 1.68 3.55 5.40
N TYR B 30 2.46 2.47 5.28
CA TYR B 30 3.52 2.36 4.31
C TYR B 30 3.42 1.04 3.56
N VAL B 31 3.99 0.98 2.36
CA VAL B 31 4.00 -0.21 1.50
C VAL B 31 5.37 -0.33 0.86
N ASP B 32 5.80 -1.59 0.74
CA ASP B 32 7.05 -2.05 0.16
C ASP B 32 6.66 -2.65 -1.17
N HIS B 33 7.12 -2.05 -2.27
CA HIS B 33 6.82 -2.50 -3.62
C HIS B 33 7.70 -3.70 -4.04
N THR B 34 8.81 -3.96 -3.35
CA THR B 34 9.73 -5.06 -3.63
C THR B 34 9.16 -6.35 -3.04
N ASN B 35 8.67 -6.29 -1.81
CA ASN B 35 8.11 -7.41 -1.08
C ASN B 35 6.59 -7.47 -1.22
N LYS B 36 5.97 -6.38 -1.68
CA LYS B 36 4.54 -6.19 -1.89
C LYS B 36 3.80 -6.41 -0.57
N ARG B 37 4.22 -5.69 0.49
CA ARG B 37 3.61 -5.81 1.82
C ARG B 37 3.37 -4.46 2.44
N ALA B 38 2.38 -4.36 3.34
CA ALA B 38 2.01 -3.13 4.03
C ALA B 38 2.39 -3.21 5.52
N GLN B 39 2.77 -2.09 6.11
CA GLN B 39 3.13 -2.00 7.53
C GLN B 39 2.73 -0.62 8.06
N TYR B 40 2.42 -0.57 9.35
CA TYR B 40 2.00 0.62 10.09
C TYR B 40 3.16 1.32 10.82
N ARG B 41 4.42 1.05 10.44
CA ARG B 41 5.63 1.64 11.04
C ARG B 41 6.64 1.94 9.95
N HIS B 42 7.59 2.84 10.19
CA HIS B 42 8.62 3.25 9.22
C HIS B 42 9.50 2.08 8.75
N PRO B 43 10.06 2.11 7.53
CA PRO B 43 10.89 1.03 7.00
C PRO B 43 12.36 1.04 7.43
N SER B 44 12.63 0.59 8.66
CA SER B 44 13.99 0.50 9.18
C SER B 44 14.66 -0.76 8.62
N GLY B 45 15.99 -0.83 8.68
CA GLY B 45 16.77 -1.98 8.22
C GLY B 45 18.11 -1.59 7.63
N PRO B 46 19.01 -2.58 7.48
CA PRO B 46 20.32 -2.36 6.89
C PRO B 46 20.10 -2.26 5.38
N SER B 47 20.93 -1.50 4.68
CA SER B 47 20.81 -1.32 3.24
C SER B 47 22.20 -1.31 2.61
N SER B 48 22.90 -2.44 2.72
CA SER B 48 24.26 -2.60 2.20
C SER B 48 24.32 -2.73 0.67
N GLY B 49 23.19 -2.96 -0.01
CA GLY B 49 23.14 -3.10 -1.45
C GLY B 49 22.29 -4.31 -1.78
N GLY A 1 -15.02 16.65 -15.54
CA GLY A 1 -16.02 17.37 -14.73
C GLY A 1 -16.30 16.58 -13.46
N SER A 2 -16.37 17.24 -12.30
CA SER A 2 -16.64 16.58 -11.03
C SER A 2 -17.72 17.37 -10.26
N SER A 3 -18.44 16.70 -9.36
CA SER A 3 -19.51 17.22 -8.53
C SER A 3 -19.28 16.75 -7.10
N GLY A 4 -19.70 17.55 -6.12
CA GLY A 4 -19.56 17.24 -4.69
C GLY A 4 -20.90 17.24 -3.97
N SER A 5 -21.93 17.88 -4.53
CA SER A 5 -23.25 17.94 -3.92
C SER A 5 -24.02 16.63 -4.16
N SER A 6 -25.21 16.51 -3.56
CA SER A 6 -26.13 15.36 -3.66
C SER A 6 -26.11 14.78 -5.06
N GLY A 7 -25.52 13.59 -5.19
CA GLY A 7 -25.38 12.86 -6.43
C GLY A 7 -26.51 11.85 -6.62
N PRO A 8 -26.57 11.24 -7.82
CA PRO A 8 -27.61 10.26 -8.15
C PRO A 8 -27.57 9.02 -7.26
N LEU A 9 -26.37 8.54 -6.91
CA LEU A 9 -26.11 7.37 -6.09
C LEU A 9 -24.69 7.42 -5.54
N GLU A 10 -24.24 6.33 -4.92
CA GLU A 10 -22.92 6.18 -4.31
C GLU A 10 -21.79 6.49 -5.27
N ARG A 11 -20.63 6.82 -4.71
CA ARG A 11 -19.41 7.19 -5.41
C ARG A 11 -18.29 6.35 -4.84
N GLU A 12 -18.35 5.04 -5.11
CA GLU A 12 -17.38 4.07 -4.64
C GLU A 12 -17.08 3.08 -5.76
N GLY A 13 -16.02 2.29 -5.62
CA GLY A 13 -15.64 1.30 -6.63
C GLY A 13 -14.92 0.09 -6.05
N LEU A 14 -14.51 0.11 -4.78
CA LEU A 14 -13.80 -0.97 -4.09
C LEU A 14 -14.56 -1.41 -2.84
N PRO A 15 -14.30 -2.62 -2.31
CA PRO A 15 -14.95 -3.09 -1.10
C PRO A 15 -14.45 -2.33 0.13
N PRO A 16 -15.16 -2.39 1.26
CA PRO A 16 -14.76 -1.71 2.47
C PRO A 16 -13.44 -2.32 2.96
N GLY A 17 -12.53 -1.50 3.45
CA GLY A 17 -11.23 -1.92 3.96
C GLY A 17 -10.16 -1.99 2.87
N TRP A 18 -10.49 -1.92 1.57
CA TRP A 18 -9.48 -1.95 0.53
C TRP A 18 -9.04 -0.53 0.20
N GLU A 19 -7.92 -0.38 -0.48
CA GLU A 19 -7.42 0.93 -0.87
C GLU A 19 -6.68 0.83 -2.20
N ARG A 20 -6.63 1.96 -2.90
CA ARG A 20 -5.97 2.17 -4.17
C ARG A 20 -5.04 3.34 -3.90
N VAL A 21 -3.85 3.27 -4.48
CA VAL A 21 -2.85 4.30 -4.34
C VAL A 21 -2.44 4.80 -5.73
N GLU A 22 -2.27 6.10 -5.89
CA GLU A 22 -1.86 6.77 -7.12
C GLU A 22 -0.57 7.51 -6.81
N SER A 23 0.50 7.21 -7.53
CA SER A 23 1.82 7.81 -7.33
C SER A 23 2.44 8.29 -8.64
N SER A 24 3.56 8.99 -8.51
CA SER A 24 4.33 9.52 -9.63
C SER A 24 5.47 8.56 -10.01
N GLU A 25 5.99 7.78 -9.05
CA GLU A 25 7.09 6.85 -9.31
C GLU A 25 6.63 5.42 -9.60
N PHE A 26 5.48 4.99 -9.08
CA PHE A 26 4.97 3.63 -9.27
C PHE A 26 3.76 3.57 -10.21
N GLY A 27 2.88 4.57 -10.21
CA GLY A 27 1.71 4.63 -11.09
C GLY A 27 0.41 4.48 -10.34
N THR A 28 -0.15 3.27 -10.33
CA THR A 28 -1.41 2.98 -9.66
C THR A 28 -1.39 1.54 -9.15
N TYR A 29 -1.56 1.32 -7.85
CA TYR A 29 -1.58 -0.02 -7.27
C TYR A 29 -2.66 -0.10 -6.20
N TYR A 30 -2.88 -1.27 -5.59
CA TYR A 30 -3.89 -1.44 -4.55
C TYR A 30 -3.30 -2.11 -3.33
N VAL A 31 -3.83 -1.83 -2.15
CA VAL A 31 -3.35 -2.39 -0.88
C VAL A 31 -4.49 -3.13 -0.17
N ASP A 32 -4.17 -4.35 0.28
CA ASP A 32 -5.06 -5.24 1.02
C ASP A 32 -4.68 -5.05 2.47
N HIS A 33 -5.58 -4.57 3.29
CA HIS A 33 -5.33 -4.33 4.69
C HIS A 33 -5.58 -5.55 5.56
N THR A 34 -6.36 -6.54 5.10
CA THR A 34 -6.65 -7.74 5.87
C THR A 34 -5.45 -8.69 5.83
N ASN A 35 -4.71 -8.68 4.72
CA ASN A 35 -3.55 -9.51 4.46
C ASN A 35 -2.26 -8.70 4.46
N LYS A 36 -2.34 -7.37 4.44
CA LYS A 36 -1.19 -6.45 4.42
C LYS A 36 -0.25 -6.79 3.26
N ARG A 37 -0.80 -6.78 2.05
CA ARG A 37 -0.08 -7.07 0.81
C ARG A 37 -0.36 -5.98 -0.22
N ALA A 38 0.40 -6.01 -1.32
CA ALA A 38 0.31 -5.08 -2.43
C ALA A 38 0.14 -5.87 -3.74
N GLN A 39 -0.66 -5.35 -4.68
CA GLN A 39 -0.92 -5.95 -5.98
C GLN A 39 -1.27 -4.85 -7.00
N TYR A 40 -1.15 -5.20 -8.29
CA TYR A 40 -1.42 -4.30 -9.43
C TYR A 40 -2.72 -4.67 -10.15
N ARG A 41 -3.68 -5.31 -9.48
CA ARG A 41 -4.97 -5.69 -10.09
C ARG A 41 -6.10 -5.46 -9.10
N HIS A 42 -7.35 -5.34 -9.57
CA HIS A 42 -8.52 -5.11 -8.72
C HIS A 42 -8.69 -6.25 -7.70
N PRO A 43 -9.32 -6.02 -6.53
CA PRO A 43 -9.49 -7.03 -5.50
C PRO A 43 -10.68 -7.97 -5.72
N SER A 44 -10.47 -9.01 -6.53
CA SER A 44 -11.46 -10.04 -6.87
C SER A 44 -12.15 -10.63 -5.63
N GLY A 45 -11.38 -11.16 -4.68
CA GLY A 45 -11.90 -11.77 -3.46
C GLY A 45 -12.04 -13.29 -3.61
N PRO A 46 -12.60 -13.97 -2.60
CA PRO A 46 -12.78 -15.41 -2.61
C PRO A 46 -13.97 -15.89 -3.48
N SER A 47 -14.89 -15.02 -3.86
CA SER A 47 -16.05 -15.34 -4.68
C SER A 47 -16.30 -14.25 -5.72
N SER A 48 -17.29 -14.47 -6.59
CA SER A 48 -17.75 -13.58 -7.65
C SER A 48 -19.26 -13.82 -7.79
N GLY A 49 -19.91 -13.18 -8.76
CA GLY A 49 -21.34 -13.32 -8.99
C GLY A 49 -21.93 -11.95 -9.16
N GLY B 1 3.85 25.43 6.98
CA GLY B 1 3.55 25.99 5.66
C GLY B 1 4.23 25.17 4.58
N SER B 2 4.31 25.73 3.37
CA SER B 2 4.92 25.10 2.20
C SER B 2 5.62 26.17 1.35
N SER B 3 6.24 25.78 0.24
CA SER B 3 6.94 26.66 -0.69
C SER B 3 7.02 25.94 -2.04
N GLY B 4 7.63 26.59 -3.05
CA GLY B 4 7.80 26.05 -4.40
C GLY B 4 9.16 26.37 -5.01
N SER B 5 9.93 27.30 -4.43
CA SER B 5 11.25 27.66 -4.93
C SER B 5 12.30 26.67 -4.44
N SER B 6 13.50 26.69 -5.02
CA SER B 6 14.62 25.81 -4.69
C SER B 6 14.86 25.73 -3.17
N GLY B 7 15.12 24.52 -2.66
CA GLY B 7 15.35 24.29 -1.25
C GLY B 7 16.82 24.44 -0.86
N PRO B 8 17.13 24.52 0.45
CA PRO B 8 18.50 24.66 0.93
C PRO B 8 19.28 23.37 0.66
N LEU B 9 18.61 22.23 0.84
CA LEU B 9 19.07 20.88 0.66
C LEU B 9 17.91 20.07 0.09
N GLU B 10 18.12 18.80 -0.17
CA GLU B 10 17.09 17.91 -0.70
C GLU B 10 15.90 17.80 0.26
N ARG B 11 14.81 17.20 -0.22
CA ARG B 11 13.55 17.03 0.52
C ARG B 11 13.04 15.59 0.45
N GLU B 12 13.86 14.64 0.00
CA GLU B 12 13.50 13.24 -0.12
C GLU B 12 13.68 12.53 1.22
N GLY B 13 12.76 11.61 1.55
CA GLY B 13 12.79 10.89 2.80
C GLY B 13 13.02 9.39 2.63
N LEU B 14 11.92 8.65 2.44
CA LEU B 14 11.89 7.20 2.27
C LEU B 14 12.86 6.65 1.23
N PRO B 15 13.30 5.38 1.37
CA PRO B 15 14.24 4.78 0.44
C PRO B 15 13.58 4.53 -0.94
N PRO B 16 14.40 4.36 -1.99
CA PRO B 16 13.93 4.13 -3.35
C PRO B 16 13.27 2.75 -3.44
N GLY B 17 11.94 2.72 -3.38
CA GLY B 17 11.11 1.54 -3.44
C GLY B 17 10.06 1.51 -2.33
N TRP B 18 10.03 2.50 -1.45
CA TRP B 18 9.06 2.60 -0.37
C TRP B 18 8.22 3.84 -0.55
N GLU B 19 7.00 3.80 -0.03
CA GLU B 19 6.04 4.87 -0.10
C GLU B 19 5.25 4.96 1.22
N ARG B 20 4.51 6.05 1.39
CA ARG B 20 3.65 6.36 2.53
C ARG B 20 2.32 6.78 1.92
N VAL B 21 1.24 6.14 2.34
CA VAL B 21 -0.10 6.41 1.88
C VAL B 21 -0.83 7.07 3.03
N GLU B 22 -1.74 8.00 2.72
CA GLU B 22 -2.53 8.72 3.68
C GLU B 22 -4.00 8.53 3.33
N SER B 23 -4.84 8.33 4.34
CA SER B 23 -6.28 8.10 4.22
C SER B 23 -7.01 8.53 5.51
N SER B 24 -8.33 8.40 5.51
CA SER B 24 -9.19 8.69 6.66
C SER B 24 -9.63 7.33 7.22
N GLU B 25 -9.81 6.35 6.34
CA GLU B 25 -10.22 4.99 6.65
C GLU B 25 -9.16 4.27 7.49
N PHE B 26 -7.88 4.56 7.23
CA PHE B 26 -6.74 3.94 7.92
C PHE B 26 -5.85 4.95 8.63
N GLY B 27 -5.65 6.14 8.07
CA GLY B 27 -4.81 7.19 8.66
C GLY B 27 -3.58 7.31 7.81
N THR B 28 -2.46 6.72 8.21
CA THR B 28 -1.22 6.79 7.45
C THR B 28 -0.44 5.49 7.66
N TYR B 29 -0.06 4.85 6.56
CA TYR B 29 0.69 3.59 6.57
C TYR B 29 1.73 3.55 5.44
N TYR B 30 2.58 2.52 5.40
CA TYR B 30 3.66 2.38 4.42
C TYR B 30 3.56 1.08 3.61
N VAL B 31 3.99 1.11 2.34
CA VAL B 31 4.00 -0.02 1.42
C VAL B 31 5.40 -0.20 0.86
N ASP B 32 5.79 -1.46 0.75
CA ASP B 32 7.07 -1.96 0.25
C ASP B 32 6.84 -2.58 -1.11
N HIS B 33 7.42 -2.02 -2.16
CA HIS B 33 7.26 -2.56 -3.49
C HIS B 33 8.12 -3.80 -3.75
N THR B 34 9.27 -3.90 -3.10
CA THR B 34 10.20 -5.01 -3.24
C THR B 34 9.61 -6.30 -2.67
N ASN B 35 8.89 -6.20 -1.55
CA ASN B 35 8.29 -7.36 -0.88
C ASN B 35 6.77 -7.41 -1.06
N LYS B 36 6.18 -6.37 -1.63
CA LYS B 36 4.74 -6.21 -1.84
C LYS B 36 3.97 -6.44 -0.54
N ARG B 37 4.36 -5.73 0.52
CA ARG B 37 3.75 -5.81 1.86
C ARG B 37 3.34 -4.42 2.33
N ALA B 38 2.53 -4.36 3.38
CA ALA B 38 2.05 -3.14 4.00
C ALA B 38 2.36 -3.21 5.50
N GLN B 39 2.77 -2.10 6.12
CA GLN B 39 3.08 -2.00 7.54
C GLN B 39 2.71 -0.61 8.04
N TYR B 40 2.75 -0.37 9.36
CA TYR B 40 2.43 0.95 9.93
C TYR B 40 3.65 1.64 10.55
N ARG B 41 4.83 1.00 10.55
CA ARG B 41 6.07 1.57 11.09
C ARG B 41 6.98 2.00 9.94
N HIS B 42 7.96 2.86 10.19
CA HIS B 42 8.88 3.35 9.16
C HIS B 42 9.85 2.24 8.76
N PRO B 43 10.24 2.13 7.48
CA PRO B 43 11.16 1.08 7.03
C PRO B 43 12.60 1.26 7.50
N SER B 44 13.27 0.13 7.72
CA SER B 44 14.66 0.02 8.16
C SER B 44 15.44 -0.62 7.02
N GLY B 45 15.54 -1.95 7.01
CA GLY B 45 16.25 -2.76 6.04
C GLY B 45 17.00 -3.88 6.75
N PRO B 46 17.76 -4.70 6.00
CA PRO B 46 18.52 -5.81 6.55
C PRO B 46 19.79 -5.35 7.27
N SER B 47 20.14 -4.08 7.19
CA SER B 47 21.32 -3.49 7.79
C SER B 47 21.06 -2.01 8.09
N SER B 48 21.95 -1.40 8.86
CA SER B 48 21.92 0.00 9.26
C SER B 48 23.22 0.33 9.99
N GLY B 49 23.57 1.60 10.09
CA GLY B 49 24.78 2.06 10.75
C GLY B 49 25.37 3.17 9.92
N GLY A 1 -10.79 -8.52 -33.52
CA GLY A 1 -10.42 -7.15 -33.87
C GLY A 1 -9.43 -6.66 -32.83
N SER A 2 -9.39 -5.36 -32.57
CA SER A 2 -8.48 -4.79 -31.58
C SER A 2 -8.87 -5.25 -30.17
N SER A 3 -8.01 -5.02 -29.18
CA SER A 3 -8.22 -5.34 -27.79
C SER A 3 -7.60 -4.20 -26.97
N GLY A 4 -8.23 -3.83 -25.85
CA GLY A 4 -7.78 -2.73 -25.00
C GLY A 4 -8.67 -1.53 -25.31
N SER A 5 -9.14 -0.83 -24.27
CA SER A 5 -10.00 0.33 -24.40
C SER A 5 -10.08 1.10 -23.08
N SER A 6 -10.67 2.30 -23.11
CA SER A 6 -10.88 3.16 -21.97
C SER A 6 -12.11 4.04 -22.28
N GLY A 7 -12.58 4.80 -21.31
CA GLY A 7 -13.72 5.71 -21.39
C GLY A 7 -13.32 7.07 -20.83
N PRO A 8 -14.24 8.04 -20.75
CA PRO A 8 -13.93 9.36 -20.22
C PRO A 8 -13.53 9.25 -18.75
N LEU A 9 -14.32 8.51 -17.97
CA LEU A 9 -14.18 8.21 -16.56
C LEU A 9 -14.94 6.92 -16.27
N GLU A 10 -14.89 6.48 -15.03
CA GLU A 10 -15.55 5.27 -14.56
C GLU A 10 -16.43 5.62 -13.35
N ARG A 11 -17.27 4.70 -12.91
CA ARG A 11 -18.19 4.86 -11.78
C ARG A 11 -18.07 3.66 -10.83
N GLU A 12 -16.85 3.26 -10.53
CA GLU A 12 -16.56 2.13 -9.64
C GLU A 12 -16.05 2.63 -8.28
N GLY A 13 -15.91 1.71 -7.33
CA GLY A 13 -15.46 1.89 -5.96
C GLY A 13 -14.67 0.65 -5.53
N LEU A 14 -14.42 0.45 -4.24
CA LEU A 14 -13.68 -0.69 -3.69
C LEU A 14 -14.33 -1.23 -2.43
N PRO A 15 -14.07 -2.51 -2.08
CA PRO A 15 -14.64 -3.08 -0.87
C PRO A 15 -13.93 -2.54 0.38
N PRO A 16 -14.53 -2.70 1.57
CA PRO A 16 -13.93 -2.25 2.80
C PRO A 16 -12.64 -3.03 3.05
N GLY A 17 -11.59 -2.28 3.40
CA GLY A 17 -10.25 -2.79 3.67
C GLY A 17 -9.33 -2.61 2.47
N TRP A 18 -9.87 -2.34 1.28
CA TRP A 18 -9.10 -2.14 0.07
C TRP A 18 -9.10 -0.67 -0.28
N GLU A 19 -7.97 -0.18 -0.78
CA GLU A 19 -7.74 1.20 -1.17
C GLU A 19 -7.01 1.20 -2.52
N ARG A 20 -7.03 2.29 -3.27
CA ARG A 20 -6.35 2.43 -4.55
C ARG A 20 -5.40 3.59 -4.37
N VAL A 21 -4.11 3.33 -4.55
CA VAL A 21 -3.06 4.32 -4.40
C VAL A 21 -2.52 4.66 -5.81
N GLU A 22 -2.05 5.90 -6.00
CA GLU A 22 -1.52 6.38 -7.26
C GLU A 22 -0.19 7.11 -7.02
N SER A 23 0.71 7.03 -8.00
CA SER A 23 2.04 7.63 -8.00
C SER A 23 2.64 7.79 -9.40
N SER A 24 3.54 8.74 -9.57
CA SER A 24 4.24 8.95 -10.83
C SER A 24 5.39 7.92 -10.92
N GLU A 25 5.95 7.51 -9.78
CA GLU A 25 7.04 6.55 -9.65
C GLU A 25 6.56 5.09 -9.75
N PHE A 26 5.31 4.82 -9.39
CA PHE A 26 4.74 3.46 -9.41
C PHE A 26 3.57 3.24 -10.36
N GLY A 27 2.67 4.21 -10.51
CA GLY A 27 1.52 4.14 -11.40
C GLY A 27 0.29 4.13 -10.53
N THR A 28 -0.38 2.99 -10.49
CA THR A 28 -1.58 2.79 -9.71
C THR A 28 -1.49 1.39 -9.11
N TYR A 29 -1.64 1.27 -7.80
CA TYR A 29 -1.60 -0.02 -7.14
C TYR A 29 -2.68 -0.10 -6.08
N TYR A 30 -2.89 -1.29 -5.54
CA TYR A 30 -3.90 -1.58 -4.53
C TYR A 30 -3.26 -2.33 -3.38
N VAL A 31 -3.79 -2.11 -2.19
CA VAL A 31 -3.31 -2.72 -0.95
C VAL A 31 -4.52 -3.21 -0.15
N ASP A 32 -4.34 -4.40 0.46
CA ASP A 32 -5.31 -5.10 1.30
C ASP A 32 -4.89 -4.93 2.73
N HIS A 33 -5.71 -4.26 3.54
CA HIS A 33 -5.40 -4.07 4.95
C HIS A 33 -5.57 -5.36 5.74
N THR A 34 -6.27 -6.35 5.20
CA THR A 34 -6.52 -7.61 5.84
C THR A 34 -5.27 -8.46 5.93
N ASN A 35 -4.60 -8.65 4.80
CA ASN A 35 -3.40 -9.48 4.70
C ASN A 35 -2.14 -8.67 4.46
N LYS A 36 -2.25 -7.34 4.47
CA LYS A 36 -1.15 -6.41 4.25
C LYS A 36 -0.39 -6.75 2.97
N ARG A 37 -1.11 -7.08 1.90
CA ARG A 37 -0.50 -7.41 0.61
C ARG A 37 -0.73 -6.24 -0.33
N ALA A 38 0.11 -6.10 -1.36
CA ALA A 38 0.04 -5.05 -2.36
C ALA A 38 0.03 -5.71 -3.74
N GLN A 39 -0.64 -5.13 -4.73
CA GLN A 39 -0.71 -5.68 -6.09
C GLN A 39 -1.11 -4.59 -7.08
N TYR A 40 -0.98 -4.87 -8.39
CA TYR A 40 -1.30 -3.96 -9.48
C TYR A 40 -2.61 -4.33 -10.18
N ARG A 41 -3.45 -5.19 -9.59
CA ARG A 41 -4.73 -5.61 -10.18
C ARG A 41 -5.88 -5.16 -9.30
N HIS A 42 -7.06 -4.96 -9.87
CA HIS A 42 -8.24 -4.54 -9.12
C HIS A 42 -8.69 -5.72 -8.25
N PRO A 43 -9.06 -5.53 -6.97
CA PRO A 43 -9.49 -6.64 -6.13
C PRO A 43 -10.83 -7.16 -6.66
N SER A 44 -10.82 -8.42 -7.07
CA SER A 44 -11.94 -9.12 -7.66
C SER A 44 -12.37 -10.30 -6.78
N GLY A 45 -12.66 -10.08 -5.50
CA GLY A 45 -13.10 -11.16 -4.63
C GLY A 45 -13.20 -10.80 -3.15
N PRO A 46 -13.90 -11.63 -2.36
CA PRO A 46 -14.09 -11.42 -0.92
C PRO A 46 -12.77 -11.57 -0.16
N SER A 47 -12.73 -11.03 1.06
CA SER A 47 -11.55 -11.07 1.92
C SER A 47 -11.58 -12.38 2.72
N SER A 48 -10.62 -13.26 2.48
CA SER A 48 -10.49 -14.54 3.18
C SER A 48 -9.03 -15.00 3.16
N GLY A 49 -8.38 -14.91 2.00
CA GLY A 49 -6.98 -15.29 1.82
C GLY A 49 -6.73 -15.27 0.34
N GLY B 1 5.77 11.42 34.27
CA GLY B 1 6.91 11.62 33.35
C GLY B 1 6.56 10.95 32.04
N SER B 2 5.95 11.70 31.12
CA SER B 2 5.53 11.21 29.82
C SER B 2 6.68 10.91 28.87
N SER B 3 6.32 10.24 27.78
CA SER B 3 7.15 9.82 26.68
C SER B 3 6.47 10.30 25.39
N GLY B 4 7.14 10.13 24.25
CA GLY B 4 6.63 10.54 22.95
C GLY B 4 6.70 12.06 22.78
N SER B 5 6.55 12.50 21.55
CA SER B 5 6.57 13.90 21.13
C SER B 5 6.20 13.97 19.64
N SER B 6 5.97 15.16 19.12
CA SER B 6 5.62 15.40 17.74
C SER B 6 6.21 16.76 17.38
N GLY B 7 6.85 16.86 16.21
CA GLY B 7 7.45 18.08 15.72
C GLY B 7 6.42 18.89 14.95
N PRO B 8 6.71 20.14 14.59
CA PRO B 8 5.79 20.99 13.83
C PRO B 8 5.71 20.56 12.37
N LEU B 9 6.82 20.03 11.86
CA LEU B 9 7.09 19.55 10.51
C LEU B 9 8.44 18.85 10.56
N GLU B 10 8.86 18.21 9.46
CA GLU B 10 10.13 17.50 9.35
C GLU B 10 10.66 17.57 7.92
N ARG B 11 11.84 16.98 7.73
CA ARG B 11 12.60 16.86 6.49
C ARG B 11 12.94 15.39 6.20
N GLU B 12 12.27 14.45 6.84
CA GLU B 12 12.53 13.02 6.64
C GLU B 12 11.93 12.54 5.32
N GLY B 13 12.20 11.28 4.95
CA GLY B 13 11.72 10.66 3.73
C GLY B 13 11.73 9.15 3.87
N LEU B 14 11.64 8.46 2.73
CA LEU B 14 11.62 7.01 2.63
C LEU B 14 12.65 6.56 1.58
N PRO B 15 13.13 5.31 1.67
CA PRO B 15 14.10 4.79 0.72
C PRO B 15 13.49 4.72 -0.70
N PRO B 16 14.35 4.65 -1.73
CA PRO B 16 13.95 4.59 -3.13
C PRO B 16 13.31 3.24 -3.44
N GLY B 17 11.98 3.16 -3.29
CA GLY B 17 11.17 1.97 -3.52
C GLY B 17 10.10 1.81 -2.45
N TRP B 18 10.07 2.68 -1.44
CA TRP B 18 9.09 2.65 -0.37
C TRP B 18 8.17 3.85 -0.53
N GLU B 19 6.97 3.75 0.03
CA GLU B 19 5.98 4.80 -0.06
C GLU B 19 5.10 4.81 1.18
N ARG B 20 4.46 5.95 1.44
CA ARG B 20 3.54 6.18 2.55
C ARG B 20 2.16 6.36 1.95
N VAL B 21 1.14 5.88 2.65
CA VAL B 21 -0.25 5.98 2.25
C VAL B 21 -0.99 6.67 3.38
N GLU B 22 -1.59 7.82 3.11
CA GLU B 22 -2.36 8.61 4.06
C GLU B 22 -3.82 8.54 3.64
N SER B 23 -4.70 8.22 4.59
CA SER B 23 -6.13 8.06 4.38
C SER B 23 -6.91 8.33 5.66
N SER B 24 -8.15 8.84 5.59
CA SER B 24 -8.95 9.08 6.79
C SER B 24 -9.51 7.77 7.34
N GLU B 25 -9.65 6.74 6.50
CA GLU B 25 -10.20 5.45 6.91
C GLU B 25 -9.19 4.56 7.62
N PHE B 26 -7.89 4.80 7.39
CA PHE B 26 -6.82 3.98 7.97
C PHE B 26 -5.87 4.80 8.83
N GLY B 27 -5.44 5.98 8.38
CA GLY B 27 -4.54 6.87 9.10
C GLY B 27 -3.35 7.13 8.23
N THR B 28 -2.20 6.64 8.66
CA THR B 28 -0.94 6.81 7.95
C THR B 28 -0.16 5.51 8.07
N TYR B 29 0.02 4.78 6.97
CA TYR B 29 0.76 3.53 6.93
C TYR B 29 1.75 3.58 5.77
N TYR B 30 2.53 2.52 5.54
CA TYR B 30 3.53 2.46 4.48
C TYR B 30 3.42 1.15 3.69
N VAL B 31 3.89 1.17 2.44
CA VAL B 31 3.87 0.03 1.53
C VAL B 31 5.26 -0.13 0.90
N ASP B 32 5.67 -1.38 0.80
CA ASP B 32 6.95 -1.82 0.24
C ASP B 32 6.71 -2.46 -1.11
N HIS B 33 7.29 -1.90 -2.16
CA HIS B 33 7.13 -2.43 -3.51
C HIS B 33 7.99 -3.66 -3.77
N THR B 34 9.07 -3.88 -3.01
CA THR B 34 9.95 -5.01 -3.23
C THR B 34 9.25 -6.31 -2.85
N ASN B 35 8.64 -6.38 -1.67
CA ASN B 35 7.97 -7.58 -1.20
C ASN B 35 6.45 -7.46 -1.25
N LYS B 36 5.93 -6.32 -1.71
CA LYS B 36 4.50 -6.03 -1.80
C LYS B 36 3.84 -6.25 -0.44
N ARG B 37 4.38 -5.62 0.60
CA ARG B 37 3.86 -5.74 1.97
C ARG B 37 3.42 -4.37 2.48
N ALA B 38 2.61 -4.34 3.53
CA ALA B 38 2.10 -3.13 4.16
C ALA B 38 2.37 -3.19 5.66
N GLN B 39 2.70 -2.07 6.29
CA GLN B 39 2.97 -1.97 7.72
C GLN B 39 2.69 -0.53 8.17
N TYR B 40 2.57 -0.29 9.48
CA TYR B 40 2.29 1.05 9.99
C TYR B 40 3.53 1.74 10.59
N ARG B 41 4.68 1.06 10.72
CA ARG B 41 5.89 1.67 11.27
C ARG B 41 6.84 1.94 10.10
N HIS B 42 7.57 3.05 10.13
CA HIS B 42 8.51 3.46 9.08
C HIS B 42 9.56 2.35 8.83
N PRO B 43 10.05 2.15 7.59
CA PRO B 43 11.04 1.11 7.29
C PRO B 43 12.39 1.39 7.94
N SER B 44 13.19 0.34 8.10
CA SER B 44 14.53 0.40 8.68
C SER B 44 15.30 -0.85 8.26
N GLY B 45 16.46 -0.61 7.67
CA GLY B 45 17.36 -1.64 7.19
C GLY B 45 17.35 -1.73 5.65
N PRO B 46 18.12 -2.68 5.10
CA PRO B 46 18.23 -2.92 3.67
C PRO B 46 17.06 -3.81 3.21
N SER B 47 17.14 -4.30 1.97
CA SER B 47 16.13 -5.16 1.36
C SER B 47 16.71 -6.57 1.21
N SER B 48 16.15 -7.51 1.97
CA SER B 48 16.53 -8.92 1.97
C SER B 48 15.26 -9.74 2.23
N GLY B 49 14.84 -9.87 3.48
CA GLY B 49 13.66 -10.62 3.85
C GLY B 49 12.49 -9.68 3.98
N GLY A 1 -20.18 -28.43 -12.90
CA GLY A 1 -21.59 -28.06 -13.03
C GLY A 1 -21.66 -26.55 -13.02
N SER A 2 -22.29 -25.94 -12.03
CA SER A 2 -22.36 -24.48 -11.97
C SER A 2 -20.98 -23.93 -11.63
N SER A 3 -20.67 -22.75 -12.18
CA SER A 3 -19.41 -22.02 -12.02
C SER A 3 -19.70 -20.52 -12.11
N GLY A 4 -18.69 -19.72 -11.79
CA GLY A 4 -18.76 -18.27 -11.84
C GLY A 4 -17.60 -17.72 -12.65
N SER A 5 -17.67 -16.44 -12.98
CA SER A 5 -16.63 -15.78 -13.75
C SER A 5 -16.74 -14.25 -13.60
N SER A 6 -15.83 -13.53 -14.23
CA SER A 6 -15.74 -12.09 -14.26
C SER A 6 -14.79 -11.73 -15.40
N GLY A 7 -14.29 -10.49 -15.42
CA GLY A 7 -13.37 -9.98 -16.41
C GLY A 7 -11.95 -10.27 -15.94
N PRO A 8 -10.93 -9.94 -16.74
CA PRO A 8 -9.54 -10.20 -16.39
C PRO A 8 -9.04 -9.23 -15.32
N LEU A 9 -9.44 -7.96 -15.40
CA LEU A 9 -9.10 -6.85 -14.51
C LEU A 9 -10.29 -5.90 -14.47
N GLU A 10 -10.55 -5.27 -13.33
CA GLU A 10 -11.64 -4.30 -13.12
C GLU A 10 -11.02 -2.98 -12.64
N ARG A 11 -11.81 -1.90 -12.62
CA ARG A 11 -11.38 -0.54 -12.23
C ARG A 11 -12.47 0.24 -11.47
N GLU A 12 -13.43 -0.46 -10.88
CA GLU A 12 -14.55 0.13 -10.16
C GLU A 12 -14.20 0.51 -8.70
N GLY A 13 -15.18 0.99 -7.95
CA GLY A 13 -15.03 1.41 -6.56
C GLY A 13 -14.67 0.17 -5.73
N LEU A 14 -13.54 0.23 -5.03
CA LEU A 14 -13.04 -0.87 -4.21
C LEU A 14 -13.95 -1.23 -3.04
N PRO A 15 -13.83 -2.47 -2.52
CA PRO A 15 -14.61 -2.93 -1.39
C PRO A 15 -14.14 -2.27 -0.09
N PRO A 16 -14.96 -2.32 0.97
CA PRO A 16 -14.62 -1.72 2.25
C PRO A 16 -13.47 -2.52 2.85
N GLY A 17 -12.36 -1.86 3.16
CA GLY A 17 -11.18 -2.47 3.74
C GLY A 17 -9.99 -2.44 2.78
N TRP A 18 -10.22 -2.23 1.49
CA TRP A 18 -9.18 -2.13 0.47
C TRP A 18 -8.96 -0.66 0.18
N GLU A 19 -7.84 -0.34 -0.47
CA GLU A 19 -7.53 1.05 -0.81
C GLU A 19 -6.85 1.15 -2.17
N ARG A 20 -7.04 2.29 -2.85
CA ARG A 20 -6.45 2.61 -4.13
C ARG A 20 -5.49 3.76 -3.87
N VAL A 21 -4.23 3.55 -4.19
CA VAL A 21 -3.17 4.55 -4.04
C VAL A 21 -2.82 5.06 -5.44
N GLU A 22 -2.46 6.34 -5.56
CA GLU A 22 -2.09 7.01 -6.80
C GLU A 22 -0.78 7.76 -6.52
N SER A 23 0.33 7.34 -7.13
CA SER A 23 1.66 7.90 -6.97
C SER A 23 2.31 8.20 -8.30
N SER A 24 3.50 8.83 -8.27
CA SER A 24 4.25 9.18 -9.47
C SER A 24 5.47 8.28 -9.65
N GLU A 25 5.97 7.65 -8.61
CA GLU A 25 7.16 6.79 -8.71
C GLU A 25 6.78 5.37 -9.12
N PHE A 26 5.48 5.03 -9.06
CA PHE A 26 4.97 3.71 -9.39
C PHE A 26 3.74 3.85 -10.27
N GLY A 27 2.66 4.46 -9.76
CA GLY A 27 1.44 4.65 -10.50
C GLY A 27 0.19 4.36 -9.67
N THR A 28 -0.53 3.27 -9.96
CA THR A 28 -1.75 2.89 -9.24
C THR A 28 -1.66 1.41 -8.83
N TYR A 29 -1.56 1.15 -7.53
CA TYR A 29 -1.50 -0.20 -6.93
C TYR A 29 -2.46 -0.24 -5.74
N TYR A 30 -3.09 -1.38 -5.50
CA TYR A 30 -4.06 -1.60 -4.45
C TYR A 30 -3.42 -2.29 -3.25
N VAL A 31 -3.89 -1.97 -2.03
CA VAL A 31 -3.40 -2.56 -0.79
C VAL A 31 -4.56 -3.25 -0.04
N ASP A 32 -4.26 -4.43 0.52
CA ASP A 32 -5.16 -5.29 1.29
C ASP A 32 -4.77 -5.19 2.74
N HIS A 33 -5.62 -4.56 3.55
CA HIS A 33 -5.37 -4.39 4.96
C HIS A 33 -5.58 -5.69 5.77
N THR A 34 -6.29 -6.69 5.26
CA THR A 34 -6.50 -7.95 5.99
C THR A 34 -5.22 -8.80 6.06
N ASN A 35 -4.35 -8.69 5.07
CA ASN A 35 -3.11 -9.46 4.96
C ASN A 35 -1.89 -8.59 4.79
N LYS A 36 -2.08 -7.29 4.61
CA LYS A 36 -1.05 -6.27 4.44
C LYS A 36 -0.21 -6.62 3.23
N ARG A 37 -0.87 -6.69 2.07
CA ARG A 37 -0.26 -7.03 0.78
C ARG A 37 -0.56 -5.91 -0.21
N ALA A 38 0.10 -5.91 -1.36
CA ALA A 38 -0.09 -4.93 -2.42
C ALA A 38 -0.23 -5.68 -3.75
N GLN A 39 -0.99 -5.16 -4.70
CA GLN A 39 -1.18 -5.78 -6.01
C GLN A 39 -1.57 -4.73 -7.06
N TYR A 40 -1.53 -5.13 -8.33
CA TYR A 40 -1.85 -4.26 -9.46
C TYR A 40 -3.19 -4.62 -10.14
N ARG A 41 -4.00 -5.49 -9.52
CA ARG A 41 -5.30 -5.92 -10.07
C ARG A 41 -6.40 -5.72 -9.05
N HIS A 42 -7.62 -5.54 -9.53
CA HIS A 42 -8.78 -5.32 -8.69
C HIS A 42 -8.97 -6.52 -7.76
N PRO A 43 -9.28 -6.30 -6.47
CA PRO A 43 -9.49 -7.37 -5.50
C PRO A 43 -10.85 -8.03 -5.72
N SER A 44 -10.88 -9.09 -6.52
CA SER A 44 -12.08 -9.83 -6.83
C SER A 44 -11.75 -11.31 -6.92
N GLY A 45 -12.62 -12.18 -6.41
CA GLY A 45 -12.44 -13.62 -6.41
C GLY A 45 -13.21 -14.28 -5.26
N PRO A 46 -13.24 -15.62 -5.23
CA PRO A 46 -13.93 -16.38 -4.20
C PRO A 46 -13.37 -15.97 -2.85
N SER A 47 -14.26 -15.55 -1.95
CA SER A 47 -13.93 -15.09 -0.61
C SER A 47 -14.75 -15.91 0.40
N SER A 48 -14.14 -16.93 0.98
CA SER A 48 -14.78 -17.80 1.95
C SER A 48 -14.99 -17.04 3.26
N GLY A 49 -13.89 -16.59 3.89
CA GLY A 49 -13.90 -15.86 5.14
C GLY A 49 -12.59 -16.12 5.84
N GLY B 1 30.44 -6.09 21.84
CA GLY B 1 31.31 -5.42 20.85
C GLY B 1 30.56 -4.24 20.25
N SER B 2 30.79 -3.94 18.97
CA SER B 2 30.09 -2.83 18.32
C SER B 2 28.59 -3.16 18.25
N SER B 3 27.75 -2.13 18.13
CA SER B 3 26.29 -2.27 18.04
C SER B 3 25.74 -1.15 17.16
N GLY B 4 24.51 -1.32 16.66
CA GLY B 4 23.81 -0.37 15.81
C GLY B 4 22.82 0.45 16.62
N SER B 5 22.04 1.30 15.96
CA SER B 5 21.07 2.14 16.63
C SER B 5 20.03 2.70 15.64
N SER B 6 18.75 2.62 15.98
CA SER B 6 17.57 3.08 15.26
C SER B 6 16.47 3.32 16.29
N GLY B 7 15.69 4.40 16.16
CA GLY B 7 14.60 4.70 17.08
C GLY B 7 13.43 3.73 16.89
N PRO B 8 12.40 3.81 17.75
CA PRO B 8 11.24 2.93 17.69
C PRO B 8 10.31 3.08 16.48
N LEU B 9 9.87 4.30 16.13
CA LEU B 9 8.95 4.61 15.02
C LEU B 9 9.28 5.99 14.41
N GLU B 10 10.29 6.06 13.55
CA GLU B 10 10.71 7.31 12.92
C GLU B 10 9.68 7.88 11.94
N ARG B 11 9.89 9.15 11.58
CA ARG B 11 9.03 9.91 10.67
C ARG B 11 9.93 10.78 9.82
N GLU B 12 10.73 10.16 8.97
CA GLU B 12 11.67 10.85 8.10
C GLU B 12 11.45 10.37 6.66
N GLY B 13 12.35 10.75 5.75
CA GLY B 13 12.30 10.36 4.35
C GLY B 13 12.36 8.84 4.23
N LEU B 14 12.08 8.29 3.04
CA LEU B 14 12.08 6.84 2.80
C LEU B 14 13.17 6.44 1.80
N PRO B 15 13.61 5.17 1.83
CA PRO B 15 14.60 4.67 0.89
C PRO B 15 14.03 4.64 -0.53
N PRO B 16 14.87 4.50 -1.56
CA PRO B 16 14.43 4.44 -2.94
C PRO B 16 13.53 3.21 -3.10
N GLY B 17 12.34 3.41 -3.65
CA GLY B 17 11.36 2.38 -3.91
C GLY B 17 10.26 2.27 -2.83
N TRP B 18 10.46 2.84 -1.63
CA TRP B 18 9.44 2.78 -0.59
C TRP B 18 8.44 3.91 -0.79
N GLU B 19 7.20 3.73 -0.32
CA GLU B 19 6.14 4.73 -0.44
C GLU B 19 5.36 4.81 0.87
N ARG B 20 4.79 5.98 1.14
CA ARG B 20 3.97 6.29 2.30
C ARG B 20 2.59 6.55 1.73
N VAL B 21 1.58 5.97 2.35
CA VAL B 21 0.20 6.09 1.93
C VAL B 21 -0.62 6.68 3.06
N GLU B 22 -1.46 7.66 2.77
CA GLU B 22 -2.34 8.29 3.73
C GLU B 22 -3.76 8.18 3.18
N SER B 23 -4.72 7.92 4.05
CA SER B 23 -6.13 7.74 3.69
C SER B 23 -7.03 7.95 4.90
N SER B 24 -8.12 8.71 4.79
CA SER B 24 -9.04 8.95 5.91
C SER B 24 -9.69 7.69 6.48
N GLU B 25 -9.63 6.56 5.78
CA GLU B 25 -10.23 5.31 6.25
C GLU B 25 -9.24 4.48 7.09
N PHE B 26 -7.93 4.71 6.96
CA PHE B 26 -6.88 3.95 7.67
C PHE B 26 -5.85 4.81 8.40
N GLY B 27 -5.76 6.09 8.08
CA GLY B 27 -4.86 7.06 8.66
C GLY B 27 -3.66 7.18 7.75
N THR B 28 -2.58 6.50 8.09
CA THR B 28 -1.34 6.50 7.32
C THR B 28 -0.59 5.19 7.54
N TYR B 29 0.03 4.68 6.49
CA TYR B 29 0.83 3.45 6.48
C TYR B 29 1.93 3.59 5.43
N TYR B 30 2.76 2.57 5.26
CA TYR B 30 3.87 2.53 4.34
C TYR B 30 3.77 1.20 3.57
N VAL B 31 4.27 1.16 2.34
CA VAL B 31 4.25 -0.04 1.51
C VAL B 31 5.66 -0.31 0.99
N ASP B 32 5.96 -1.60 0.84
CA ASP B 32 7.19 -2.20 0.37
C ASP B 32 6.89 -2.74 -1.01
N HIS B 33 7.31 -2.05 -2.08
CA HIS B 33 7.07 -2.47 -3.46
C HIS B 33 7.90 -3.68 -3.87
N THR B 34 9.02 -3.90 -3.20
CA THR B 34 9.96 -4.97 -3.41
C THR B 34 9.46 -6.33 -2.88
N ASN B 35 8.43 -6.31 -2.02
CA ASN B 35 7.84 -7.50 -1.41
C ASN B 35 6.32 -7.48 -1.48
N LYS B 36 5.77 -6.32 -1.83
CA LYS B 36 4.36 -6.02 -1.98
C LYS B 36 3.66 -6.30 -0.65
N ARG B 37 4.14 -5.66 0.42
CA ARG B 37 3.59 -5.79 1.78
C ARG B 37 3.41 -4.40 2.40
N ALA B 38 2.51 -4.26 3.37
CA ALA B 38 2.21 -3.01 4.05
C ALA B 38 2.61 -3.08 5.52
N GLN B 39 2.91 -1.92 6.11
CA GLN B 39 3.27 -1.80 7.52
C GLN B 39 2.91 -0.39 7.99
N TYR B 40 2.52 -0.25 9.25
CA TYR B 40 2.12 1.02 9.84
C TYR B 40 3.31 1.86 10.36
N ARG B 41 4.56 1.51 10.06
CA ARG B 41 5.75 2.24 10.54
C ARG B 41 6.84 2.34 9.48
N HIS B 42 7.82 3.21 9.76
CA HIS B 42 8.97 3.50 8.92
C HIS B 42 9.77 2.21 8.62
N PRO B 43 10.36 2.07 7.42
CA PRO B 43 11.14 0.90 7.01
C PRO B 43 12.52 0.81 7.69
N SER B 44 12.53 0.53 8.99
CA SER B 44 13.73 0.39 9.80
C SER B 44 14.32 -1.03 9.65
N GLY B 45 15.35 -1.34 10.45
CA GLY B 45 16.04 -2.63 10.47
C GLY B 45 17.06 -2.79 9.34
N PRO B 46 18.04 -3.70 9.50
CA PRO B 46 19.08 -3.97 8.52
C PRO B 46 18.59 -4.86 7.37
N SER B 47 19.38 -4.94 6.30
CA SER B 47 19.14 -5.73 5.11
C SER B 47 20.43 -6.42 4.64
N SER B 48 20.29 -7.38 3.74
CA SER B 48 21.35 -8.17 3.13
C SER B 48 21.12 -8.22 1.62
N GLY B 49 20.01 -8.82 1.22
CA GLY B 49 19.55 -9.02 -0.14
C GLY B 49 18.58 -10.17 -0.04
N GLY A 1 -23.57 -12.33 -9.79
CA GLY A 1 -23.67 -13.68 -10.35
C GLY A 1 -23.30 -13.65 -11.82
N SER A 2 -22.20 -14.29 -12.20
CA SER A 2 -21.74 -14.34 -13.58
C SER A 2 -22.42 -15.50 -14.33
N SER A 3 -22.26 -15.53 -15.65
CA SER A 3 -22.80 -16.52 -16.56
C SER A 3 -22.00 -17.84 -16.55
N GLY A 4 -21.40 -18.23 -15.42
CA GLY A 4 -20.63 -19.46 -15.30
C GLY A 4 -19.40 -19.31 -14.43
N SER A 5 -18.28 -18.89 -15.01
CA SER A 5 -17.00 -18.70 -14.31
C SER A 5 -16.74 -17.22 -14.06
N SER A 6 -15.55 -16.88 -13.58
CA SER A 6 -15.17 -15.49 -13.30
C SER A 6 -15.27 -14.67 -14.58
N GLY A 7 -15.92 -13.51 -14.49
CA GLY A 7 -16.09 -12.62 -15.63
C GLY A 7 -14.80 -11.84 -15.91
N PRO A 8 -14.83 -10.89 -16.86
CA PRO A 8 -13.66 -10.09 -17.23
C PRO A 8 -13.17 -9.20 -16.08
N LEU A 9 -14.05 -8.37 -15.51
CA LEU A 9 -13.81 -7.45 -14.41
C LEU A 9 -15.13 -6.76 -14.03
N GLU A 10 -15.17 -6.13 -12.85
CA GLU A 10 -16.33 -5.43 -12.31
C GLU A 10 -16.45 -4.00 -12.85
N ARG A 11 -17.54 -3.32 -12.47
CA ARG A 11 -17.86 -1.95 -12.89
C ARG A 11 -18.02 -0.96 -11.74
N GLU A 12 -18.02 -1.44 -10.50
CA GLU A 12 -18.19 -0.62 -9.31
C GLU A 12 -16.86 -0.26 -8.65
N GLY A 13 -16.92 0.50 -7.55
CA GLY A 13 -15.77 0.92 -6.76
C GLY A 13 -15.22 -0.25 -5.94
N LEU A 14 -14.10 -0.03 -5.26
CA LEU A 14 -13.45 -1.04 -4.42
C LEU A 14 -14.34 -1.51 -3.27
N PRO A 15 -14.12 -2.73 -2.77
CA PRO A 15 -14.85 -3.25 -1.64
C PRO A 15 -14.34 -2.52 -0.39
N PRO A 16 -15.10 -2.58 0.72
CA PRO A 16 -14.71 -1.92 1.95
C PRO A 16 -13.39 -2.50 2.46
N GLY A 17 -12.63 -1.68 3.16
CA GLY A 17 -11.34 -2.01 3.74
C GLY A 17 -10.19 -1.96 2.73
N TRP A 18 -10.44 -2.06 1.41
CA TRP A 18 -9.39 -2.00 0.40
C TRP A 18 -9.12 -0.54 0.06
N GLU A 19 -7.93 -0.26 -0.48
CA GLU A 19 -7.55 1.10 -0.87
C GLU A 19 -6.72 1.06 -2.16
N ARG A 20 -6.75 2.15 -2.93
CA ARG A 20 -6.05 2.32 -4.21
C ARG A 20 -5.07 3.49 -4.08
N VAL A 21 -3.78 3.23 -4.30
CA VAL A 21 -2.73 4.25 -4.22
C VAL A 21 -2.48 4.84 -5.61
N GLU A 22 -2.30 6.16 -5.71
CA GLU A 22 -2.04 6.88 -6.96
C GLU A 22 -0.79 7.76 -6.76
N SER A 23 0.33 7.33 -7.35
CA SER A 23 1.64 7.96 -7.32
C SER A 23 2.24 7.87 -8.72
N SER A 24 2.71 8.97 -9.31
CA SER A 24 3.31 8.91 -10.65
C SER A 24 4.59 8.06 -10.67
N GLU A 25 5.22 7.86 -9.51
CA GLU A 25 6.43 7.08 -9.32
C GLU A 25 6.22 5.58 -9.57
N PHE A 26 4.98 5.09 -9.49
CA PHE A 26 4.65 3.68 -9.70
C PHE A 26 3.44 3.47 -10.61
N GLY A 27 2.50 4.41 -10.64
CA GLY A 27 1.28 4.42 -11.42
C GLY A 27 0.12 4.30 -10.45
N THR A 28 -0.53 3.14 -10.44
CA THR A 28 -1.67 2.87 -9.58
C THR A 28 -1.66 1.41 -9.11
N TYR A 29 -1.70 1.18 -7.81
CA TYR A 29 -1.72 -0.16 -7.22
C TYR A 29 -2.77 -0.19 -6.10
N TYR A 30 -2.96 -1.36 -5.50
CA TYR A 30 -3.93 -1.59 -4.45
C TYR A 30 -3.26 -2.27 -3.25
N VAL A 31 -3.83 -2.06 -2.06
CA VAL A 31 -3.35 -2.63 -0.80
C VAL A 31 -4.51 -3.28 -0.07
N ASP A 32 -4.26 -4.49 0.44
CA ASP A 32 -5.18 -5.32 1.18
C ASP A 32 -4.86 -5.17 2.65
N HIS A 33 -5.67 -4.41 3.37
CA HIS A 33 -5.48 -4.21 4.80
C HIS A 33 -5.81 -5.49 5.59
N THR A 34 -6.58 -6.44 5.03
CA THR A 34 -6.94 -7.68 5.71
C THR A 34 -5.75 -8.65 5.70
N ASN A 35 -4.90 -8.62 4.68
CA ASN A 35 -3.76 -9.53 4.56
C ASN A 35 -2.41 -8.80 4.57
N LYS A 36 -2.42 -7.48 4.62
CA LYS A 36 -1.26 -6.57 4.61
C LYS A 36 -0.37 -6.88 3.40
N ARG A 37 -0.98 -7.02 2.24
CA ARG A 37 -0.31 -7.32 0.97
C ARG A 37 -0.60 -6.18 -0.01
N ALA A 38 0.13 -6.14 -1.12
CA ALA A 38 -0.01 -5.15 -2.18
C ALA A 38 -0.10 -5.87 -3.52
N GLN A 39 -0.83 -5.30 -4.48
CA GLN A 39 -1.00 -5.87 -5.81
C GLN A 39 -1.36 -4.79 -6.82
N TYR A 40 -1.00 -5.00 -8.08
CA TYR A 40 -1.27 -4.07 -9.17
C TYR A 40 -2.65 -4.24 -9.80
N ARG A 41 -3.47 -5.19 -9.32
CA ARG A 41 -4.79 -5.47 -9.88
C ARG A 41 -5.89 -5.25 -8.88
N HIS A 42 -7.11 -5.14 -9.41
CA HIS A 42 -8.30 -4.93 -8.59
C HIS A 42 -8.53 -6.17 -7.73
N PRO A 43 -9.02 -6.03 -6.48
CA PRO A 43 -9.28 -7.13 -5.57
C PRO A 43 -10.52 -7.96 -5.94
N SER A 44 -10.96 -8.82 -5.03
CA SER A 44 -12.11 -9.71 -5.17
C SER A 44 -12.87 -9.70 -3.83
N GLY A 45 -14.15 -10.09 -3.85
CA GLY A 45 -15.02 -10.16 -2.69
C GLY A 45 -15.78 -11.49 -2.68
N PRO A 46 -16.47 -11.81 -1.58
CA PRO A 46 -17.25 -13.03 -1.43
C PRO A 46 -18.58 -12.88 -2.19
N SER A 47 -19.61 -13.63 -1.79
CA SER A 47 -20.93 -13.58 -2.41
C SER A 47 -22.04 -13.59 -1.35
N SER A 48 -23.22 -13.13 -1.75
CA SER A 48 -24.44 -13.02 -0.97
C SER A 48 -25.61 -13.73 -1.67
N GLY A 49 -25.70 -13.63 -3.00
CA GLY A 49 -26.76 -14.25 -3.80
C GLY A 49 -26.65 -13.73 -5.21
N GLY B 1 25.46 4.14 11.73
CA GLY B 1 26.31 3.43 12.70
C GLY B 1 25.95 3.82 14.12
N SER B 2 24.83 3.31 14.65
CA SER B 2 24.39 3.61 16.00
C SER B 2 25.27 2.93 17.05
N SER B 3 25.43 3.57 18.20
CA SER B 3 26.23 3.10 19.31
C SER B 3 25.59 1.88 19.97
N GLY B 4 26.06 0.69 19.61
CA GLY B 4 25.60 -0.58 20.14
C GLY B 4 24.29 -1.00 19.49
N SER B 5 23.16 -0.58 20.04
CA SER B 5 21.83 -0.91 19.54
C SER B 5 21.61 -0.34 18.13
N SER B 6 20.53 -0.77 17.47
CA SER B 6 20.12 -0.36 16.13
C SER B 6 19.57 1.06 16.05
N GLY B 7 19.28 1.68 17.20
CA GLY B 7 18.74 3.02 17.32
C GLY B 7 17.22 2.97 17.57
N PRO B 8 16.64 4.10 18.03
CA PRO B 8 15.23 4.20 18.31
C PRO B 8 14.42 4.28 17.01
N LEU B 9 14.69 5.28 16.16
CA LEU B 9 14.02 5.53 14.90
C LEU B 9 14.83 6.55 14.10
N GLU B 10 14.88 6.43 12.77
CA GLU B 10 15.61 7.40 11.96
C GLU B 10 14.73 8.66 11.82
N ARG B 11 15.26 9.74 11.24
CA ARG B 11 14.57 11.03 11.06
C ARG B 11 14.61 11.56 9.62
N GLU B 12 15.40 10.96 8.74
CA GLU B 12 15.54 11.33 7.33
C GLU B 12 14.31 10.88 6.51
N GLY B 13 14.26 11.20 5.21
CA GLY B 13 13.18 10.81 4.32
C GLY B 13 13.17 9.28 4.08
N LEU B 14 12.19 8.78 3.32
CA LEU B 14 12.08 7.34 3.05
C LEU B 14 13.13 6.90 2.02
N PRO B 15 13.51 5.60 2.00
CA PRO B 15 14.45 5.08 1.02
C PRO B 15 13.75 5.01 -0.36
N PRO B 16 14.53 4.85 -1.45
CA PRO B 16 13.95 4.78 -2.79
C PRO B 16 13.05 3.56 -2.93
N GLY B 17 11.99 3.69 -3.71
CA GLY B 17 11.01 2.64 -3.97
C GLY B 17 9.98 2.47 -2.87
N TRP B 18 10.21 2.98 -1.64
CA TRP B 18 9.22 2.84 -0.57
C TRP B 18 8.18 3.94 -0.71
N GLU B 19 6.99 3.70 -0.15
CA GLU B 19 5.91 4.67 -0.18
C GLU B 19 5.16 4.69 1.14
N ARG B 20 4.56 5.85 1.43
CA ARG B 20 3.76 6.13 2.61
C ARG B 20 2.41 6.53 2.04
N VAL B 21 1.37 5.81 2.42
CA VAL B 21 0.02 6.02 1.99
C VAL B 21 -0.70 6.69 3.15
N GLU B 22 -1.08 7.95 2.99
CA GLU B 22 -1.78 8.73 3.98
C GLU B 22 -3.21 8.96 3.49
N SER B 23 -4.18 8.69 4.35
CA SER B 23 -5.62 8.77 4.15
C SER B 23 -6.27 9.03 5.52
N SER B 24 -7.58 8.78 5.65
CA SER B 24 -8.28 8.93 6.92
C SER B 24 -9.00 7.64 7.27
N GLU B 25 -9.34 6.79 6.29
CA GLU B 25 -10.00 5.53 6.60
C GLU B 25 -9.02 4.59 7.32
N PHE B 26 -7.72 4.79 7.05
CA PHE B 26 -6.61 4.03 7.60
C PHE B 26 -5.55 4.92 8.24
N GLY B 27 -5.59 6.24 7.97
CA GLY B 27 -4.66 7.19 8.55
C GLY B 27 -3.33 7.27 7.82
N THR B 28 -2.39 6.37 8.13
CA THR B 28 -1.08 6.37 7.50
C THR B 28 -0.44 4.98 7.59
N TYR B 29 0.03 4.45 6.46
CA TYR B 29 0.72 3.16 6.41
C TYR B 29 1.84 3.25 5.38
N TYR B 30 2.71 2.25 5.30
CA TYR B 30 3.84 2.19 4.41
C TYR B 30 3.75 0.89 3.62
N VAL B 31 4.25 0.90 2.39
CA VAL B 31 4.21 -0.25 1.50
C VAL B 31 5.59 -0.45 0.89
N ASP B 32 6.07 -1.69 0.93
CA ASP B 32 7.35 -2.12 0.41
C ASP B 32 7.18 -2.65 -1.01
N HIS B 33 7.62 -1.91 -2.02
CA HIS B 33 7.49 -2.37 -3.40
C HIS B 33 8.32 -3.62 -3.70
N THR B 34 9.31 -3.93 -2.86
CA THR B 34 10.20 -5.06 -3.00
C THR B 34 9.57 -6.39 -2.60
N ASN B 35 8.75 -6.37 -1.54
CA ASN B 35 8.12 -7.57 -0.99
C ASN B 35 6.58 -7.50 -0.99
N LYS B 36 6.01 -6.40 -1.51
CA LYS B 36 4.58 -6.14 -1.60
C LYS B 36 3.86 -6.35 -0.26
N ARG B 37 4.49 -5.94 0.84
CA ARG B 37 3.93 -6.05 2.19
C ARG B 37 3.49 -4.66 2.64
N ALA B 38 2.56 -4.59 3.59
CA ALA B 38 2.03 -3.36 4.14
C ALA B 38 2.30 -3.33 5.65
N GLN B 39 2.62 -2.16 6.21
CA GLN B 39 2.88 -2.02 7.64
C GLN B 39 2.61 -0.60 8.11
N TYR B 40 2.45 -0.42 9.41
CA TYR B 40 2.18 0.86 10.05
C TYR B 40 3.45 1.43 10.69
N ARG B 41 4.63 0.96 10.28
CA ARG B 41 5.94 1.36 10.79
C ARG B 41 6.83 1.80 9.62
N HIS B 42 7.77 2.69 9.89
CA HIS B 42 8.70 3.23 8.90
C HIS B 42 9.65 2.10 8.44
N PRO B 43 10.12 2.11 7.17
CA PRO B 43 11.02 1.10 6.65
C PRO B 43 12.44 1.13 7.21
N SER B 44 13.18 0.05 6.96
CA SER B 44 14.56 -0.15 7.37
C SER B 44 15.33 -0.79 6.20
N GLY B 45 16.67 -0.70 6.26
CA GLY B 45 17.61 -1.22 5.29
C GLY B 45 19.02 -1.18 5.90
N PRO B 46 20.06 -1.57 5.16
CA PRO B 46 21.44 -1.57 5.65
C PRO B 46 22.03 -0.15 5.67
N SER B 47 23.11 0.03 6.42
CA SER B 47 23.84 1.29 6.55
C SER B 47 24.74 1.49 5.31
N SER B 48 25.54 2.54 5.29
CA SER B 48 26.47 2.86 4.21
C SER B 48 27.89 2.56 4.65
N GLY B 49 28.29 3.06 5.83
CA GLY B 49 29.59 2.91 6.44
C GLY B 49 29.33 2.96 7.93
N GLY A 1 7.68 -19.94 -20.10
CA GLY A 1 7.45 -18.81 -19.19
C GLY A 1 6.14 -18.99 -18.47
N SER A 2 5.22 -18.05 -18.60
CA SER A 2 3.90 -18.06 -17.98
C SER A 2 2.84 -17.68 -19.01
N SER A 3 1.59 -18.02 -18.72
CA SER A 3 0.43 -17.76 -19.56
C SER A 3 -0.74 -17.39 -18.66
N GLY A 4 -1.70 -16.62 -19.16
CA GLY A 4 -2.89 -16.15 -18.44
C GLY A 4 -3.66 -15.18 -19.34
N SER A 5 -4.81 -14.68 -18.90
CA SER A 5 -5.64 -13.76 -19.66
C SER A 5 -6.37 -12.79 -18.71
N SER A 6 -5.79 -11.63 -18.43
CA SER A 6 -6.39 -10.61 -17.57
C SER A 6 -5.80 -9.23 -17.89
N GLY A 7 -6.62 -8.19 -17.76
CA GLY A 7 -6.26 -6.81 -18.04
C GLY A 7 -5.40 -6.19 -16.92
N PRO A 8 -4.83 -5.00 -17.15
CA PRO A 8 -3.99 -4.28 -16.21
C PRO A 8 -4.68 -3.97 -14.88
N LEU A 9 -5.58 -3.00 -14.87
CA LEU A 9 -6.32 -2.53 -13.70
C LEU A 9 -7.63 -1.90 -14.15
N GLU A 10 -8.39 -1.37 -13.20
CA GLU A 10 -9.67 -0.69 -13.38
C GLU A 10 -9.63 0.60 -12.54
N ARG A 11 -10.74 1.34 -12.50
CA ARG A 11 -10.87 2.60 -11.76
C ARG A 11 -12.21 2.71 -11.04
N GLU A 12 -12.91 1.58 -10.82
CA GLU A 12 -14.21 1.55 -10.14
C GLU A 12 -14.00 1.73 -8.63
N GLY A 13 -15.10 1.68 -7.85
CA GLY A 13 -15.09 1.79 -6.39
C GLY A 13 -14.36 0.61 -5.75
N LEU A 14 -14.24 0.59 -4.42
CA LEU A 14 -13.54 -0.48 -3.71
C LEU A 14 -14.29 -0.95 -2.47
N PRO A 15 -14.09 -2.21 -2.05
CA PRO A 15 -14.76 -2.75 -0.88
C PRO A 15 -14.19 -2.10 0.39
N PRO A 16 -14.86 -2.26 1.54
CA PRO A 16 -14.37 -1.71 2.80
C PRO A 16 -13.03 -2.38 3.08
N GLY A 17 -12.06 -1.62 3.59
CA GLY A 17 -10.75 -2.16 3.91
C GLY A 17 -9.77 -2.13 2.74
N TRP A 18 -10.17 -1.82 1.50
CA TRP A 18 -9.22 -1.76 0.38
C TRP A 18 -8.93 -0.32 0.03
N GLU A 19 -7.77 -0.07 -0.60
CA GLU A 19 -7.34 1.25 -1.03
C GLU A 19 -6.56 1.11 -2.34
N ARG A 20 -6.49 2.21 -3.10
CA ARG A 20 -5.83 2.36 -4.39
C ARG A 20 -4.90 3.56 -4.27
N VAL A 21 -3.62 3.34 -4.49
CA VAL A 21 -2.56 4.34 -4.41
C VAL A 21 -2.13 4.73 -5.82
N GLU A 22 -1.69 5.98 -6.01
CA GLU A 22 -1.23 6.53 -7.28
C GLU A 22 0.09 7.28 -7.08
N SER A 23 1.08 6.97 -7.92
CA SER A 23 2.42 7.54 -7.89
C SER A 23 3.00 7.62 -9.30
N SER A 24 4.13 8.29 -9.50
CA SER A 24 4.80 8.40 -10.78
C SER A 24 5.80 7.24 -10.87
N GLU A 25 6.52 6.98 -9.77
CA GLU A 25 7.51 5.91 -9.64
C GLU A 25 6.89 4.51 -9.76
N PHE A 26 5.59 4.39 -9.48
CA PHE A 26 4.84 3.13 -9.51
C PHE A 26 3.55 3.15 -10.33
N GLY A 27 3.08 4.32 -10.72
CA GLY A 27 1.87 4.45 -11.53
C GLY A 27 0.63 4.33 -10.65
N THR A 28 0.16 3.11 -10.41
CA THR A 28 -1.02 2.84 -9.60
C THR A 28 -0.97 1.43 -9.01
N TYR A 29 -1.32 1.23 -7.74
CA TYR A 29 -1.34 -0.11 -7.13
C TYR A 29 -2.43 -0.16 -6.05
N TYR A 30 -2.86 -1.35 -5.66
CA TYR A 30 -3.88 -1.55 -4.64
C TYR A 30 -3.27 -2.28 -3.45
N VAL A 31 -3.75 -2.00 -2.24
CA VAL A 31 -3.27 -2.63 -1.01
C VAL A 31 -4.46 -3.20 -0.26
N ASP A 32 -4.21 -4.36 0.36
CA ASP A 32 -5.16 -5.13 1.14
C ASP A 32 -4.81 -5.03 2.61
N HIS A 33 -5.53 -4.22 3.37
CA HIS A 33 -5.29 -4.08 4.79
C HIS A 33 -5.61 -5.39 5.56
N THR A 34 -6.38 -6.32 4.97
CA THR A 34 -6.75 -7.60 5.59
C THR A 34 -5.57 -8.57 5.64
N ASN A 35 -4.64 -8.49 4.68
CA ASN A 35 -3.49 -9.38 4.59
C ASN A 35 -2.16 -8.62 4.48
N LYS A 36 -2.20 -7.30 4.46
CA LYS A 36 -1.06 -6.39 4.37
C LYS A 36 -0.25 -6.71 3.10
N ARG A 37 -0.92 -6.90 1.95
CA ARG A 37 -0.28 -7.23 0.67
C ARG A 37 -0.62 -6.18 -0.38
N ALA A 38 0.25 -5.99 -1.37
CA ALA A 38 0.08 -5.04 -2.48
C ALA A 38 -0.07 -5.83 -3.79
N GLN A 39 -0.90 -5.33 -4.70
CA GLN A 39 -1.17 -5.91 -6.02
C GLN A 39 -1.29 -4.80 -7.06
N TYR A 40 -1.34 -5.18 -8.33
CA TYR A 40 -1.41 -4.25 -9.46
C TYR A 40 -2.75 -4.27 -10.21
N ARG A 41 -3.75 -5.00 -9.71
CA ARG A 41 -5.07 -5.07 -10.35
C ARG A 41 -6.16 -4.86 -9.31
N HIS A 42 -7.36 -4.51 -9.77
CA HIS A 42 -8.50 -4.27 -8.88
C HIS A 42 -8.77 -5.56 -8.09
N PRO A 43 -9.09 -5.48 -6.79
CA PRO A 43 -9.33 -6.66 -5.95
C PRO A 43 -10.66 -7.37 -6.22
N SER A 44 -10.78 -8.57 -5.65
CA SER A 44 -11.96 -9.40 -5.77
C SER A 44 -13.00 -8.88 -4.77
N GLY A 45 -12.80 -9.14 -3.48
CA GLY A 45 -13.69 -8.70 -2.41
C GLY A 45 -13.37 -9.44 -1.11
N PRO A 46 -14.05 -9.10 0.00
CA PRO A 46 -13.85 -9.71 1.31
C PRO A 46 -14.64 -11.02 1.40
N SER A 47 -14.64 -11.65 2.59
CA SER A 47 -15.41 -12.85 2.82
C SER A 47 -16.66 -12.32 3.54
N SER A 48 -16.70 -12.36 4.87
CA SER A 48 -17.85 -11.87 5.63
C SER A 48 -17.36 -11.26 6.97
N GLY A 49 -18.25 -10.61 7.74
CA GLY A 49 -17.95 -9.99 9.02
C GLY A 49 -18.87 -8.83 9.30
N GLY B 1 1.74 -11.29 27.10
CA GLY B 1 1.92 -9.93 26.59
C GLY B 1 3.19 -9.81 25.78
N SER B 2 3.11 -9.14 24.63
CA SER B 2 4.23 -8.90 23.72
C SER B 2 5.18 -7.86 24.38
N SER B 3 6.33 -7.59 23.77
CA SER B 3 7.31 -6.64 24.25
C SER B 3 8.06 -6.02 23.06
N GLY B 4 8.75 -4.92 23.33
CA GLY B 4 9.52 -4.13 22.38
C GLY B 4 9.42 -2.66 22.78
N SER B 5 9.90 -1.77 21.91
CA SER B 5 9.87 -0.33 22.10
C SER B 5 9.93 0.28 20.70
N SER B 6 8.80 0.76 20.19
CA SER B 6 8.72 1.36 18.88
C SER B 6 7.82 2.59 18.88
N GLY B 7 8.05 3.47 17.91
CA GLY B 7 7.25 4.67 17.78
C GLY B 7 5.92 4.26 17.14
N PRO B 8 4.90 5.15 17.17
CA PRO B 8 3.61 4.86 16.57
C PRO B 8 3.79 4.79 15.07
N LEU B 9 4.42 5.82 14.51
CA LEU B 9 4.78 6.08 13.14
C LEU B 9 5.74 7.26 13.18
N GLU B 10 6.23 7.67 12.02
CA GLU B 10 7.13 8.77 11.75
C GLU B 10 6.57 9.50 10.52
N ARG B 11 7.16 10.62 10.13
CA ARG B 11 6.69 11.41 8.98
C ARG B 11 7.81 11.91 8.06
N GLU B 12 9.04 11.46 8.28
CA GLU B 12 10.20 11.85 7.49
C GLU B 12 10.15 11.22 6.08
N GLY B 13 11.16 11.51 5.24
CA GLY B 13 11.26 11.00 3.88
C GLY B 13 11.39 9.48 3.85
N LEU B 14 11.41 8.87 2.65
CA LEU B 14 11.51 7.41 2.48
C LEU B 14 12.56 6.98 1.46
N PRO B 15 13.02 5.72 1.52
CA PRO B 15 13.99 5.22 0.55
C PRO B 15 13.30 5.01 -0.80
N PRO B 16 14.07 4.77 -1.88
CA PRO B 16 13.49 4.53 -3.18
C PRO B 16 12.70 3.23 -3.09
N GLY B 17 11.66 3.10 -3.89
CA GLY B 17 10.84 1.91 -3.88
C GLY B 17 9.83 1.90 -2.72
N TRP B 18 9.88 2.82 -1.75
CA TRP B 18 8.92 2.84 -0.66
C TRP B 18 7.95 4.00 -0.84
N GLU B 19 6.74 3.84 -0.29
CA GLU B 19 5.70 4.85 -0.38
C GLU B 19 4.97 4.99 0.97
N ARG B 20 4.34 6.15 1.17
CA ARG B 20 3.56 6.52 2.33
C ARG B 20 2.16 6.77 1.81
N VAL B 21 1.17 6.20 2.48
CA VAL B 21 -0.23 6.35 2.12
C VAL B 21 -0.98 6.83 3.36
N GLU B 22 -1.99 7.69 3.18
CA GLU B 22 -2.82 8.21 4.26
C GLU B 22 -4.29 8.10 3.84
N SER B 23 -5.16 7.87 4.82
CA SER B 23 -6.60 7.68 4.68
C SER B 23 -7.28 7.98 6.01
N SER B 24 -8.58 8.28 6.03
CA SER B 24 -9.25 8.54 7.30
C SER B 24 -9.56 7.24 8.06
N GLU B 25 -10.04 6.21 7.36
CA GLU B 25 -10.38 4.93 7.98
C GLU B 25 -9.18 4.16 8.51
N PHE B 26 -8.04 4.26 7.84
CA PHE B 26 -6.81 3.56 8.20
C PHE B 26 -5.82 4.43 8.98
N GLY B 27 -5.74 5.72 8.68
CA GLY B 27 -4.84 6.66 9.29
C GLY B 27 -3.65 6.82 8.35
N THR B 28 -2.56 6.12 8.63
CA THR B 28 -1.36 6.19 7.79
C THR B 28 -0.63 4.86 7.77
N TYR B 29 -0.26 4.38 6.57
CA TYR B 29 0.49 3.15 6.43
C TYR B 29 1.52 3.32 5.32
N TYR B 30 2.57 2.48 5.35
CA TYR B 30 3.65 2.50 4.39
C TYR B 30 3.62 1.20 3.62
N VAL B 31 3.96 1.24 2.34
CA VAL B 31 3.96 0.07 1.49
C VAL B 31 5.35 -0.18 0.93
N ASP B 32 5.71 -1.47 0.94
CA ASP B 32 6.94 -2.08 0.51
C ASP B 32 6.74 -2.74 -0.84
N HIS B 33 7.20 -2.11 -1.92
CA HIS B 33 7.10 -2.64 -3.28
C HIS B 33 8.16 -3.74 -3.48
N THR B 34 9.21 -3.73 -2.68
CA THR B 34 10.32 -4.68 -2.74
C THR B 34 9.91 -6.10 -2.36
N ASN B 35 8.78 -6.27 -1.68
CA ASN B 35 8.29 -7.56 -1.20
C ASN B 35 6.76 -7.64 -1.29
N LYS B 36 6.10 -6.50 -1.52
CA LYS B 36 4.65 -6.33 -1.61
C LYS B 36 4.00 -6.64 -0.26
N ARG B 37 4.42 -5.86 0.73
CA ARG B 37 3.95 -5.93 2.11
C ARG B 37 3.51 -4.54 2.54
N ALA B 38 2.76 -4.42 3.63
CA ALA B 38 2.30 -3.14 4.17
C ALA B 38 2.70 -3.10 5.64
N GLN B 39 3.03 -1.93 6.18
CA GLN B 39 3.41 -1.76 7.58
C GLN B 39 3.01 -0.35 8.04
N TYR B 40 2.45 -0.26 9.23
CA TYR B 40 1.99 0.98 9.86
C TYR B 40 3.15 1.77 10.51
N ARG B 41 4.39 1.53 10.09
CA ARG B 41 5.60 2.18 10.62
C ARG B 41 6.57 2.48 9.49
N HIS B 42 7.62 3.25 9.76
CA HIS B 42 8.64 3.64 8.80
C HIS B 42 9.50 2.44 8.39
N PRO B 43 10.03 2.38 7.16
CA PRO B 43 10.86 1.26 6.72
C PRO B 43 12.21 1.23 7.45
N SER B 44 12.83 0.05 7.48
CA SER B 44 14.13 -0.13 8.11
C SER B 44 15.22 0.42 7.19
N GLY B 45 15.19 0.04 5.91
CA GLY B 45 16.14 0.49 4.91
C GLY B 45 16.42 -0.56 3.83
N PRO B 46 16.97 -0.13 2.69
CA PRO B 46 17.30 -1.01 1.57
C PRO B 46 18.64 -1.74 1.83
N SER B 47 19.10 -2.48 0.83
CA SER B 47 20.34 -3.22 0.86
C SER B 47 21.25 -2.49 -0.14
N SER B 48 21.57 -3.07 -1.30
CA SER B 48 22.42 -2.44 -2.31
C SER B 48 21.91 -2.83 -3.71
N GLY B 49 22.23 -2.06 -4.74
CA GLY B 49 21.81 -2.33 -6.11
C GLY B 49 21.80 -1.05 -6.90
N GLY A 1 -10.11 -23.65 -9.16
CA GLY A 1 -11.23 -23.33 -10.04
C GLY A 1 -10.72 -23.06 -11.44
N SER A 2 -11.50 -23.47 -12.43
CA SER A 2 -11.23 -23.31 -13.86
C SER A 2 -11.13 -21.81 -14.18
N SER A 3 -10.54 -21.45 -15.32
CA SER A 3 -10.37 -20.06 -15.70
C SER A 3 -10.57 -19.83 -17.19
N GLY A 4 -10.85 -18.58 -17.57
CA GLY A 4 -11.09 -18.15 -18.95
C GLY A 4 -12.46 -17.50 -19.15
N SER A 5 -13.30 -17.47 -18.12
CA SER A 5 -14.64 -16.91 -18.12
C SER A 5 -14.63 -15.37 -18.03
N SER A 6 -15.80 -14.77 -17.80
CA SER A 6 -16.05 -13.34 -17.68
C SER A 6 -15.29 -12.74 -16.47
N GLY A 7 -15.34 -11.41 -16.32
CA GLY A 7 -14.67 -10.67 -15.26
C GLY A 7 -15.03 -11.08 -13.83
N PRO A 8 -14.22 -10.68 -12.83
CA PRO A 8 -14.50 -11.01 -11.44
C PRO A 8 -15.71 -10.23 -10.93
N LEU A 9 -15.72 -8.91 -11.18
CA LEU A 9 -16.71 -7.92 -10.82
C LEU A 9 -16.34 -6.63 -11.58
N GLU A 10 -16.95 -5.49 -11.23
CA GLU A 10 -16.72 -4.18 -11.82
C GLU A 10 -15.33 -3.62 -11.46
N ARG A 11 -15.00 -2.45 -11.98
CA ARG A 11 -13.74 -1.74 -11.76
C ARG A 11 -13.97 -0.29 -11.32
N GLU A 12 -15.20 0.22 -11.40
CA GLU A 12 -15.56 1.59 -11.00
C GLU A 12 -15.42 1.87 -9.49
N GLY A 13 -15.03 0.90 -8.66
CA GLY A 13 -14.89 1.10 -7.23
C GLY A 13 -14.08 -0.04 -6.62
N LEU A 14 -13.98 -0.04 -5.29
CA LEU A 14 -13.27 -1.01 -4.49
C LEU A 14 -14.15 -1.37 -3.28
N PRO A 15 -13.95 -2.55 -2.66
CA PRO A 15 -14.73 -2.91 -1.50
C PRO A 15 -14.32 -2.05 -0.30
N PRO A 16 -15.20 -1.86 0.69
CA PRO A 16 -14.89 -1.09 1.88
C PRO A 16 -13.90 -1.98 2.63
N GLY A 17 -12.67 -1.49 2.81
CA GLY A 17 -11.58 -2.19 3.46
C GLY A 17 -10.36 -2.24 2.54
N TRP A 18 -10.43 -1.68 1.32
CA TRP A 18 -9.33 -1.62 0.36
C TRP A 18 -9.02 -0.16 0.02
N GLU A 19 -7.74 0.14 -0.19
CA GLU A 19 -7.27 1.48 -0.53
C GLU A 19 -6.64 1.45 -1.93
N ARG A 20 -6.70 2.58 -2.63
CA ARG A 20 -6.13 2.75 -3.96
C ARG A 20 -4.98 3.72 -3.76
N VAL A 21 -3.85 3.44 -4.40
CA VAL A 21 -2.67 4.30 -4.32
C VAL A 21 -2.34 4.78 -5.73
N GLU A 22 -2.26 6.10 -5.94
CA GLU A 22 -1.95 6.76 -7.21
C GLU A 22 -0.63 7.54 -7.05
N SER A 23 0.42 7.08 -7.72
CA SER A 23 1.77 7.66 -7.69
C SER A 23 2.23 7.94 -9.12
N SER A 24 3.37 8.63 -9.27
CA SER A 24 3.93 8.93 -10.58
C SER A 24 5.18 8.11 -10.85
N GLU A 25 5.85 7.63 -9.79
CA GLU A 25 7.06 6.84 -9.95
C GLU A 25 6.74 5.37 -10.20
N PHE A 26 5.51 4.95 -9.88
CA PHE A 26 5.02 3.58 -10.05
C PHE A 26 3.78 3.61 -10.95
N GLY A 27 2.71 4.28 -10.53
CA GLY A 27 1.48 4.38 -11.30
C GLY A 27 0.25 4.18 -10.42
N THR A 28 -0.28 2.95 -10.34
CA THR A 28 -1.46 2.68 -9.53
C THR A 28 -1.49 1.24 -9.05
N TYR A 29 -1.75 1.03 -7.76
CA TYR A 29 -1.87 -0.30 -7.18
C TYR A 29 -2.89 -0.20 -6.04
N TYR A 30 -3.32 -1.34 -5.50
CA TYR A 30 -4.29 -1.37 -4.41
C TYR A 30 -3.65 -2.03 -3.21
N VAL A 31 -4.12 -1.66 -2.03
CA VAL A 31 -3.63 -2.19 -0.77
C VAL A 31 -4.77 -2.93 -0.03
N ASP A 32 -4.47 -4.15 0.44
CA ASP A 32 -5.39 -5.04 1.18
C ASP A 32 -5.12 -4.91 2.67
N HIS A 33 -5.98 -4.21 3.42
CA HIS A 33 -5.77 -4.04 4.86
C HIS A 33 -5.93 -5.35 5.65
N THR A 34 -6.57 -6.37 5.09
CA THR A 34 -6.80 -7.63 5.78
C THR A 34 -5.55 -8.52 5.81
N ASN A 35 -4.73 -8.53 4.76
CA ASN A 35 -3.52 -9.37 4.68
C ASN A 35 -2.24 -8.57 4.55
N LYS A 36 -2.35 -7.23 4.60
CA LYS A 36 -1.24 -6.31 4.47
C LYS A 36 -0.44 -6.59 3.18
N ARG A 37 -1.11 -6.75 2.02
CA ARG A 37 -0.47 -7.01 0.73
C ARG A 37 -0.81 -5.92 -0.29
N ALA A 38 0.17 -5.56 -1.13
CA ALA A 38 0.06 -4.56 -2.17
C ALA A 38 -0.13 -5.34 -3.46
N GLN A 39 -1.00 -4.93 -4.39
CA GLN A 39 -1.18 -5.67 -5.63
C GLN A 39 -1.57 -4.79 -6.81
N TYR A 40 -1.08 -5.20 -7.98
CA TYR A 40 -1.30 -4.56 -9.27
C TYR A 40 -2.60 -5.05 -9.95
N ARG A 41 -3.38 -5.92 -9.29
CA ARG A 41 -4.65 -6.46 -9.80
C ARG A 41 -5.76 -6.09 -8.81
N HIS A 42 -6.93 -5.80 -9.35
CA HIS A 42 -8.13 -5.39 -8.60
C HIS A 42 -8.58 -6.50 -7.65
N PRO A 43 -9.06 -6.18 -6.44
CA PRO A 43 -9.52 -7.18 -5.48
C PRO A 43 -10.87 -7.78 -5.89
N SER A 44 -11.38 -8.72 -5.12
CA SER A 44 -12.65 -9.38 -5.35
C SER A 44 -13.46 -9.43 -4.05
N GLY A 45 -14.74 -9.79 -4.15
CA GLY A 45 -15.62 -9.94 -3.02
C GLY A 45 -15.71 -11.43 -2.68
N PRO A 46 -16.02 -11.75 -1.41
CA PRO A 46 -16.14 -13.13 -0.95
C PRO A 46 -17.40 -13.87 -1.42
N SER A 47 -18.45 -13.18 -1.86
CA SER A 47 -19.71 -13.77 -2.32
C SER A 47 -20.10 -13.16 -3.66
N SER A 48 -21.09 -13.73 -4.34
CA SER A 48 -21.56 -13.24 -5.64
C SER A 48 -22.97 -13.68 -6.03
N GLY A 49 -23.55 -14.71 -5.40
CA GLY A 49 -24.88 -15.18 -5.74
C GLY A 49 -24.72 -16.00 -7.01
N GLY B 1 19.74 -10.74 16.76
CA GLY B 1 18.81 -9.62 16.98
C GLY B 1 18.98 -9.05 18.38
N SER B 2 18.81 -7.74 18.53
CA SER B 2 18.92 -7.03 19.80
C SER B 2 18.03 -5.79 19.79
N SER B 3 17.52 -5.43 20.97
CA SER B 3 16.64 -4.30 21.25
C SER B 3 17.23 -3.48 22.42
N GLY B 4 16.47 -2.54 22.98
CA GLY B 4 16.92 -1.70 24.08
C GLY B 4 18.03 -0.75 23.60
N SER B 5 18.02 -0.46 22.30
CA SER B 5 18.95 0.38 21.56
C SER B 5 18.29 1.66 21.05
N SER B 6 19.07 2.43 20.29
CA SER B 6 18.69 3.68 19.64
C SER B 6 17.67 3.42 18.52
N GLY B 7 17.26 4.47 17.81
CA GLY B 7 16.30 4.33 16.72
C GLY B 7 16.96 3.62 15.51
N PRO B 8 16.17 3.07 14.59
CA PRO B 8 16.66 2.37 13.40
C PRO B 8 17.37 3.31 12.41
N LEU B 9 16.74 4.44 12.08
CA LEU B 9 17.18 5.49 11.17
C LEU B 9 16.13 6.61 11.24
N GLU B 10 16.44 7.78 10.69
CA GLU B 10 15.52 8.93 10.68
C GLU B 10 14.25 8.60 9.89
N ARG B 11 13.24 9.46 10.03
CA ARG B 11 11.93 9.30 9.37
C ARG B 11 11.48 10.47 8.51
N GLU B 12 12.28 11.53 8.42
CA GLU B 12 11.98 12.71 7.62
C GLU B 12 11.84 12.41 6.11
N GLY B 13 12.29 11.25 5.65
CA GLY B 13 12.26 10.78 4.29
C GLY B 13 12.19 9.24 4.26
N LEU B 14 12.26 8.66 3.06
CA LEU B 14 12.19 7.22 2.81
C LEU B 14 13.17 6.82 1.70
N PRO B 15 13.58 5.54 1.63
CA PRO B 15 14.49 5.07 0.59
C PRO B 15 13.74 4.97 -0.76
N PRO B 16 14.45 4.79 -1.88
CA PRO B 16 13.83 4.69 -3.20
C PRO B 16 12.98 3.42 -3.24
N GLY B 17 11.75 3.52 -3.74
CA GLY B 17 10.80 2.43 -3.84
C GLY B 17 9.85 2.39 -2.64
N TRP B 18 10.19 3.02 -1.52
CA TRP B 18 9.33 3.05 -0.35
C TRP B 18 8.46 4.28 -0.40
N GLU B 19 7.17 4.07 -0.18
CA GLU B 19 6.16 5.11 -0.19
C GLU B 19 5.34 5.00 1.09
N ARG B 20 4.66 6.09 1.46
CA ARG B 20 3.81 6.20 2.63
C ARG B 20 2.42 6.55 2.13
N VAL B 21 1.47 5.69 2.45
CA VAL B 21 0.09 5.82 2.07
C VAL B 21 -0.66 6.34 3.29
N GLU B 22 -1.50 7.34 3.09
CA GLU B 22 -2.29 7.95 4.13
C GLU B 22 -3.75 7.88 3.70
N SER B 23 -4.64 7.79 4.68
CA SER B 23 -6.08 7.70 4.44
C SER B 23 -6.91 8.33 5.55
N SER B 24 -8.23 8.35 5.34
CA SER B 24 -9.21 8.83 6.30
C SER B 24 -9.97 7.62 6.86
N GLU B 25 -9.82 6.46 6.23
CA GLU B 25 -10.50 5.23 6.60
C GLU B 25 -9.68 4.33 7.54
N PHE B 26 -8.35 4.50 7.62
CA PHE B 26 -7.49 3.66 8.46
C PHE B 26 -6.47 4.45 9.26
N GLY B 27 -5.67 5.29 8.60
CA GLY B 27 -4.64 6.11 9.18
C GLY B 27 -3.56 6.22 8.14
N THR B 28 -2.31 6.06 8.53
CA THR B 28 -1.15 6.14 7.67
C THR B 28 -0.25 4.93 7.88
N TYR B 29 0.26 4.39 6.78
CA TYR B 29 1.18 3.25 6.77
C TYR B 29 2.17 3.37 5.61
N TYR B 30 3.08 2.41 5.48
CA TYR B 30 4.10 2.39 4.44
C TYR B 30 3.93 1.16 3.56
N VAL B 31 4.41 1.25 2.32
CA VAL B 31 4.36 0.16 1.36
C VAL B 31 5.77 -0.16 0.91
N ASP B 32 6.05 -1.46 0.85
CA ASP B 32 7.33 -1.98 0.42
C ASP B 32 7.14 -2.51 -0.98
N HIS B 33 7.64 -1.81 -1.99
CA HIS B 33 7.50 -2.28 -3.36
C HIS B 33 8.34 -3.53 -3.62
N THR B 34 9.36 -3.81 -2.81
CA THR B 34 10.23 -4.97 -2.96
C THR B 34 9.52 -6.26 -2.53
N ASN B 35 8.65 -6.23 -1.51
CA ASN B 35 7.94 -7.42 -1.02
C ASN B 35 6.44 -7.35 -1.21
N LYS B 36 5.92 -6.18 -1.58
CA LYS B 36 4.51 -5.90 -1.81
C LYS B 36 3.74 -6.13 -0.52
N ARG B 37 4.24 -5.54 0.58
CA ARG B 37 3.66 -5.63 1.92
C ARG B 37 3.34 -4.23 2.42
N ALA B 38 2.46 -4.13 3.42
CA ALA B 38 2.04 -2.88 4.07
C ALA B 38 2.48 -3.04 5.53
N GLN B 39 2.98 -1.97 6.13
CA GLN B 39 3.42 -1.97 7.52
C GLN B 39 3.21 -0.56 8.07
N TYR B 40 2.71 -0.45 9.30
CA TYR B 40 2.44 0.82 9.95
C TYR B 40 3.71 1.48 10.50
N ARG B 41 4.87 0.83 10.39
CA ARG B 41 6.15 1.34 10.87
C ARG B 41 7.03 1.73 9.70
N HIS B 42 7.98 2.61 9.97
CA HIS B 42 8.93 3.10 8.98
C HIS B 42 9.90 1.94 8.61
N PRO B 43 10.43 1.88 7.37
CA PRO B 43 11.36 0.83 6.91
C PRO B 43 12.79 0.91 7.47
N SER B 44 13.66 0.00 7.00
CA SER B 44 15.07 -0.13 7.35
C SER B 44 15.87 -0.33 6.05
N GLY B 45 17.14 0.06 6.03
CA GLY B 45 18.00 -0.07 4.86
C GLY B 45 18.67 -1.43 4.72
N PRO B 46 19.35 -1.69 3.59
CA PRO B 46 20.03 -2.96 3.34
C PRO B 46 21.34 -3.06 4.13
N SER B 47 22.02 -1.94 4.33
CA SER B 47 23.27 -1.76 5.05
C SER B 47 23.11 -0.44 5.81
N SER B 48 23.96 -0.19 6.80
CA SER B 48 23.91 1.02 7.61
C SER B 48 25.31 1.53 8.01
N GLY B 49 26.38 1.00 7.40
CA GLY B 49 27.76 1.36 7.70
C GLY B 49 28.28 0.57 8.86
N GLY A 1 -32.26 -0.80 -25.44
CA GLY A 1 -32.26 -1.57 -24.17
C GLY A 1 -30.96 -2.35 -24.08
N SER A 2 -30.56 -2.74 -22.87
CA SER A 2 -29.34 -3.49 -22.52
C SER A 2 -29.16 -4.89 -23.15
N SER A 3 -29.97 -5.28 -24.14
CA SER A 3 -29.88 -6.57 -24.80
C SER A 3 -28.76 -6.49 -25.85
N GLY A 4 -27.50 -6.46 -25.42
CA GLY A 4 -26.34 -6.39 -26.29
C GLY A 4 -25.07 -6.47 -25.44
N SER A 5 -23.91 -6.55 -26.09
CA SER A 5 -22.64 -6.62 -25.36
C SER A 5 -22.35 -5.24 -24.74
N SER A 6 -21.50 -5.24 -23.71
CA SER A 6 -21.07 -4.05 -23.00
C SER A 6 -19.69 -4.37 -22.44
N GLY A 7 -19.59 -5.35 -21.54
CA GLY A 7 -18.35 -5.79 -20.91
C GLY A 7 -18.64 -7.06 -20.10
N PRO A 8 -17.61 -7.77 -19.61
CA PRO A 8 -17.81 -8.98 -18.84
C PRO A 8 -18.38 -8.69 -17.45
N LEU A 9 -17.86 -7.69 -16.74
CA LEU A 9 -18.25 -7.25 -15.40
C LEU A 9 -18.03 -5.73 -15.29
N GLU A 10 -18.33 -5.14 -14.13
CA GLU A 10 -18.18 -3.70 -13.90
C GLU A 10 -16.83 -3.35 -13.27
N ARG A 11 -16.64 -2.09 -12.91
CA ARG A 11 -15.41 -1.54 -12.30
C ARG A 11 -15.79 -0.47 -11.29
N GLU A 12 -16.65 -0.83 -10.34
CA GLU A 12 -17.12 0.07 -9.29
C GLU A 12 -16.01 0.35 -8.27
N GLY A 13 -16.33 1.09 -7.20
CA GLY A 13 -15.39 1.42 -6.15
C GLY A 13 -14.89 0.15 -5.45
N LEU A 14 -13.74 0.27 -4.78
CA LEU A 14 -13.14 -0.84 -4.06
C LEU A 14 -13.98 -1.28 -2.86
N PRO A 15 -13.84 -2.54 -2.42
CA PRO A 15 -14.58 -3.02 -1.27
C PRO A 15 -14.07 -2.32 0.01
N PRO A 16 -14.89 -2.28 1.07
CA PRO A 16 -14.54 -1.66 2.33
C PRO A 16 -13.39 -2.48 2.93
N GLY A 17 -12.23 -1.85 3.08
CA GLY A 17 -11.01 -2.45 3.62
C GLY A 17 -9.86 -2.37 2.61
N TRP A 18 -10.12 -1.99 1.36
CA TRP A 18 -9.11 -1.86 0.32
C TRP A 18 -8.86 -0.38 0.03
N GLU A 19 -7.75 -0.11 -0.64
CA GLU A 19 -7.33 1.24 -1.01
C GLU A 19 -6.57 1.20 -2.34
N ARG A 20 -6.59 2.30 -3.09
CA ARG A 20 -5.89 2.42 -4.36
C ARG A 20 -4.87 3.55 -4.22
N VAL A 21 -3.60 3.24 -4.42
CA VAL A 21 -2.54 4.23 -4.35
C VAL A 21 -2.48 4.82 -5.76
N GLU A 22 -2.28 6.13 -5.86
CA GLU A 22 -2.18 6.85 -7.12
C GLU A 22 -0.88 7.65 -7.03
N SER A 23 0.21 7.05 -7.53
CA SER A 23 1.55 7.64 -7.53
C SER A 23 2.14 7.59 -8.94
N SER A 24 3.03 8.52 -9.26
CA SER A 24 3.68 8.60 -10.57
C SER A 24 4.97 7.78 -10.61
N GLU A 25 5.61 7.65 -9.45
CA GLU A 25 6.87 6.92 -9.32
C GLU A 25 6.71 5.44 -9.68
N PHE A 26 5.57 4.86 -9.29
CA PHE A 26 5.26 3.45 -9.52
C PHE A 26 4.04 3.22 -10.42
N GLY A 27 2.97 4.00 -10.26
CA GLY A 27 1.74 3.90 -10.98
C GLY A 27 0.63 3.71 -9.95
N THR A 28 -0.53 3.42 -10.48
CA THR A 28 -1.76 3.16 -9.76
C THR A 28 -1.76 1.69 -9.34
N TYR A 29 -1.77 1.39 -8.04
CA TYR A 29 -1.78 0.03 -7.51
C TYR A 29 -2.78 -0.08 -6.35
N TYR A 30 -2.94 -1.25 -5.73
CA TYR A 30 -3.89 -1.46 -4.65
C TYR A 30 -3.24 -2.17 -3.47
N VAL A 31 -3.80 -2.01 -2.26
CA VAL A 31 -3.31 -2.62 -1.03
C VAL A 31 -4.51 -3.11 -0.21
N ASP A 32 -4.31 -4.24 0.45
CA ASP A 32 -5.24 -4.95 1.32
C ASP A 32 -4.83 -4.77 2.77
N HIS A 33 -5.69 -4.16 3.57
CA HIS A 33 -5.41 -4.00 4.99
C HIS A 33 -5.56 -5.32 5.75
N THR A 34 -6.33 -6.27 5.21
CA THR A 34 -6.61 -7.56 5.83
C THR A 34 -5.37 -8.42 5.98
N ASN A 35 -4.52 -8.44 4.95
CA ASN A 35 -3.30 -9.24 4.88
C ASN A 35 -2.03 -8.43 4.64
N LYS A 36 -2.13 -7.11 4.49
CA LYS A 36 -1.00 -6.21 4.24
C LYS A 36 -0.27 -6.63 2.97
N ARG A 37 -1.01 -6.88 1.90
CA ARG A 37 -0.47 -7.30 0.62
C ARG A 37 -0.80 -6.22 -0.41
N ALA A 38 0.16 -5.92 -1.28
CA ALA A 38 -0.01 -4.93 -2.35
C ALA A 38 -0.16 -5.71 -3.65
N GLN A 39 -0.86 -5.17 -4.65
CA GLN A 39 -1.05 -5.84 -5.93
C GLN A 39 -1.35 -4.84 -7.04
N TYR A 40 -1.21 -5.28 -8.28
CA TYR A 40 -1.42 -4.53 -9.51
C TYR A 40 -2.73 -4.92 -10.20
N ARG A 41 -3.67 -5.55 -9.49
CA ARG A 41 -4.95 -5.99 -10.05
C ARG A 41 -6.09 -5.64 -9.13
N HIS A 42 -7.30 -5.48 -9.67
CA HIS A 42 -8.48 -5.15 -8.87
C HIS A 42 -8.77 -6.35 -7.96
N PRO A 43 -9.09 -6.15 -6.67
CA PRO A 43 -9.37 -7.22 -5.73
C PRO A 43 -10.72 -7.91 -5.93
N SER A 44 -10.87 -8.65 -7.05
CA SER A 44 -12.10 -9.36 -7.37
C SER A 44 -11.83 -10.43 -8.41
N GLY A 45 -12.87 -11.20 -8.75
CA GLY A 45 -12.82 -12.27 -9.74
C GLY A 45 -13.01 -11.73 -11.15
N PRO A 46 -12.75 -12.55 -12.18
CA PRO A 46 -12.90 -12.20 -13.58
C PRO A 46 -14.35 -12.35 -14.06
N SER A 47 -15.19 -12.99 -13.24
CA SER A 47 -16.58 -13.30 -13.42
C SER A 47 -17.15 -13.55 -12.02
N SER A 48 -18.43 -13.92 -11.93
CA SER A 48 -19.11 -14.21 -10.65
C SER A 48 -19.11 -12.97 -9.72
N GLY A 49 -18.91 -11.77 -10.25
CA GLY A 49 -18.89 -10.52 -9.51
C GLY A 49 -18.83 -9.40 -10.52
N GLY B 1 26.71 23.54 19.39
CA GLY B 1 27.16 22.22 18.90
C GLY B 1 26.12 21.18 19.29
N SER B 2 26.12 20.04 18.62
CA SER B 2 25.21 18.90 18.79
C SER B 2 25.17 18.23 20.18
N SER B 3 25.95 18.71 21.15
CA SER B 3 25.98 18.15 22.50
C SER B 3 24.71 18.65 23.23
N GLY B 4 23.58 17.99 22.98
CA GLY B 4 22.29 18.33 23.57
C GLY B 4 21.31 17.19 23.33
N SER B 5 20.05 17.40 23.74
CA SER B 5 18.99 16.42 23.57
C SER B 5 18.70 16.27 22.07
N SER B 6 18.83 15.05 21.55
CA SER B 6 18.59 14.71 20.16
C SER B 6 17.92 13.34 20.14
N GLY B 7 17.33 12.94 19.01
CA GLY B 7 16.66 11.66 18.88
C GLY B 7 17.67 10.51 18.65
N PRO B 8 17.21 9.26 18.73
CA PRO B 8 18.08 8.09 18.52
C PRO B 8 18.55 7.98 17.06
N LEU B 9 17.70 8.41 16.15
CA LEU B 9 17.86 8.43 14.71
C LEU B 9 17.10 9.67 14.17
N GLU B 10 17.40 10.08 12.95
CA GLU B 10 16.75 11.23 12.32
C GLU B 10 15.39 10.81 11.75
N ARG B 11 14.57 11.79 11.33
CA ARG B 11 13.23 11.57 10.78
C ARG B 11 13.17 11.91 9.29
N GLU B 12 14.23 11.58 8.55
CA GLU B 12 14.36 11.82 7.12
C GLU B 12 13.27 11.09 6.31
N GLY B 13 13.20 11.37 5.02
CA GLY B 13 12.21 10.76 4.14
C GLY B 13 12.48 9.27 3.92
N LEU B 14 11.54 8.61 3.23
CA LEU B 14 11.61 7.19 2.94
C LEU B 14 12.69 6.83 1.90
N PRO B 15 13.10 5.56 1.84
CA PRO B 15 14.07 5.09 0.86
C PRO B 15 13.41 5.06 -0.54
N PRO B 16 14.20 5.14 -1.62
CA PRO B 16 13.72 5.14 -2.99
C PRO B 16 13.24 3.72 -3.35
N GLY B 17 11.94 3.49 -3.20
CA GLY B 17 11.28 2.22 -3.46
C GLY B 17 10.14 1.97 -2.49
N TRP B 18 10.00 2.82 -1.47
CA TRP B 18 8.94 2.71 -0.48
C TRP B 18 7.94 3.83 -0.69
N GLU B 19 6.72 3.61 -0.21
CA GLU B 19 5.63 4.57 -0.31
C GLU B 19 4.98 4.74 1.07
N ARG B 20 4.35 5.90 1.28
CA ARG B 20 3.65 6.27 2.50
C ARG B 20 2.28 6.74 2.06
N VAL B 21 1.24 6.10 2.55
CA VAL B 21 -0.14 6.41 2.24
C VAL B 21 -0.75 7.07 3.47
N GLU B 22 -1.60 8.08 3.27
CA GLU B 22 -2.29 8.83 4.30
C GLU B 22 -3.75 8.88 3.83
N SER B 23 -4.63 8.19 4.55
CA SER B 23 -6.05 8.07 4.24
C SER B 23 -6.90 8.27 5.47
N SER B 24 -8.05 8.94 5.39
CA SER B 24 -8.90 9.14 6.56
C SER B 24 -9.55 7.81 7.00
N GLU B 25 -9.71 6.86 6.08
CA GLU B 25 -10.32 5.56 6.38
C GLU B 25 -9.44 4.66 7.26
N PHE B 26 -8.11 4.82 7.22
CA PHE B 26 -7.19 3.99 8.00
C PHE B 26 -6.12 4.73 8.80
N GLY B 27 -5.74 5.95 8.43
CA GLY B 27 -4.77 6.80 9.09
C GLY B 27 -3.55 7.07 8.21
N THR B 28 -2.44 6.45 8.54
CA THR B 28 -1.15 6.56 7.86
C THR B 28 -0.46 5.20 7.86
N TYR B 29 0.06 4.73 6.72
CA TYR B 29 0.76 3.46 6.64
C TYR B 29 1.82 3.52 5.53
N TYR B 30 2.63 2.47 5.40
CA TYR B 30 3.69 2.38 4.41
C TYR B 30 3.53 1.12 3.57
N VAL B 31 4.05 1.15 2.34
CA VAL B 31 4.01 0.04 1.40
C VAL B 31 5.38 -0.14 0.76
N ASP B 32 5.74 -1.39 0.54
CA ASP B 32 6.98 -1.83 -0.08
C ASP B 32 6.65 -2.33 -1.49
N HIS B 33 7.54 -2.07 -2.44
CA HIS B 33 7.42 -2.49 -3.84
C HIS B 33 8.38 -3.65 -4.16
N THR B 34 9.13 -4.15 -3.17
CA THR B 34 10.10 -5.25 -3.29
C THR B 34 9.47 -6.62 -2.99
N ASN B 35 8.57 -6.67 -2.00
CA ASN B 35 7.89 -7.85 -1.49
C ASN B 35 6.37 -7.65 -1.33
N LYS B 36 5.84 -6.50 -1.77
CA LYS B 36 4.41 -6.13 -1.68
C LYS B 36 3.87 -6.30 -0.27
N ARG B 37 4.56 -5.72 0.71
CA ARG B 37 4.21 -5.78 2.13
C ARG B 37 3.74 -4.39 2.55
N ALA B 38 2.84 -4.29 3.52
CA ALA B 38 2.34 -3.03 4.05
C ALA B 38 2.56 -3.04 5.57
N GLN B 39 2.83 -1.89 6.20
CA GLN B 39 3.05 -1.83 7.65
C GLN B 39 2.74 -0.45 8.22
N TYR B 40 2.75 -0.32 9.56
CA TYR B 40 2.50 0.92 10.29
C TYR B 40 3.76 1.41 11.03
N ARG B 41 4.94 0.86 10.74
CA ARG B 41 6.22 1.25 11.36
C ARG B 41 7.15 1.68 10.23
N HIS B 42 8.21 2.42 10.51
CA HIS B 42 9.13 2.89 9.47
C HIS B 42 9.93 1.71 8.90
N PRO B 43 10.37 1.72 7.63
CA PRO B 43 11.15 0.62 7.04
C PRO B 43 12.62 0.68 7.46
N SER B 44 12.89 0.78 8.76
CA SER B 44 14.20 0.85 9.37
C SER B 44 14.23 0.05 10.66
N GLY B 45 15.43 -0.29 11.11
CA GLY B 45 15.63 -1.01 12.37
C GLY B 45 15.64 0.01 13.50
N PRO B 46 15.88 -0.43 14.75
CA PRO B 46 15.94 0.45 15.90
C PRO B 46 17.20 1.33 15.90
N SER B 47 18.28 0.89 15.27
CA SER B 47 19.55 1.60 15.13
C SER B 47 19.41 2.71 14.08
N SER B 48 20.52 3.33 13.67
CA SER B 48 20.54 4.41 12.68
C SER B 48 19.92 4.02 11.31
N GLY B 49 19.63 2.75 11.04
CA GLY B 49 19.03 2.29 9.78
C GLY B 49 19.11 0.79 9.70
N GLY A 1 -4.23 -23.72 -5.34
CA GLY A 1 -4.77 -24.51 -6.46
C GLY A 1 -4.82 -23.69 -7.73
N SER A 2 -5.96 -23.04 -8.00
CA SER A 2 -6.22 -22.21 -9.16
C SER A 2 -6.51 -20.78 -8.75
N SER A 3 -6.50 -19.85 -9.70
CA SER A 3 -6.75 -18.44 -9.45
C SER A 3 -7.52 -17.75 -10.59
N GLY A 4 -7.74 -18.41 -11.73
CA GLY A 4 -8.46 -17.80 -12.85
C GLY A 4 -7.63 -16.70 -13.50
N SER A 5 -8.27 -15.84 -14.28
CA SER A 5 -7.67 -14.73 -15.01
C SER A 5 -8.45 -13.44 -14.72
N SER A 6 -7.87 -12.27 -15.01
CA SER A 6 -8.53 -10.99 -14.80
C SER A 6 -7.90 -9.93 -15.70
N GLY A 7 -8.46 -8.72 -15.73
CA GLY A 7 -7.97 -7.63 -16.56
C GLY A 7 -6.81 -6.87 -15.92
N PRO A 8 -6.25 -5.86 -16.62
CA PRO A 8 -5.15 -5.06 -16.12
C PRO A 8 -5.57 -4.16 -14.96
N LEU A 9 -6.68 -3.44 -15.12
CA LEU A 9 -7.25 -2.52 -14.15
C LEU A 9 -8.68 -2.21 -14.53
N GLU A 10 -9.38 -1.47 -13.66
CA GLU A 10 -10.73 -1.02 -13.91
C GLU A 10 -11.01 0.18 -13.00
N ARG A 11 -11.91 1.05 -13.46
CA ARG A 11 -12.30 2.26 -12.76
C ARG A 11 -13.32 2.04 -11.65
N GLU A 12 -13.77 0.80 -11.41
CA GLU A 12 -14.76 0.53 -10.37
C GLU A 12 -14.20 0.86 -8.99
N GLY A 13 -15.10 1.14 -8.04
CA GLY A 13 -14.75 1.44 -6.66
C GLY A 13 -14.20 0.20 -5.97
N LEU A 14 -13.71 0.38 -4.75
CA LEU A 14 -13.13 -0.70 -3.96
C LEU A 14 -13.95 -1.01 -2.71
N PRO A 15 -13.92 -2.27 -2.24
CA PRO A 15 -14.65 -2.69 -1.05
C PRO A 15 -14.06 -2.01 0.20
N PRO A 16 -14.82 -2.03 1.33
CA PRO A 16 -14.35 -1.43 2.56
C PRO A 16 -13.13 -2.20 3.04
N GLY A 17 -12.03 -1.51 3.32
CA GLY A 17 -10.78 -2.09 3.78
C GLY A 17 -9.71 -2.05 2.69
N TRP A 18 -10.09 -1.93 1.42
CA TRP A 18 -9.12 -1.86 0.34
C TRP A 18 -8.80 -0.39 0.08
N GLU A 19 -7.62 -0.11 -0.46
CA GLU A 19 -7.21 1.25 -0.79
C GLU A 19 -6.43 1.24 -2.10
N ARG A 20 -6.58 2.32 -2.87
CA ARG A 20 -5.93 2.55 -4.15
C ARG A 20 -4.87 3.62 -3.94
N VAL A 21 -3.64 3.34 -4.34
CA VAL A 21 -2.52 4.24 -4.21
C VAL A 21 -2.12 4.67 -5.63
N GLU A 22 -2.24 5.96 -5.93
CA GLU A 22 -1.91 6.56 -7.21
C GLU A 22 -0.55 7.25 -7.07
N SER A 23 0.33 7.12 -8.05
CA SER A 23 1.68 7.71 -8.03
C SER A 23 2.17 8.06 -9.44
N SER A 24 3.38 8.62 -9.53
CA SER A 24 4.00 8.98 -10.81
C SER A 24 5.13 8.00 -11.16
N GLU A 25 5.54 7.15 -10.22
CA GLU A 25 6.61 6.19 -10.44
C GLU A 25 6.04 4.78 -10.65
N PHE A 26 5.13 4.38 -9.76
CA PHE A 26 4.49 3.06 -9.76
C PHE A 26 3.18 3.03 -10.56
N GLY A 27 2.72 4.20 -11.00
CA GLY A 27 1.50 4.37 -11.76
C GLY A 27 0.32 4.31 -10.81
N THR A 28 -0.20 3.11 -10.57
CA THR A 28 -1.32 2.91 -9.67
C THR A 28 -1.28 1.46 -9.17
N TYR A 29 -1.46 1.24 -7.88
CA TYR A 29 -1.51 -0.09 -7.28
C TYR A 29 -2.51 -0.03 -6.13
N TYR A 30 -2.77 -1.16 -5.48
CA TYR A 30 -3.73 -1.23 -4.38
C TYR A 30 -3.13 -2.02 -3.24
N VAL A 31 -3.66 -1.84 -2.03
CA VAL A 31 -3.18 -2.53 -0.84
C VAL A 31 -4.36 -3.12 -0.06
N ASP A 32 -4.17 -4.38 0.33
CA ASP A 32 -5.08 -5.22 1.08
C ASP A 32 -4.73 -5.05 2.57
N HIS A 33 -5.58 -4.38 3.34
CA HIS A 33 -5.33 -4.17 4.77
C HIS A 33 -5.46 -5.47 5.55
N THR A 34 -6.27 -6.42 5.09
CA THR A 34 -6.50 -7.69 5.75
C THR A 34 -5.27 -8.59 5.69
N ASN A 35 -4.60 -8.71 4.55
CA ASN A 35 -3.44 -9.57 4.34
C ASN A 35 -2.12 -8.84 4.33
N LYS A 36 -2.16 -7.51 4.33
CA LYS A 36 -1.00 -6.63 4.28
C LYS A 36 -0.16 -6.98 3.05
N ARG A 37 -0.78 -6.84 1.86
CA ARG A 37 -0.15 -7.13 0.57
C ARG A 37 -0.49 -6.03 -0.43
N ALA A 38 0.36 -5.84 -1.45
CA ALA A 38 0.18 -4.85 -2.50
C ALA A 38 -0.02 -5.62 -3.84
N GLN A 39 -0.78 -5.07 -4.78
CA GLN A 39 -1.03 -5.70 -6.08
C GLN A 39 -1.32 -4.66 -7.16
N TYR A 40 -1.17 -5.04 -8.43
CA TYR A 40 -1.40 -4.20 -9.60
C TYR A 40 -2.67 -4.56 -10.38
N ARG A 41 -3.57 -5.39 -9.82
CA ARG A 41 -4.83 -5.80 -10.45
C ARG A 41 -5.98 -5.47 -9.49
N HIS A 42 -7.21 -5.39 -10.01
CA HIS A 42 -8.38 -5.07 -9.19
C HIS A 42 -8.67 -6.24 -8.23
N PRO A 43 -9.05 -6.00 -6.95
CA PRO A 43 -9.31 -7.03 -5.95
C PRO A 43 -10.49 -7.95 -6.27
N SER A 44 -11.74 -7.48 -6.12
CA SER A 44 -12.92 -8.30 -6.42
C SER A 44 -12.87 -8.60 -7.91
N GLY A 45 -12.56 -7.58 -8.72
CA GLY A 45 -12.46 -7.70 -10.16
C GLY A 45 -13.80 -7.49 -10.86
N PRO A 46 -13.80 -7.61 -12.19
CA PRO A 46 -14.97 -7.41 -13.04
C PRO A 46 -15.99 -8.55 -12.89
N SER A 47 -17.06 -8.28 -12.15
CA SER A 47 -18.14 -9.22 -11.94
C SER A 47 -18.97 -9.26 -13.23
N SER A 48 -19.82 -10.27 -13.38
CA SER A 48 -20.70 -10.44 -14.52
C SER A 48 -22.08 -10.85 -13.99
N GLY A 49 -22.60 -10.09 -13.02
CA GLY A 49 -23.89 -10.34 -12.40
C GLY A 49 -24.37 -9.07 -11.76
N GLY B 1 15.04 -14.65 13.88
CA GLY B 1 16.10 -13.67 14.14
C GLY B 1 15.61 -12.64 15.13
N SER B 2 15.86 -11.36 14.87
CA SER B 2 15.42 -10.27 15.75
C SER B 2 14.79 -9.16 14.90
N SER B 3 14.02 -8.27 15.52
CA SER B 3 13.33 -7.17 14.87
C SER B 3 13.66 -5.81 15.53
N GLY B 4 14.45 -5.79 16.59
CA GLY B 4 14.79 -4.56 17.30
C GLY B 4 13.55 -3.94 17.94
N SER B 5 13.66 -2.72 18.45
CA SER B 5 12.58 -1.99 19.09
C SER B 5 12.42 -0.67 18.33
N SER B 6 11.20 -0.25 17.99
CA SER B 6 10.96 0.98 17.25
C SER B 6 9.74 1.74 17.76
N GLY B 7 9.60 2.99 17.33
CA GLY B 7 8.53 3.91 17.68
C GLY B 7 7.27 3.71 16.82
N PRO B 8 6.32 4.65 16.90
CA PRO B 8 5.08 4.59 16.13
C PRO B 8 5.30 4.82 14.63
N LEU B 9 6.15 5.79 14.28
CA LEU B 9 6.57 6.28 12.98
C LEU B 9 7.31 7.61 13.21
N GLU B 10 7.66 8.32 12.15
CA GLU B 10 8.34 9.62 12.16
C GLU B 10 8.04 10.31 10.83
N ARG B 11 8.35 11.60 10.71
CA ARG B 11 8.13 12.36 9.47
C ARG B 11 9.26 12.17 8.46
N GLU B 12 10.24 11.34 8.77
CA GLU B 12 11.40 11.05 7.93
C GLU B 12 10.95 10.50 6.58
N GLY B 13 11.75 10.76 5.54
CA GLY B 13 11.50 10.30 4.18
C GLY B 13 11.70 8.80 4.09
N LEU B 14 11.52 8.21 2.91
CA LEU B 14 11.66 6.78 2.70
C LEU B 14 12.69 6.45 1.63
N PRO B 15 13.21 5.21 1.60
CA PRO B 15 14.18 4.79 0.59
C PRO B 15 13.51 4.82 -0.80
N PRO B 16 14.31 4.91 -1.87
CA PRO B 16 13.83 4.96 -3.25
C PRO B 16 13.16 3.64 -3.63
N GLY B 17 11.83 3.64 -3.66
CA GLY B 17 10.99 2.49 -3.98
C GLY B 17 9.87 2.34 -2.94
N TRP B 18 10.11 2.76 -1.69
CA TRP B 18 9.10 2.67 -0.65
C TRP B 18 8.12 3.82 -0.79
N GLU B 19 6.93 3.66 -0.20
CA GLU B 19 5.90 4.68 -0.24
C GLU B 19 5.13 4.72 1.09
N ARG B 20 4.55 5.88 1.39
CA ARG B 20 3.76 6.21 2.56
C ARG B 20 2.38 6.55 2.02
N VAL B 21 1.33 6.05 2.68
CA VAL B 21 -0.05 6.28 2.29
C VAL B 21 -0.72 7.02 3.45
N GLU B 22 -1.62 7.95 3.14
CA GLU B 22 -2.40 8.74 4.08
C GLU B 22 -3.86 8.58 3.69
N SER B 23 -4.73 8.41 4.68
CA SER B 23 -6.16 8.19 4.55
C SER B 23 -6.88 8.65 5.82
N SER B 24 -8.19 8.37 5.89
CA SER B 24 -9.03 8.69 7.04
C SER B 24 -9.31 7.39 7.78
N GLU B 25 -9.91 6.42 7.10
CA GLU B 25 -10.29 5.11 7.61
C GLU B 25 -9.11 4.27 8.10
N PHE B 26 -7.89 4.62 7.70
CA PHE B 26 -6.66 3.93 8.05
C PHE B 26 -5.59 4.83 8.65
N GLY B 27 -5.75 6.14 8.55
CA GLY B 27 -4.88 7.16 9.06
C GLY B 27 -3.63 7.29 8.22
N THR B 28 -2.57 6.57 8.59
CA THR B 28 -1.29 6.62 7.88
C THR B 28 -0.54 5.30 8.00
N TYR B 29 -0.11 4.74 6.87
CA TYR B 29 0.63 3.48 6.81
C TYR B 29 1.74 3.50 5.73
N TYR B 30 2.60 2.48 5.61
CA TYR B 30 3.70 2.44 4.65
C TYR B 30 3.69 1.14 3.85
N VAL B 31 4.09 1.16 2.57
CA VAL B 31 4.11 -0.01 1.68
C VAL B 31 5.53 -0.34 1.19
N ASP B 32 5.87 -1.62 1.19
CA ASP B 32 7.14 -2.18 0.74
C ASP B 32 6.92 -2.66 -0.69
N HIS B 33 7.54 -2.03 -1.68
CA HIS B 33 7.37 -2.42 -3.07
C HIS B 33 8.14 -3.67 -3.44
N THR B 34 9.20 -4.05 -2.71
CA THR B 34 10.00 -5.21 -3.05
C THR B 34 9.22 -6.50 -2.87
N ASN B 35 8.64 -6.67 -1.68
CA ASN B 35 7.90 -7.86 -1.30
C ASN B 35 6.41 -7.68 -1.42
N LYS B 36 5.98 -6.46 -1.76
CA LYS B 36 4.60 -6.06 -1.91
C LYS B 36 3.91 -6.35 -0.59
N ARG B 37 4.42 -5.75 0.49
CA ARG B 37 3.94 -5.90 1.86
C ARG B 37 3.50 -4.55 2.40
N ALA B 38 2.83 -4.55 3.55
CA ALA B 38 2.31 -3.38 4.20
C ALA B 38 2.65 -3.39 5.68
N GLN B 39 2.89 -2.20 6.24
CA GLN B 39 3.21 -1.98 7.65
C GLN B 39 2.57 -0.69 8.13
N TYR B 40 2.54 -0.47 9.45
CA TYR B 40 1.94 0.73 10.06
C TYR B 40 2.99 1.66 10.70
N ARG B 41 4.28 1.38 10.57
CA ARG B 41 5.36 2.19 11.15
C ARG B 41 6.39 2.51 10.09
N HIS B 42 7.41 3.32 10.42
CA HIS B 42 8.45 3.65 9.46
C HIS B 42 9.29 2.38 9.27
N PRO B 43 9.76 2.05 8.05
CA PRO B 43 10.53 0.84 7.80
C PRO B 43 11.86 0.74 8.59
N SER B 44 12.90 1.51 8.26
CA SER B 44 14.17 1.45 9.00
C SER B 44 13.98 1.97 10.43
N GLY B 45 12.94 2.79 10.69
CA GLY B 45 12.74 3.31 12.02
C GLY B 45 13.81 4.35 12.36
N PRO B 46 13.90 4.71 13.65
CA PRO B 46 14.87 5.68 14.11
C PRO B 46 16.29 5.14 13.93
N SER B 47 17.25 6.03 13.74
CA SER B 47 18.66 5.73 13.56
C SER B 47 19.47 6.68 14.45
N SER B 48 20.77 6.45 14.58
CA SER B 48 21.68 7.24 15.40
C SER B 48 22.92 7.56 14.55
N GLY B 49 22.86 8.68 13.82
CA GLY B 49 23.93 9.15 12.95
C GLY B 49 23.67 8.69 11.53
N GLY A 1 -2.06 -7.31 -16.36
CA GLY A 1 -2.48 -6.02 -16.90
C GLY A 1 -2.85 -5.06 -15.80
N SER A 2 -2.06 -4.01 -15.60
CA SER A 2 -2.28 -3.00 -14.59
C SER A 2 -3.20 -1.93 -15.17
N SER A 3 -4.51 -2.12 -15.02
CA SER A 3 -5.54 -1.23 -15.52
C SER A 3 -6.33 -0.63 -14.36
N GLY A 4 -6.82 0.59 -14.52
CA GLY A 4 -7.59 1.29 -13.51
C GLY A 4 -8.19 2.55 -14.08
N SER A 5 -9.10 2.44 -15.05
CA SER A 5 -9.75 3.60 -15.64
C SER A 5 -10.84 4.07 -14.68
N SER A 6 -10.48 4.96 -13.77
CA SER A 6 -11.32 5.59 -12.76
C SER A 6 -10.74 6.98 -12.45
N GLY A 7 -11.34 7.71 -11.51
CA GLY A 7 -10.84 9.02 -11.10
C GLY A 7 -9.49 8.87 -10.40
N PRO A 8 -8.80 9.96 -10.01
CA PRO A 8 -7.51 9.86 -9.36
C PRO A 8 -7.62 9.22 -7.98
N LEU A 9 -8.13 9.99 -7.01
CA LEU A 9 -8.30 9.60 -5.63
C LEU A 9 -9.77 9.79 -5.30
N GLU A 10 -10.46 8.67 -5.08
CA GLU A 10 -11.89 8.61 -4.75
C GLU A 10 -12.03 7.57 -3.63
N ARG A 11 -13.24 7.43 -3.08
CA ARG A 11 -13.59 6.49 -2.01
C ARG A 11 -14.75 5.61 -2.48
N GLU A 12 -14.96 5.51 -3.79
CA GLU A 12 -16.05 4.77 -4.38
C GLU A 12 -15.49 3.85 -5.45
N GLY A 13 -16.16 2.72 -5.68
CA GLY A 13 -15.79 1.71 -6.64
C GLY A 13 -15.37 0.48 -5.86
N LEU A 14 -14.19 0.53 -5.25
CA LEU A 14 -13.59 -0.53 -4.44
C LEU A 14 -14.44 -0.85 -3.21
N PRO A 15 -14.23 -2.04 -2.60
CA PRO A 15 -14.94 -2.46 -1.40
C PRO A 15 -14.44 -1.68 -0.17
N PRO A 16 -15.24 -1.63 0.90
CA PRO A 16 -14.88 -0.94 2.12
C PRO A 16 -13.74 -1.74 2.76
N GLY A 17 -12.58 -1.11 2.90
CA GLY A 17 -11.38 -1.70 3.47
C GLY A 17 -10.21 -1.70 2.49
N TRP A 18 -10.45 -1.62 1.18
CA TRP A 18 -9.36 -1.62 0.21
C TRP A 18 -8.92 -0.19 -0.08
N GLU A 19 -7.68 -0.02 -0.56
CA GLU A 19 -7.12 1.28 -0.87
C GLU A 19 -6.41 1.22 -2.22
N ARG A 20 -6.47 2.32 -2.98
CA ARG A 20 -5.85 2.47 -4.30
C ARG A 20 -4.87 3.61 -4.12
N VAL A 21 -3.63 3.40 -4.54
CA VAL A 21 -2.57 4.40 -4.44
C VAL A 21 -2.07 4.71 -5.85
N GLU A 22 -1.80 5.98 -6.13
CA GLU A 22 -1.29 6.51 -7.38
C GLU A 22 0.08 7.12 -7.07
N SER A 23 1.05 6.93 -7.97
CA SER A 23 2.40 7.43 -7.82
C SER A 23 3.04 7.48 -9.21
N SER A 24 3.99 8.38 -9.47
CA SER A 24 4.65 8.41 -10.77
C SER A 24 5.64 7.25 -10.89
N GLU A 25 6.14 6.73 -9.77
CA GLU A 25 7.10 5.64 -9.72
C GLU A 25 6.48 4.25 -9.90
N PHE A 26 5.29 4.03 -9.32
CA PHE A 26 4.58 2.76 -9.34
C PHE A 26 3.31 2.78 -10.21
N GLY A 27 2.92 3.96 -10.67
CA GLY A 27 1.76 4.20 -11.51
C GLY A 27 0.50 4.18 -10.68
N THR A 28 -0.10 3.00 -10.52
CA THR A 28 -1.33 2.83 -9.74
C THR A 28 -1.34 1.39 -9.23
N TYR A 29 -1.37 1.20 -7.91
CA TYR A 29 -1.39 -0.13 -7.28
C TYR A 29 -2.51 -0.20 -6.25
N TYR A 30 -2.84 -1.41 -5.75
CA TYR A 30 -3.91 -1.65 -4.79
C TYR A 30 -3.36 -2.38 -3.57
N VAL A 31 -3.79 -2.01 -2.36
CA VAL A 31 -3.35 -2.63 -1.11
C VAL A 31 -4.55 -3.19 -0.35
N ASP A 32 -4.39 -4.44 0.09
CA ASP A 32 -5.34 -5.22 0.85
C ASP A 32 -5.06 -5.01 2.34
N HIS A 33 -6.04 -4.54 3.10
CA HIS A 33 -5.87 -4.33 4.53
C HIS A 33 -6.15 -5.60 5.33
N THR A 34 -6.69 -6.66 4.73
CA THR A 34 -6.99 -7.91 5.42
C THR A 34 -5.69 -8.66 5.71
N ASN A 35 -4.78 -8.72 4.73
CA ASN A 35 -3.51 -9.43 4.82
C ASN A 35 -2.30 -8.51 4.63
N LYS A 36 -2.49 -7.19 4.47
CA LYS A 36 -1.44 -6.20 4.26
C LYS A 36 -0.59 -6.55 3.03
N ARG A 37 -1.22 -6.91 1.91
CA ARG A 37 -0.55 -7.32 0.67
C ARG A 37 -0.87 -6.36 -0.47
N ALA A 38 0.12 -6.02 -1.28
CA ALA A 38 -0.04 -5.11 -2.41
C ALA A 38 -0.20 -5.96 -3.68
N GLN A 39 -0.91 -5.44 -4.67
CA GLN A 39 -1.11 -6.13 -5.94
C GLN A 39 -1.33 -5.11 -7.05
N TYR A 40 -1.21 -5.62 -8.28
CA TYR A 40 -1.36 -4.87 -9.52
C TYR A 40 -2.67 -5.24 -10.24
N ARG A 41 -3.68 -5.67 -9.48
CA ARG A 41 -4.99 -6.06 -10.02
C ARG A 41 -6.05 -5.56 -9.06
N HIS A 42 -7.25 -5.49 -9.59
CA HIS A 42 -8.41 -5.04 -8.83
C HIS A 42 -8.81 -6.18 -7.89
N PRO A 43 -9.24 -5.91 -6.64
CA PRO A 43 -9.62 -6.95 -5.70
C PRO A 43 -10.95 -7.61 -6.08
N SER A 44 -11.23 -8.77 -5.49
CA SER A 44 -12.44 -9.54 -5.75
C SER A 44 -13.10 -10.04 -4.45
N GLY A 45 -12.31 -10.63 -3.54
CA GLY A 45 -12.83 -11.14 -2.28
C GLY A 45 -13.79 -12.34 -2.47
N PRO A 46 -14.25 -12.98 -1.39
CA PRO A 46 -15.16 -14.11 -1.46
C PRO A 46 -16.59 -13.62 -1.76
N SER A 47 -17.52 -14.55 -1.90
CA SER A 47 -18.93 -14.32 -2.16
C SER A 47 -19.70 -15.34 -1.31
N SER A 48 -20.98 -15.08 -1.05
CA SER A 48 -21.84 -15.97 -0.26
C SER A 48 -23.28 -15.97 -0.78
N GLY A 49 -23.54 -15.25 -1.87
CA GLY A 49 -24.79 -15.08 -2.55
C GLY A 49 -24.50 -14.21 -3.75
N GLY B 1 1.38 1.89 17.27
CA GLY B 1 1.81 3.26 17.57
C GLY B 1 2.26 3.95 16.31
N SER B 2 1.33 4.48 15.50
CA SER B 2 1.67 5.16 14.27
C SER B 2 2.15 6.58 14.56
N SER B 3 3.12 7.08 13.79
CA SER B 3 3.69 8.42 13.92
C SER B 3 4.56 8.72 12.70
N GLY B 4 5.00 9.98 12.60
CA GLY B 4 5.83 10.48 11.51
C GLY B 4 5.35 11.90 11.27
N SER B 5 5.88 12.85 12.04
CA SER B 5 5.54 14.27 11.95
C SER B 5 6.02 14.78 10.58
N SER B 6 5.14 14.66 9.60
CA SER B 6 5.35 15.00 8.21
C SER B 6 4.10 15.65 7.60
N GLY B 7 4.23 16.12 6.35
CA GLY B 7 3.13 16.72 5.63
C GLY B 7 2.17 15.63 5.15
N PRO B 8 1.01 15.99 4.58
CA PRO B 8 0.04 15.02 4.11
C PRO B 8 0.54 14.17 2.94
N LEU B 9 0.77 14.77 1.76
CA LEU B 9 1.22 14.07 0.56
C LEU B 9 2.38 14.82 -0.09
N GLU B 10 3.59 14.33 0.10
CA GLU B 10 4.86 14.83 -0.40
C GLU B 10 5.67 13.62 -0.94
N ARG B 11 6.86 13.87 -1.50
CA ARG B 11 7.74 12.85 -2.06
C ARG B 11 9.08 12.77 -1.32
N GLU B 12 9.21 13.44 -0.18
CA GLU B 12 10.44 13.46 0.62
C GLU B 12 10.18 12.91 2.02
N GLY B 13 11.15 12.14 2.54
CA GLY B 13 11.12 11.53 3.86
C GLY B 13 11.23 9.99 3.85
N LEU B 14 11.27 9.33 2.69
CA LEU B 14 11.37 7.88 2.55
C LEU B 14 12.42 7.53 1.51
N PRO B 15 13.00 6.31 1.56
CA PRO B 15 13.98 5.90 0.56
C PRO B 15 13.29 5.66 -0.79
N PRO B 16 14.05 5.73 -1.90
CA PRO B 16 13.52 5.50 -3.23
C PRO B 16 13.12 4.03 -3.28
N GLY B 17 11.86 3.78 -3.64
CA GLY B 17 11.25 2.47 -3.73
C GLY B 17 10.17 2.30 -2.65
N TRP B 18 10.10 3.21 -1.67
CA TRP B 18 9.11 3.18 -0.59
C TRP B 18 8.16 4.35 -0.74
N GLU B 19 6.91 4.14 -0.31
CA GLU B 19 5.87 5.15 -0.36
C GLU B 19 5.04 5.11 0.92
N ARG B 20 4.40 6.23 1.25
CA ARG B 20 3.54 6.41 2.42
C ARG B 20 2.13 6.68 1.92
N VAL B 21 1.16 6.08 2.60
CA VAL B 21 -0.26 6.24 2.31
C VAL B 21 -0.86 6.89 3.56
N GLU B 22 -1.77 7.85 3.42
CA GLU B 22 -2.45 8.50 4.53
C GLU B 22 -3.95 8.46 4.19
N SER B 23 -4.78 8.06 5.16
CA SER B 23 -6.22 7.88 5.00
C SER B 23 -7.03 8.17 6.27
N SER B 24 -8.36 8.19 6.16
CA SER B 24 -9.27 8.43 7.27
C SER B 24 -9.60 7.18 8.08
N GLU B 25 -9.65 5.99 7.48
CA GLU B 25 -9.99 4.73 8.16
C GLU B 25 -8.74 3.89 8.49
N PHE B 26 -7.58 4.25 7.94
CA PHE B 26 -6.30 3.55 8.16
C PHE B 26 -5.29 4.46 8.85
N GLY B 27 -5.47 5.77 8.75
CA GLY B 27 -4.61 6.76 9.37
C GLY B 27 -3.40 6.94 8.47
N THR B 28 -2.35 6.17 8.69
CA THR B 28 -1.15 6.26 7.86
C THR B 28 -0.37 4.96 7.92
N TYR B 29 -0.02 4.40 6.76
CA TYR B 29 0.76 3.17 6.66
C TYR B 29 1.79 3.34 5.55
N TYR B 30 2.67 2.35 5.39
CA TYR B 30 3.74 2.36 4.40
C TYR B 30 3.69 1.04 3.65
N VAL B 31 3.97 1.08 2.35
CA VAL B 31 3.99 -0.11 1.52
C VAL B 31 5.38 -0.29 0.95
N ASP B 32 5.88 -1.51 1.08
CA ASP B 32 7.18 -1.93 0.58
C ASP B 32 6.94 -2.49 -0.80
N HIS B 33 7.39 -1.79 -1.83
CA HIS B 33 7.22 -2.32 -3.17
C HIS B 33 8.19 -3.47 -3.45
N THR B 34 9.20 -3.72 -2.60
CA THR B 34 10.17 -4.79 -2.80
C THR B 34 9.51 -6.15 -2.66
N ASN B 35 8.62 -6.29 -1.67
CA ASN B 35 7.91 -7.52 -1.36
C ASN B 35 6.39 -7.41 -1.37
N LYS B 36 5.84 -6.23 -1.67
CA LYS B 36 4.40 -5.96 -1.71
C LYS B 36 3.81 -6.23 -0.33
N ARG B 37 4.38 -5.64 0.73
CA ARG B 37 3.89 -5.81 2.10
C ARG B 37 3.57 -4.44 2.66
N ALA B 38 2.54 -4.36 3.50
CA ALA B 38 2.10 -3.14 4.13
C ALA B 38 2.48 -3.23 5.61
N GLN B 39 3.10 -2.18 6.13
CA GLN B 39 3.53 -2.08 7.52
C GLN B 39 3.13 -0.70 8.06
N TYR B 40 3.01 -0.57 9.37
CA TYR B 40 2.63 0.67 10.05
C TYR B 40 3.86 1.33 10.69
N ARG B 41 5.06 0.77 10.52
CA ARG B 41 6.32 1.26 11.06
C ARG B 41 7.12 1.91 9.94
N HIS B 42 8.04 2.82 10.27
CA HIS B 42 8.88 3.49 9.27
C HIS B 42 9.85 2.46 8.70
N PRO B 43 10.31 2.55 7.43
CA PRO B 43 11.24 1.56 6.90
C PRO B 43 12.61 1.72 7.54
N SER B 44 13.43 0.67 7.46
CA SER B 44 14.77 0.64 8.04
C SER B 44 15.79 0.15 7.01
N GLY B 45 15.70 -1.12 6.60
CA GLY B 45 16.62 -1.70 5.62
C GLY B 45 18.03 -1.94 6.16
N PRO B 46 18.91 -2.54 5.34
CA PRO B 46 20.30 -2.82 5.69
C PRO B 46 21.15 -1.55 5.62
N SER B 47 22.44 -1.64 5.94
CA SER B 47 23.37 -0.51 5.91
C SER B 47 24.77 -1.02 5.53
N SER B 48 25.67 -0.10 5.19
CA SER B 48 27.05 -0.36 4.81
C SER B 48 28.00 0.67 5.45
N GLY B 49 27.51 1.43 6.44
CA GLY B 49 28.27 2.46 7.11
C GLY B 49 28.09 3.78 6.37
N GLY A 1 -24.44 0.06 -17.07
CA GLY A 1 -24.94 -1.10 -16.34
C GLY A 1 -23.90 -2.19 -16.27
N SER A 2 -23.83 -2.88 -15.13
CA SER A 2 -22.91 -3.98 -14.88
C SER A 2 -23.34 -5.21 -15.69
N SER A 3 -22.57 -6.31 -15.62
CA SER A 3 -22.85 -7.56 -16.33
C SER A 3 -22.22 -8.71 -15.55
N GLY A 4 -22.48 -9.95 -15.96
CA GLY A 4 -21.96 -11.18 -15.36
C GLY A 4 -20.70 -11.66 -16.10
N SER A 5 -19.84 -10.73 -16.52
CA SER A 5 -18.62 -11.01 -17.26
C SER A 5 -17.43 -10.27 -16.67
N SER A 6 -16.28 -10.94 -16.60
CA SER A 6 -15.05 -10.34 -16.11
C SER A 6 -14.48 -9.48 -17.25
N GLY A 7 -13.51 -8.63 -16.97
CA GLY A 7 -12.89 -7.75 -17.94
C GLY A 7 -11.49 -7.36 -17.49
N PRO A 8 -10.76 -6.56 -18.27
CA PRO A 8 -9.42 -6.13 -17.91
C PRO A 8 -9.45 -5.10 -16.77
N LEU A 9 -10.42 -4.18 -16.78
CA LEU A 9 -10.60 -3.13 -15.79
C LEU A 9 -12.09 -2.89 -15.54
N GLU A 10 -12.41 -2.43 -14.34
CA GLU A 10 -13.74 -2.09 -13.85
C GLU A 10 -13.91 -0.59 -14.08
N ARG A 11 -14.96 -0.01 -13.52
CA ARG A 11 -15.26 1.43 -13.61
C ARG A 11 -15.75 1.94 -12.26
N GLU A 12 -16.42 1.08 -11.51
CA GLU A 12 -16.97 1.35 -10.20
C GLU A 12 -15.85 1.49 -9.16
N GLY A 13 -16.20 1.92 -7.96
CA GLY A 13 -15.24 2.08 -6.88
C GLY A 13 -14.86 0.73 -6.29
N LEU A 14 -13.86 0.76 -5.43
CA LEU A 14 -13.31 -0.38 -4.72
C LEU A 14 -14.14 -0.69 -3.47
N PRO A 15 -14.00 -1.91 -2.89
CA PRO A 15 -14.72 -2.26 -1.69
C PRO A 15 -14.08 -1.57 -0.47
N PRO A 16 -14.78 -1.52 0.67
CA PRO A 16 -14.22 -0.93 1.87
C PRO A 16 -13.08 -1.86 2.29
N GLY A 17 -12.06 -1.27 2.91
CA GLY A 17 -10.88 -2.01 3.35
C GLY A 17 -9.82 -2.04 2.25
N TRP A 18 -10.14 -1.65 1.01
CA TRP A 18 -9.20 -1.60 -0.09
C TRP A 18 -8.96 -0.14 -0.43
N GLU A 19 -7.70 0.21 -0.64
CA GLU A 19 -7.27 1.58 -0.97
C GLU A 19 -6.59 1.61 -2.33
N ARG A 20 -6.64 2.74 -3.04
CA ARG A 20 -6.00 2.88 -4.35
C ARG A 20 -4.94 3.93 -4.17
N VAL A 21 -3.69 3.56 -4.43
CA VAL A 21 -2.58 4.46 -4.31
C VAL A 21 -2.18 4.86 -5.73
N GLU A 22 -1.88 6.14 -5.93
CA GLU A 22 -1.47 6.70 -7.21
C GLU A 22 -0.11 7.38 -7.01
N SER A 23 0.85 7.06 -7.87
CA SER A 23 2.20 7.58 -7.89
C SER A 23 2.69 7.62 -9.35
N SER A 24 3.81 8.27 -9.63
CA SER A 24 4.32 8.39 -10.99
C SER A 24 5.53 7.48 -11.29
N GLU A 25 6.29 7.07 -10.28
CA GLU A 25 7.46 6.22 -10.51
C GLU A 25 6.97 4.79 -10.72
N PHE A 26 5.90 4.44 -10.00
CA PHE A 26 5.26 3.14 -10.03
C PHE A 26 4.07 3.20 -11.00
N GLY A 27 3.03 3.92 -10.61
CA GLY A 27 1.78 4.10 -11.31
C GLY A 27 0.73 3.97 -10.22
N THR A 28 -0.29 3.18 -10.51
CA THR A 28 -1.41 2.90 -9.65
C THR A 28 -1.35 1.45 -9.17
N TYR A 29 -1.52 1.21 -7.87
CA TYR A 29 -1.52 -0.14 -7.29
C TYR A 29 -2.56 -0.22 -6.17
N TYR A 30 -2.90 -1.43 -5.72
CA TYR A 30 -3.91 -1.66 -4.69
C TYR A 30 -3.33 -2.42 -3.50
N VAL A 31 -3.70 -2.05 -2.27
CA VAL A 31 -3.22 -2.71 -1.05
C VAL A 31 -4.44 -3.22 -0.28
N ASP A 32 -4.27 -4.33 0.44
CA ASP A 32 -5.27 -5.00 1.24
C ASP A 32 -5.00 -4.83 2.73
N HIS A 33 -5.86 -4.12 3.46
CA HIS A 33 -5.70 -3.93 4.90
C HIS A 33 -5.95 -5.23 5.68
N THR A 34 -6.65 -6.19 5.09
CA THR A 34 -6.98 -7.47 5.72
C THR A 34 -5.79 -8.41 5.81
N ASN A 35 -4.84 -8.34 4.86
CA ASN A 35 -3.69 -9.24 4.82
C ASN A 35 -2.36 -8.51 4.68
N LYS A 36 -2.36 -7.18 4.59
CA LYS A 36 -1.16 -6.34 4.44
C LYS A 36 -0.40 -6.73 3.18
N ARG A 37 -1.09 -6.87 2.04
CA ARG A 37 -0.45 -7.26 0.78
C ARG A 37 -0.77 -6.26 -0.31
N ALA A 38 0.18 -6.04 -1.21
CA ALA A 38 0.06 -5.13 -2.35
C ALA A 38 -0.10 -5.99 -3.61
N GLN A 39 -0.94 -5.54 -4.55
CA GLN A 39 -1.19 -6.21 -5.81
C GLN A 39 -1.51 -5.16 -6.88
N TYR A 40 -1.40 -5.56 -8.15
CA TYR A 40 -1.66 -4.69 -9.29
C TYR A 40 -2.97 -5.08 -9.98
N ARG A 41 -3.82 -5.88 -9.33
CA ARG A 41 -5.09 -6.30 -9.89
C ARG A 41 -6.24 -5.83 -9.03
N HIS A 42 -7.40 -5.80 -9.64
CA HIS A 42 -8.61 -5.36 -8.98
C HIS A 42 -9.00 -6.42 -7.95
N PRO A 43 -9.34 -6.04 -6.71
CA PRO A 43 -9.72 -6.95 -5.63
C PRO A 43 -11.08 -7.66 -5.83
N SER A 44 -11.59 -7.82 -7.04
CA SER A 44 -12.84 -8.50 -7.30
C SER A 44 -12.74 -9.98 -6.89
N GLY A 45 -11.57 -10.59 -7.15
CA GLY A 45 -11.31 -11.98 -6.83
C GLY A 45 -12.08 -12.91 -7.77
N PRO A 46 -12.04 -14.22 -7.52
CA PRO A 46 -12.74 -15.20 -8.34
C PRO A 46 -14.25 -15.13 -8.09
N SER A 47 -15.02 -15.79 -8.94
CA SER A 47 -16.48 -15.86 -8.87
C SER A 47 -16.86 -17.35 -8.76
N SER A 48 -18.07 -17.68 -8.31
CA SER A 48 -18.52 -19.06 -8.17
C SER A 48 -20.02 -19.11 -8.43
N GLY A 49 -20.42 -19.62 -9.60
CA GLY A 49 -21.80 -19.73 -10.03
C GLY A 49 -22.11 -18.41 -10.68
N GLY B 1 20.02 17.77 13.36
CA GLY B 1 20.89 16.66 12.95
C GLY B 1 20.55 15.42 13.74
N SER B 2 20.31 14.31 13.05
CA SER B 2 19.99 13.00 13.58
C SER B 2 21.22 12.36 14.24
N SER B 3 21.09 11.12 14.71
CA SER B 3 22.16 10.36 15.35
C SER B 3 21.82 8.87 15.26
N GLY B 4 22.77 8.01 15.60
CA GLY B 4 22.61 6.56 15.60
C GLY B 4 21.81 6.15 16.82
N SER B 5 20.50 5.97 16.66
CA SER B 5 19.55 5.56 17.69
C SER B 5 18.18 5.39 17.03
N SER B 6 17.42 4.40 17.51
CA SER B 6 16.08 4.10 17.04
C SER B 6 15.09 5.14 17.58
N GLY B 7 13.81 5.07 17.18
CA GLY B 7 12.79 5.98 17.64
C GLY B 7 11.39 5.49 17.27
N PRO B 8 10.34 6.08 17.86
CA PRO B 8 8.96 5.69 17.59
C PRO B 8 8.53 5.93 16.14
N LEU B 9 9.05 6.99 15.56
CA LEU B 9 8.82 7.47 14.22
C LEU B 9 10.13 8.03 13.67
N GLU B 10 10.08 8.63 12.48
CA GLU B 10 11.20 9.26 11.81
C GLU B 10 10.73 10.62 11.31
N ARG B 11 11.64 11.59 11.36
CA ARG B 11 11.45 12.99 10.97
C ARG B 11 11.91 13.23 9.53
N GLU B 12 11.89 12.23 8.67
CA GLU B 12 12.36 12.33 7.29
C GLU B 12 11.53 11.49 6.32
N GLY B 13 11.91 11.61 5.04
CA GLY B 13 11.31 10.93 3.93
C GLY B 13 11.68 9.44 3.90
N LEU B 14 11.02 8.73 3.00
CA LEU B 14 11.20 7.31 2.77
C LEU B 14 12.27 7.04 1.71
N PRO B 15 12.83 5.81 1.70
CA PRO B 15 13.82 5.42 0.71
C PRO B 15 13.14 5.36 -0.69
N PRO B 16 13.92 5.48 -1.77
CA PRO B 16 13.44 5.47 -3.14
C PRO B 16 12.88 4.11 -3.54
N GLY B 17 11.58 3.92 -3.37
CA GLY B 17 10.86 2.69 -3.69
C GLY B 17 9.75 2.43 -2.67
N TRP B 18 9.82 3.04 -1.49
CA TRP B 18 8.81 2.89 -0.46
C TRP B 18 7.82 4.03 -0.60
N GLU B 19 6.56 3.79 -0.23
CA GLU B 19 5.51 4.79 -0.30
C GLU B 19 4.74 4.83 1.01
N ARG B 20 4.36 6.04 1.46
CA ARG B 20 3.60 6.28 2.69
C ARG B 20 2.22 6.67 2.20
N VAL B 21 1.21 5.94 2.61
CA VAL B 21 -0.17 6.18 2.23
C VAL B 21 -0.91 6.67 3.47
N GLU B 22 -1.82 7.62 3.33
CA GLU B 22 -2.59 8.11 4.46
C GLU B 22 -4.08 8.12 4.11
N SER B 23 -4.90 7.94 5.12
CA SER B 23 -6.35 7.86 5.02
C SER B 23 -6.97 8.27 6.36
N SER B 24 -8.26 7.99 6.56
CA SER B 24 -8.97 8.30 7.79
C SER B 24 -9.41 7.00 8.44
N GLU B 25 -9.95 6.06 7.66
CA GLU B 25 -10.38 4.76 8.16
C GLU B 25 -9.16 3.90 8.52
N PHE B 26 -7.96 4.31 8.08
CA PHE B 26 -6.70 3.62 8.31
C PHE B 26 -5.64 4.50 8.97
N GLY B 27 -5.74 5.82 8.81
CA GLY B 27 -4.81 6.77 9.39
C GLY B 27 -3.60 6.91 8.48
N THR B 28 -2.58 6.06 8.61
CA THR B 28 -1.39 6.11 7.77
C THR B 28 -0.65 4.77 7.79
N TYR B 29 -0.14 4.33 6.64
CA TYR B 29 0.64 3.10 6.55
C TYR B 29 1.72 3.24 5.47
N TYR B 30 2.57 2.24 5.29
CA TYR B 30 3.66 2.24 4.34
C TYR B 30 3.60 0.95 3.53
N VAL B 31 4.09 0.99 2.29
CA VAL B 31 4.12 -0.17 1.38
C VAL B 31 5.53 -0.34 0.84
N ASP B 32 5.97 -1.59 0.81
CA ASP B 32 7.27 -2.01 0.32
C ASP B 32 7.11 -2.58 -1.08
N HIS B 33 7.48 -1.84 -2.11
CA HIS B 33 7.37 -2.35 -3.47
C HIS B 33 8.31 -3.55 -3.69
N THR B 34 9.34 -3.73 -2.86
CA THR B 34 10.32 -4.80 -2.95
C THR B 34 9.74 -6.16 -2.53
N ASN B 35 8.79 -6.18 -1.58
CA ASN B 35 8.19 -7.40 -1.07
C ASN B 35 6.66 -7.40 -1.13
N LYS B 36 6.04 -6.33 -1.64
CA LYS B 36 4.59 -6.15 -1.77
C LYS B 36 3.88 -6.33 -0.42
N ARG B 37 4.53 -5.88 0.67
CA ARG B 37 3.99 -5.98 2.03
C ARG B 37 3.66 -4.58 2.50
N ALA B 38 2.82 -4.50 3.53
CA ALA B 38 2.39 -3.25 4.13
C ALA B 38 2.70 -3.28 5.63
N GLN B 39 2.99 -2.14 6.25
CA GLN B 39 3.28 -2.02 7.68
C GLN B 39 2.97 -0.60 8.17
N TYR B 40 2.96 -0.39 9.49
CA TYR B 40 2.65 0.90 10.11
C TYR B 40 3.87 1.63 10.68
N ARG B 41 5.08 1.05 10.57
CA ARG B 41 6.31 1.68 11.07
C ARG B 41 7.13 2.26 9.92
N HIS B 42 8.16 3.07 10.19
CA HIS B 42 9.00 3.59 9.12
C HIS B 42 9.88 2.41 8.64
N PRO B 43 10.29 2.32 7.38
CA PRO B 43 11.09 1.21 6.87
C PRO B 43 12.57 1.21 7.28
N SER B 44 12.89 1.46 8.55
CA SER B 44 14.27 1.47 9.04
C SER B 44 14.88 0.07 9.03
N GLY B 45 14.27 -0.88 9.75
CA GLY B 45 14.75 -2.25 9.86
C GLY B 45 15.73 -2.38 11.03
N PRO B 46 16.35 -3.57 11.21
CA PRO B 46 17.31 -3.80 12.29
C PRO B 46 18.64 -3.11 11.96
N SER B 47 19.57 -3.08 12.92
CA SER B 47 20.90 -2.48 12.75
C SER B 47 21.98 -3.39 13.33
N SER B 48 23.23 -2.97 13.17
CA SER B 48 24.45 -3.58 13.63
C SER B 48 25.40 -2.39 13.87
N GLY B 49 26.48 -2.59 14.62
CA GLY B 49 27.47 -1.58 14.95
C GLY B 49 27.22 -1.26 16.42
N GLY A 1 -7.10 -23.65 -5.98
CA GLY A 1 -6.71 -22.28 -6.32
C GLY A 1 -7.24 -21.93 -7.68
N SER A 2 -8.19 -21.01 -7.76
CA SER A 2 -8.81 -20.57 -8.98
C SER A 2 -8.00 -19.41 -9.56
N SER A 3 -7.38 -19.66 -10.71
CA SER A 3 -6.57 -18.73 -11.46
C SER A 3 -7.46 -18.20 -12.57
N GLY A 4 -7.79 -16.91 -12.52
CA GLY A 4 -8.62 -16.23 -13.49
C GLY A 4 -8.40 -14.73 -13.40
N SER A 5 -9.22 -13.97 -14.10
CA SER A 5 -9.19 -12.51 -14.16
C SER A 5 -10.50 -11.99 -14.76
N SER A 6 -10.68 -10.67 -14.80
CA SER A 6 -11.84 -9.96 -15.32
C SER A 6 -11.42 -8.87 -16.33
N GLY A 7 -10.26 -9.01 -16.97
CA GLY A 7 -9.76 -8.06 -17.95
C GLY A 7 -8.40 -7.47 -17.54
N PRO A 8 -7.85 -6.55 -18.36
CA PRO A 8 -6.56 -5.92 -18.10
C PRO A 8 -6.64 -4.88 -16.98
N LEU A 9 -7.77 -4.17 -16.93
CA LEU A 9 -8.10 -3.11 -16.00
C LEU A 9 -9.61 -2.94 -16.01
N GLU A 10 -10.14 -2.28 -14.99
CA GLU A 10 -11.56 -2.03 -14.81
C GLU A 10 -11.82 -0.56 -14.51
N ARG A 11 -13.10 -0.17 -14.45
CA ARG A 11 -13.56 1.19 -14.19
C ARG A 11 -14.66 1.08 -13.13
N GLU A 12 -14.27 0.73 -11.91
CA GLU A 12 -15.18 0.56 -10.78
C GLU A 12 -14.53 1.07 -9.49
N GLY A 13 -15.28 1.07 -8.39
CA GLY A 13 -14.81 1.49 -7.08
C GLY A 13 -14.17 0.30 -6.37
N LEU A 14 -13.98 0.37 -5.05
CA LEU A 14 -13.37 -0.71 -4.27
C LEU A 14 -14.26 -1.14 -3.11
N PRO A 15 -14.12 -2.40 -2.63
CA PRO A 15 -14.91 -2.90 -1.52
C PRO A 15 -14.46 -2.24 -0.21
N PRO A 16 -15.29 -2.30 0.85
CA PRO A 16 -14.98 -1.72 2.15
C PRO A 16 -13.74 -2.38 2.75
N GLY A 17 -12.72 -1.57 3.03
CA GLY A 17 -11.45 -2.00 3.60
C GLY A 17 -10.32 -2.04 2.59
N TRP A 18 -10.61 -2.00 1.28
CA TRP A 18 -9.57 -2.00 0.25
C TRP A 18 -9.24 -0.56 -0.09
N GLU A 19 -8.01 -0.32 -0.52
CA GLU A 19 -7.51 1.00 -0.91
C GLU A 19 -6.80 0.91 -2.27
N ARG A 20 -6.74 2.02 -3.02
CA ARG A 20 -6.07 2.16 -4.32
C ARG A 20 -5.14 3.35 -4.14
N VAL A 21 -3.86 3.15 -4.42
CA VAL A 21 -2.83 4.17 -4.30
C VAL A 21 -2.40 4.58 -5.70
N GLU A 22 -2.65 5.82 -6.06
CA GLU A 22 -2.30 6.43 -7.34
C GLU A 22 -1.01 7.21 -7.10
N SER A 23 0.02 6.98 -7.91
CA SER A 23 1.32 7.64 -7.79
C SER A 23 1.86 7.99 -9.19
N SER A 24 3.09 8.47 -9.26
CA SER A 24 3.76 8.85 -10.50
C SER A 24 4.98 7.94 -10.69
N GLU A 25 5.73 7.71 -9.62
CA GLU A 25 6.93 6.88 -9.63
C GLU A 25 6.62 5.38 -9.80
N PHE A 26 5.38 4.93 -9.54
CA PHE A 26 5.00 3.51 -9.67
C PHE A 26 3.75 3.25 -10.52
N GLY A 27 2.90 4.26 -10.75
CA GLY A 27 1.69 4.15 -11.54
C GLY A 27 0.48 4.10 -10.63
N THR A 28 -0.04 2.91 -10.39
CA THR A 28 -1.20 2.69 -9.53
C THR A 28 -1.22 1.25 -9.04
N TYR A 29 -1.56 1.04 -7.78
CA TYR A 29 -1.67 -0.29 -7.18
C TYR A 29 -2.80 -0.27 -6.15
N TYR A 30 -3.16 -1.44 -5.66
CA TYR A 30 -4.21 -1.65 -4.67
C TYR A 30 -3.57 -2.29 -3.44
N VAL A 31 -4.14 -2.08 -2.26
CA VAL A 31 -3.63 -2.61 -1.01
C VAL A 31 -4.71 -3.41 -0.29
N ASP A 32 -4.35 -4.59 0.23
CA ASP A 32 -5.25 -5.49 0.97
C ASP A 32 -4.94 -5.32 2.46
N HIS A 33 -5.82 -4.67 3.21
CA HIS A 33 -5.60 -4.47 4.64
C HIS A 33 -5.79 -5.79 5.41
N THR A 34 -6.38 -6.83 4.83
CA THR A 34 -6.62 -8.10 5.49
C THR A 34 -5.36 -8.92 5.65
N ASN A 35 -4.47 -8.95 4.65
CA ASN A 35 -3.24 -9.74 4.71
C ASN A 35 -1.99 -8.90 4.48
N LYS A 36 -2.13 -7.57 4.43
CA LYS A 36 -1.06 -6.61 4.23
C LYS A 36 -0.30 -6.97 2.94
N ARG A 37 -1.00 -7.11 1.81
CA ARG A 37 -0.45 -7.46 0.49
C ARG A 37 -0.78 -6.37 -0.55
N ALA A 38 0.20 -5.96 -1.36
CA ALA A 38 0.07 -4.94 -2.40
C ALA A 38 -0.15 -5.66 -3.73
N GLN A 39 -1.09 -5.21 -4.58
CA GLN A 39 -1.35 -5.85 -5.87
C GLN A 39 -1.60 -4.86 -7.00
N TYR A 40 -1.32 -5.25 -8.24
CA TYR A 40 -1.50 -4.43 -9.44
C TYR A 40 -2.82 -4.69 -10.18
N ARG A 41 -3.81 -5.35 -9.57
CA ARG A 41 -5.10 -5.63 -10.20
C ARG A 41 -6.21 -5.46 -9.18
N HIS A 42 -7.43 -5.23 -9.67
CA HIS A 42 -8.60 -5.03 -8.84
C HIS A 42 -8.83 -6.23 -7.93
N PRO A 43 -9.26 -6.01 -6.66
CA PRO A 43 -9.54 -7.10 -5.74
C PRO A 43 -10.82 -7.82 -6.16
N SER A 44 -10.68 -8.90 -6.94
CA SER A 44 -11.75 -9.72 -7.46
C SER A 44 -12.80 -10.10 -6.41
N GLY A 45 -12.42 -10.29 -5.14
CA GLY A 45 -13.37 -10.61 -4.09
C GLY A 45 -12.74 -10.59 -2.71
N PRO A 46 -13.54 -10.43 -1.64
CA PRO A 46 -13.06 -10.41 -0.26
C PRO A 46 -12.70 -11.81 0.23
N SER A 47 -13.11 -12.85 -0.51
CA SER A 47 -12.93 -14.27 -0.31
C SER A 47 -13.33 -14.92 -1.65
N SER A 48 -13.21 -16.24 -1.76
CA SER A 48 -13.55 -17.00 -2.97
C SER A 48 -14.74 -17.94 -2.75
N GLY A 49 -14.98 -18.37 -1.52
CA GLY A 49 -16.06 -19.27 -1.13
C GLY A 49 -15.69 -19.94 0.16
N GLY B 1 18.03 -13.69 13.03
CA GLY B 1 17.42 -12.43 12.58
C GLY B 1 17.73 -11.31 13.56
N SER B 2 16.86 -10.31 13.61
CA SER B 2 16.95 -9.14 14.47
C SER B 2 15.54 -8.65 14.79
N SER B 3 15.40 -7.70 15.71
CA SER B 3 14.12 -7.11 16.08
C SER B 3 14.43 -5.80 16.81
N GLY B 4 13.93 -4.66 16.32
CA GLY B 4 14.16 -3.36 16.92
C GLY B 4 13.46 -2.26 16.13
N SER B 5 13.44 -1.06 16.70
CA SER B 5 12.85 0.16 16.14
C SER B 5 13.67 1.36 16.62
N SER B 6 13.29 2.57 16.23
CA SER B 6 13.96 3.81 16.59
C SER B 6 12.98 4.82 17.17
N GLY B 7 11.73 4.85 16.71
CA GLY B 7 10.73 5.79 17.23
C GLY B 7 9.31 5.31 16.93
N PRO B 8 8.30 5.96 17.54
CA PRO B 8 6.91 5.61 17.34
C PRO B 8 6.35 6.25 16.06
N LEU B 9 6.76 7.48 15.75
CA LEU B 9 6.33 8.28 14.62
C LEU B 9 7.53 9.06 14.10
N GLU B 10 8.07 8.64 12.96
CA GLU B 10 9.21 9.28 12.32
C GLU B 10 8.71 10.55 11.58
N ARG B 11 9.63 11.35 11.05
CA ARG B 11 9.30 12.60 10.34
C ARG B 11 10.07 12.76 9.02
N GLU B 12 11.17 12.03 8.86
CA GLU B 12 12.03 12.09 7.69
C GLU B 12 11.49 11.31 6.49
N GLY B 13 12.13 11.51 5.34
CA GLY B 13 11.78 10.84 4.10
C GLY B 13 12.04 9.34 4.15
N LEU B 14 11.66 8.66 3.08
CA LEU B 14 11.78 7.22 2.90
C LEU B 14 12.88 6.87 1.90
N PRO B 15 13.38 5.62 1.91
CA PRO B 15 14.39 5.18 0.96
C PRO B 15 13.76 5.10 -0.43
N PRO B 16 14.57 5.03 -1.50
CA PRO B 16 14.04 4.92 -2.84
C PRO B 16 13.37 3.56 -2.91
N GLY B 17 12.20 3.51 -3.53
CA GLY B 17 11.44 2.30 -3.66
C GLY B 17 10.45 2.09 -2.51
N TRP B 18 10.35 2.99 -1.53
CA TRP B 18 9.37 2.88 -0.43
C TRP B 18 8.38 4.03 -0.53
N GLU B 19 7.10 3.77 -0.23
CA GLU B 19 6.04 4.76 -0.28
C GLU B 19 5.30 4.82 1.07
N ARG B 20 4.63 5.94 1.35
CA ARG B 20 3.84 6.23 2.54
C ARG B 20 2.48 6.71 2.06
N VAL B 21 1.44 6.07 2.53
CA VAL B 21 0.06 6.38 2.20
C VAL B 21 -0.56 7.07 3.43
N GLU B 22 -1.26 8.18 3.19
CA GLU B 22 -1.95 8.99 4.20
C GLU B 22 -3.43 8.83 3.84
N SER B 23 -4.25 8.29 4.73
CA SER B 23 -5.68 8.07 4.52
C SER B 23 -6.45 8.44 5.79
N SER B 24 -7.75 8.72 5.70
CA SER B 24 -8.53 9.08 6.88
C SER B 24 -9.04 7.83 7.59
N GLU B 25 -9.46 6.80 6.84
CA GLU B 25 -10.00 5.57 7.41
C GLU B 25 -8.95 4.62 8.00
N PHE B 26 -7.67 4.80 7.65
CA PHE B 26 -6.58 3.95 8.14
C PHE B 26 -5.46 4.73 8.82
N GLY B 27 -5.43 6.05 8.68
CA GLY B 27 -4.47 6.95 9.26
C GLY B 27 -3.26 7.09 8.36
N THR B 28 -2.23 6.30 8.63
CA THR B 28 -0.99 6.35 7.86
C THR B 28 -0.31 4.98 7.88
N TYR B 29 0.17 4.54 6.72
CA TYR B 29 0.91 3.28 6.61
C TYR B 29 1.93 3.44 5.50
N TYR B 30 2.86 2.50 5.38
CA TYR B 30 3.92 2.50 4.40
C TYR B 30 3.84 1.21 3.61
N VAL B 31 4.35 1.20 2.39
CA VAL B 31 4.35 0.03 1.53
C VAL B 31 5.77 -0.25 1.05
N ASP B 32 6.12 -1.53 1.03
CA ASP B 32 7.38 -2.13 0.62
C ASP B 32 7.17 -2.66 -0.78
N HIS B 33 7.66 -1.97 -1.81
CA HIS B 33 7.49 -2.43 -3.19
C HIS B 33 8.32 -3.68 -3.50
N THR B 34 9.35 -4.00 -2.71
CA THR B 34 10.18 -5.16 -2.94
C THR B 34 9.42 -6.45 -2.58
N ASN B 35 8.58 -6.42 -1.53
CA ASN B 35 7.82 -7.59 -1.08
C ASN B 35 6.32 -7.43 -1.18
N LYS B 36 5.84 -6.26 -1.62
CA LYS B 36 4.42 -5.94 -1.75
C LYS B 36 3.77 -6.09 -0.38
N ARG B 37 4.32 -5.43 0.65
CA ARG B 37 3.80 -5.53 2.01
C ARG B 37 3.46 -4.15 2.53
N ALA B 38 2.44 -4.06 3.38
CA ALA B 38 1.95 -2.83 3.98
C ALA B 38 2.33 -2.91 5.47
N GLN B 39 2.84 -1.82 6.05
CA GLN B 39 3.23 -1.77 7.46
C GLN B 39 2.88 -0.42 8.06
N TYR B 40 2.58 -0.38 9.37
CA TYR B 40 2.21 0.85 10.07
C TYR B 40 3.39 1.65 10.63
N ARG B 41 4.63 1.21 10.45
CA ARG B 41 5.84 1.90 10.95
C ARG B 41 6.77 2.23 9.80
N HIS B 42 7.63 3.22 9.99
CA HIS B 42 8.60 3.66 8.99
C HIS B 42 9.59 2.50 8.74
N PRO B 43 10.10 2.32 7.51
CA PRO B 43 11.02 1.24 7.17
C PRO B 43 12.30 1.20 8.01
N SER B 44 12.76 -0.02 8.30
CA SER B 44 13.97 -0.29 9.07
C SER B 44 15.25 -0.31 8.20
N GLY B 45 15.12 -0.38 6.87
CA GLY B 45 16.24 -0.39 5.93
C GLY B 45 16.11 -1.53 4.91
N PRO B 46 16.86 -1.46 3.80
CA PRO B 46 16.82 -2.47 2.74
C PRO B 46 17.23 -3.85 3.23
N SER B 47 18.43 -4.02 3.81
CA SER B 47 18.91 -5.32 4.29
C SER B 47 19.50 -5.19 5.69
N SER B 48 19.40 -6.26 6.48
CA SER B 48 19.94 -6.32 7.84
C SER B 48 21.46 -6.53 7.82
N GLY B 49 22.01 -6.98 6.70
CA GLY B 49 23.40 -7.26 6.44
C GLY B 49 23.48 -7.96 5.10
N GLY A 1 -21.11 -5.52 -21.93
CA GLY A 1 -22.41 -5.96 -22.45
C GLY A 1 -22.56 -5.50 -23.88
N SER A 2 -23.51 -4.59 -24.13
CA SER A 2 -23.76 -4.07 -25.48
C SER A 2 -24.08 -2.58 -25.34
N SER A 3 -23.06 -1.74 -25.38
CA SER A 3 -23.16 -0.30 -25.27
C SER A 3 -21.81 0.30 -25.67
N GLY A 4 -21.83 1.60 -25.98
CA GLY A 4 -20.66 2.37 -26.37
C GLY A 4 -20.79 3.78 -25.84
N SER A 5 -20.91 3.91 -24.52
CA SER A 5 -21.04 5.16 -23.80
C SER A 5 -20.17 5.09 -22.54
N SER A 6 -19.86 6.24 -21.93
CA SER A 6 -19.04 6.31 -20.72
C SER A 6 -19.93 6.12 -19.48
N GLY A 7 -19.40 6.38 -18.29
CA GLY A 7 -20.10 6.26 -17.03
C GLY A 7 -19.62 7.35 -16.06
N PRO A 8 -20.17 7.38 -14.83
CA PRO A 8 -19.81 8.36 -13.81
C PRO A 8 -18.34 8.22 -13.40
N LEU A 9 -17.85 7.00 -13.44
CA LEU A 9 -16.50 6.59 -13.11
C LEU A 9 -16.20 5.28 -13.80
N GLU A 10 -14.92 4.90 -13.81
CA GLU A 10 -14.36 3.68 -14.38
C GLU A 10 -14.71 2.46 -13.51
N ARG A 11 -15.87 2.48 -12.84
CA ARG A 11 -16.39 1.42 -11.98
C ARG A 11 -15.40 1.08 -10.86
N GLU A 12 -14.75 2.14 -10.38
CA GLU A 12 -13.77 2.21 -9.33
C GLU A 12 -14.56 2.09 -8.04
N GLY A 13 -14.85 0.87 -7.59
CA GLY A 13 -15.62 0.64 -6.39
C GLY A 13 -15.07 -0.51 -5.57
N LEU A 14 -13.93 -0.27 -4.91
CA LEU A 14 -13.26 -1.26 -4.09
C LEU A 14 -14.10 -1.70 -2.89
N PRO A 15 -13.82 -2.90 -2.35
CA PRO A 15 -14.51 -3.42 -1.18
C PRO A 15 -13.98 -2.70 0.08
N PRO A 16 -14.63 -2.85 1.24
CA PRO A 16 -14.16 -2.24 2.45
C PRO A 16 -12.86 -2.92 2.87
N GLY A 17 -11.99 -2.16 3.52
CA GLY A 17 -10.69 -2.64 3.97
C GLY A 17 -9.65 -2.61 2.84
N TRP A 18 -10.07 -2.40 1.58
CA TRP A 18 -9.13 -2.30 0.46
C TRP A 18 -8.95 -0.82 0.18
N GLU A 19 -7.80 -0.44 -0.35
CA GLU A 19 -7.49 0.95 -0.67
C GLU A 19 -6.83 1.03 -2.04
N ARG A 20 -7.02 2.16 -2.71
CA ARG A 20 -6.45 2.47 -4.02
C ARG A 20 -5.42 3.55 -3.76
N VAL A 21 -4.22 3.35 -4.25
CA VAL A 21 -3.13 4.28 -4.08
C VAL A 21 -2.56 4.60 -5.46
N GLU A 22 -2.14 5.83 -5.70
CA GLU A 22 -1.54 6.25 -6.97
C GLU A 22 -0.26 7.04 -6.67
N SER A 23 0.71 6.98 -7.57
CA SER A 23 1.99 7.67 -7.45
C SER A 23 2.59 7.91 -8.81
N SER A 24 3.35 8.98 -8.99
CA SER A 24 4.00 9.25 -10.25
C SER A 24 5.21 8.31 -10.36
N GLU A 25 5.70 7.77 -9.24
CA GLU A 25 6.85 6.88 -9.18
C GLU A 25 6.48 5.41 -9.44
N PHE A 26 5.21 5.03 -9.26
CA PHE A 26 4.73 3.66 -9.46
C PHE A 26 3.57 3.55 -10.44
N GLY A 27 2.55 4.39 -10.34
CA GLY A 27 1.39 4.43 -11.22
C GLY A 27 0.14 4.36 -10.37
N THR A 28 -0.56 3.24 -10.39
CA THR A 28 -1.78 3.01 -9.62
C THR A 28 -1.68 1.59 -9.10
N TYR A 29 -1.89 1.40 -7.80
CA TYR A 29 -1.82 0.08 -7.20
C TYR A 29 -2.86 -0.05 -6.08
N TYR A 30 -3.16 -1.29 -5.67
CA TYR A 30 -4.14 -1.57 -4.63
C TYR A 30 -3.49 -2.21 -3.42
N VAL A 31 -4.03 -1.96 -2.23
CA VAL A 31 -3.55 -2.51 -0.98
C VAL A 31 -4.71 -3.12 -0.19
N ASP A 32 -4.40 -4.24 0.47
CA ASP A 32 -5.29 -5.05 1.31
C ASP A 32 -4.89 -4.85 2.75
N HIS A 33 -5.80 -4.35 3.58
CA HIS A 33 -5.53 -4.15 5.01
C HIS A 33 -5.76 -5.41 5.83
N THR A 34 -6.55 -6.35 5.32
CA THR A 34 -6.86 -7.60 5.97
C THR A 34 -5.67 -8.57 5.85
N ASN A 35 -4.91 -8.50 4.75
CA ASN A 35 -3.76 -9.38 4.49
C ASN A 35 -2.43 -8.65 4.40
N LYS A 36 -2.43 -7.32 4.37
CA LYS A 36 -1.23 -6.47 4.28
C LYS A 36 -0.40 -6.82 3.05
N ARG A 37 -1.04 -6.88 1.87
CA ARG A 37 -0.38 -7.20 0.60
C ARG A 37 -0.65 -6.11 -0.43
N ALA A 38 0.19 -6.07 -1.46
CA ALA A 38 0.13 -5.12 -2.56
C ALA A 38 0.00 -5.88 -3.88
N GLN A 39 -0.84 -5.38 -4.79
CA GLN A 39 -1.06 -5.96 -6.11
C GLN A 39 -1.51 -4.85 -7.06
N TYR A 40 -1.11 -4.90 -8.32
CA TYR A 40 -1.49 -3.91 -9.34
C TYR A 40 -2.78 -4.36 -10.06
N ARG A 41 -3.61 -5.18 -9.41
CA ARG A 41 -4.87 -5.69 -9.97
C ARG A 41 -6.01 -5.50 -8.98
N HIS A 42 -7.24 -5.40 -9.49
CA HIS A 42 -8.42 -5.21 -8.66
C HIS A 42 -8.66 -6.45 -7.78
N PRO A 43 -9.14 -6.28 -6.54
CA PRO A 43 -9.37 -7.39 -5.63
C PRO A 43 -10.61 -8.26 -5.90
N SER A 44 -11.64 -7.76 -6.57
CA SER A 44 -12.86 -8.53 -6.86
C SER A 44 -13.61 -8.97 -5.58
N GLY A 45 -13.34 -8.32 -4.44
CA GLY A 45 -13.95 -8.62 -3.14
C GLY A 45 -13.27 -9.81 -2.44
N PRO A 46 -13.56 -10.06 -1.16
CA PRO A 46 -12.95 -11.15 -0.42
C PRO A 46 -13.41 -12.54 -0.90
N SER A 47 -14.68 -12.63 -1.32
CA SER A 47 -15.34 -13.82 -1.83
C SER A 47 -16.53 -13.33 -2.68
N SER A 48 -17.29 -14.23 -3.29
CA SER A 48 -18.45 -13.89 -4.10
C SER A 48 -19.53 -14.95 -3.89
N GLY A 49 -20.78 -14.53 -4.09
CA GLY A 49 -21.99 -15.30 -3.95
C GLY A 49 -23.15 -14.42 -4.37
N GLY B 1 19.65 14.41 18.66
CA GLY B 1 20.66 14.88 19.62
C GLY B 1 19.99 15.71 20.72
N SER B 2 20.79 16.27 21.63
CA SER B 2 20.32 17.08 22.73
C SER B 2 19.84 18.43 22.19
N SER B 3 18.62 18.49 21.65
CA SER B 3 18.02 19.68 21.07
C SER B 3 16.50 19.54 21.18
N GLY B 4 15.77 20.65 21.15
CA GLY B 4 14.32 20.66 21.26
C GLY B 4 13.79 21.86 20.49
N SER B 5 13.66 21.72 19.18
CA SER B 5 13.17 22.74 18.27
C SER B 5 12.41 22.05 17.13
N SER B 6 11.59 22.78 16.37
CA SER B 6 10.83 22.24 15.26
C SER B 6 11.71 22.05 14.02
N GLY B 7 11.13 21.67 12.89
CA GLY B 7 11.81 21.45 11.61
C GLY B 7 10.92 21.89 10.44
N PRO B 8 11.44 21.86 9.20
CA PRO B 8 10.70 22.26 8.00
C PRO B 8 9.56 21.32 7.64
N LEU B 9 9.74 20.05 7.94
CA LEU B 9 8.87 18.92 7.71
C LEU B 9 9.43 17.78 8.55
N GLU B 10 8.64 16.76 8.79
CA GLU B 10 9.03 15.62 9.60
C GLU B 10 10.17 14.81 8.93
N ARG B 11 10.96 14.11 9.75
CA ARG B 11 12.09 13.24 9.39
C ARG B 11 11.55 11.93 8.81
N GLU B 12 10.75 12.05 7.76
CA GLU B 12 10.09 10.96 7.08
C GLU B 12 10.85 10.33 5.91
N GLY B 13 11.71 11.10 5.22
CA GLY B 13 12.55 10.77 4.06
C GLY B 13 12.70 9.27 3.81
N LEU B 14 11.81 8.68 3.00
CA LEU B 14 11.82 7.26 2.73
C LEU B 14 12.92 6.83 1.75
N PRO B 15 13.35 5.56 1.84
CA PRO B 15 14.38 5.01 0.96
C PRO B 15 13.82 4.82 -0.46
N PRO B 16 14.69 4.58 -1.45
CA PRO B 16 14.27 4.41 -2.83
C PRO B 16 13.49 3.11 -2.97
N GLY B 17 12.23 3.24 -3.39
CA GLY B 17 11.30 2.14 -3.60
C GLY B 17 10.18 2.09 -2.56
N TRP B 18 10.27 2.85 -1.46
CA TRP B 18 9.24 2.88 -0.44
C TRP B 18 8.40 4.13 -0.64
N GLU B 19 7.13 4.04 -0.26
CA GLU B 19 6.13 5.10 -0.37
C GLU B 19 5.35 5.19 0.96
N ARG B 20 4.55 6.24 1.19
CA ARG B 20 3.73 6.43 2.39
C ARG B 20 2.33 6.84 1.97
N VAL B 21 1.33 6.05 2.37
CA VAL B 21 -0.06 6.29 2.07
C VAL B 21 -0.68 7.08 3.20
N GLU B 22 -0.98 8.36 2.96
CA GLU B 22 -1.65 9.19 3.93
C GLU B 22 -3.13 9.09 3.51
N SER B 23 -4.06 8.86 4.42
CA SER B 23 -5.48 8.70 4.12
C SER B 23 -6.33 9.04 5.33
N SER B 24 -7.65 8.90 5.19
CA SER B 24 -8.60 9.18 6.23
C SER B 24 -9.12 7.91 6.89
N GLU B 25 -9.46 6.87 6.11
CA GLU B 25 -10.03 5.62 6.63
C GLU B 25 -9.04 4.65 7.30
N PHE B 26 -7.74 4.90 7.15
CA PHE B 26 -6.67 4.06 7.71
C PHE B 26 -5.61 4.85 8.49
N GLY B 27 -5.51 6.16 8.25
CA GLY B 27 -4.58 7.08 8.87
C GLY B 27 -3.39 7.19 7.97
N THR B 28 -2.29 6.56 8.36
CA THR B 28 -1.05 6.59 7.60
C THR B 28 -0.32 5.25 7.71
N TYR B 29 -0.01 4.63 6.58
CA TYR B 29 0.71 3.37 6.50
C TYR B 29 1.74 3.45 5.37
N TYR B 30 2.51 2.39 5.16
CA TYR B 30 3.55 2.31 4.15
C TYR B 30 3.41 1.01 3.37
N VAL B 31 3.92 1.00 2.15
CA VAL B 31 3.90 -0.14 1.24
C VAL B 31 5.31 -0.37 0.75
N ASP B 32 5.75 -1.63 0.82
CA ASP B 32 7.05 -2.05 0.37
C ASP B 32 6.82 -2.64 -0.99
N HIS B 33 7.19 -1.90 -2.02
CA HIS B 33 7.00 -2.42 -3.36
C HIS B 33 7.95 -3.58 -3.67
N THR B 34 9.09 -3.74 -2.97
CA THR B 34 10.02 -4.84 -3.26
C THR B 34 9.40 -6.19 -2.89
N ASN B 35 8.76 -6.28 -1.72
CA ASN B 35 8.15 -7.51 -1.22
C ASN B 35 6.62 -7.46 -1.28
N LYS B 36 6.05 -6.36 -1.79
CA LYS B 36 4.63 -6.10 -1.93
C LYS B 36 3.90 -6.37 -0.60
N ARG B 37 4.37 -5.72 0.45
CA ARG B 37 3.81 -5.84 1.81
C ARG B 37 3.32 -4.47 2.27
N ALA B 38 2.56 -4.41 3.36
CA ALA B 38 2.04 -3.19 3.96
C ALA B 38 2.36 -3.24 5.45
N GLN B 39 2.69 -2.10 6.05
CA GLN B 39 2.99 -1.99 7.47
C GLN B 39 2.71 -0.56 7.92
N TYR B 40 2.33 -0.40 9.19
CA TYR B 40 2.03 0.90 9.79
C TYR B 40 3.30 1.49 10.43
N ARG B 41 4.40 0.73 10.53
CA ARG B 41 5.65 1.16 11.11
C ARG B 41 6.55 1.69 10.01
N HIS B 42 7.46 2.61 10.32
CA HIS B 42 8.36 3.18 9.31
C HIS B 42 9.33 2.06 8.86
N PRO B 43 9.87 2.07 7.62
CA PRO B 43 10.74 1.00 7.15
C PRO B 43 12.21 1.08 7.52
N SER B 44 12.79 2.28 7.64
CA SER B 44 14.20 2.47 7.95
C SER B 44 15.15 1.91 6.85
N GLY B 45 14.67 1.39 5.73
CA GLY B 45 15.49 0.86 4.64
C GLY B 45 15.84 -0.63 4.80
N PRO B 46 16.35 -1.26 3.72
CA PRO B 46 16.74 -2.67 3.72
C PRO B 46 17.94 -2.98 4.61
N SER B 47 18.93 -2.09 4.73
CA SER B 47 20.13 -2.31 5.52
C SER B 47 20.65 -1.03 6.16
N SER B 48 21.82 -1.14 6.80
CA SER B 48 22.57 -0.09 7.46
C SER B 48 23.99 -0.28 6.96
N GLY B 49 24.55 0.76 6.34
CA GLY B 49 25.89 0.75 5.80
C GLY B 49 26.25 2.18 5.49
N GLY A 1 -10.22 -20.05 -2.63
CA GLY A 1 -10.59 -19.53 -3.95
C GLY A 1 -12.10 -19.57 -4.16
N SER A 2 -12.63 -18.64 -4.94
CA SER A 2 -14.04 -18.48 -5.29
C SER A 2 -14.13 -17.58 -6.52
N SER A 3 -15.31 -17.47 -7.14
CA SER A 3 -15.48 -16.59 -8.31
C SER A 3 -15.18 -15.17 -7.84
N GLY A 4 -14.62 -14.33 -8.69
CA GLY A 4 -14.30 -12.97 -8.31
C GLY A 4 -14.32 -12.09 -9.53
N SER A 5 -15.50 -11.59 -9.87
CA SER A 5 -15.71 -10.72 -11.02
C SER A 5 -14.87 -9.46 -10.78
N SER A 6 -13.81 -9.30 -11.58
CA SER A 6 -12.88 -8.18 -11.56
C SER A 6 -12.23 -8.15 -12.94
N GLY A 7 -11.73 -6.99 -13.39
CA GLY A 7 -11.09 -6.81 -14.69
C GLY A 7 -9.66 -6.29 -14.53
N PRO A 8 -8.83 -6.24 -15.58
CA PRO A 8 -7.46 -5.76 -15.50
C PRO A 8 -7.33 -4.32 -14.99
N LEU A 9 -8.20 -3.45 -15.50
CA LEU A 9 -8.28 -2.04 -15.18
C LEU A 9 -9.71 -1.64 -15.39
N GLU A 10 -10.26 -0.94 -14.40
CA GLU A 10 -11.62 -0.44 -14.35
C GLU A 10 -11.56 0.90 -13.64
N ARG A 11 -12.58 1.74 -13.86
CA ARG A 11 -12.65 3.06 -13.26
C ARG A 11 -13.65 3.12 -12.10
N GLU A 12 -14.09 1.97 -11.60
CA GLU A 12 -15.04 1.86 -10.49
C GLU A 12 -14.32 2.04 -9.15
N GLY A 13 -15.07 1.96 -8.04
CA GLY A 13 -14.58 2.08 -6.67
C GLY A 13 -13.94 0.75 -6.22
N LEU A 14 -13.70 0.59 -4.91
CA LEU A 14 -13.10 -0.60 -4.30
C LEU A 14 -14.00 -1.20 -3.23
N PRO A 15 -13.77 -2.46 -2.82
CA PRO A 15 -14.56 -3.07 -1.77
C PRO A 15 -14.17 -2.45 -0.41
N PRO A 16 -15.00 -2.64 0.63
CA PRO A 16 -14.70 -2.11 1.93
C PRO A 16 -13.43 -2.77 2.47
N GLY A 17 -12.54 -1.96 3.03
CA GLY A 17 -11.28 -2.38 3.59
C GLY A 17 -10.09 -2.33 2.64
N TRP A 18 -10.31 -2.13 1.33
CA TRP A 18 -9.20 -2.03 0.38
C TRP A 18 -8.83 -0.55 0.19
N GLU A 19 -7.69 -0.30 -0.46
CA GLU A 19 -7.22 1.05 -0.73
C GLU A 19 -6.59 1.11 -2.13
N ARG A 20 -6.55 2.30 -2.72
CA ARG A 20 -5.97 2.60 -4.02
C ARG A 20 -4.98 3.72 -3.75
N VAL A 21 -3.76 3.54 -4.22
CA VAL A 21 -2.70 4.53 -4.04
C VAL A 21 -2.22 4.96 -5.42
N GLU A 22 -2.08 6.26 -5.64
CA GLU A 22 -1.58 6.83 -6.88
C GLU A 22 -0.18 7.36 -6.57
N SER A 23 0.73 7.16 -7.51
CA SER A 23 2.14 7.51 -7.47
C SER A 23 2.59 7.97 -8.87
N SER A 24 3.90 8.18 -9.02
CA SER A 24 4.57 8.57 -10.25
C SER A 24 5.70 7.57 -10.51
N GLU A 25 6.38 7.12 -9.44
CA GLU A 25 7.44 6.13 -9.53
C GLU A 25 6.79 4.77 -9.86
N PHE A 26 5.60 4.52 -9.32
CA PHE A 26 4.88 3.27 -9.52
C PHE A 26 3.59 3.40 -10.33
N GLY A 27 3.04 4.61 -10.48
CA GLY A 27 1.82 4.85 -11.24
C GLY A 27 0.61 4.68 -10.33
N THR A 28 0.12 3.45 -10.16
CA THR A 28 -1.04 3.19 -9.29
C THR A 28 -1.02 1.71 -8.86
N TYR A 29 -1.47 1.43 -7.64
CA TYR A 29 -1.57 0.06 -7.12
C TYR A 29 -2.65 0.00 -6.03
N TYR A 30 -3.08 -1.20 -5.63
CA TYR A 30 -4.10 -1.40 -4.61
C TYR A 30 -3.50 -2.16 -3.42
N VAL A 31 -3.94 -1.84 -2.21
CA VAL A 31 -3.48 -2.49 -0.98
C VAL A 31 -4.65 -3.08 -0.20
N ASP A 32 -4.40 -4.25 0.40
CA ASP A 32 -5.31 -5.03 1.21
C ASP A 32 -4.91 -4.93 2.66
N HIS A 33 -5.73 -4.29 3.47
CA HIS A 33 -5.43 -4.16 4.88
C HIS A 33 -5.65 -5.48 5.65
N THR A 34 -6.46 -6.40 5.15
CA THR A 34 -6.75 -7.67 5.83
C THR A 34 -5.54 -8.60 5.87
N ASN A 35 -4.72 -8.57 4.82
CA ASN A 35 -3.55 -9.43 4.69
C ASN A 35 -2.25 -8.64 4.53
N LYS A 36 -2.33 -7.30 4.55
CA LYS A 36 -1.21 -6.37 4.39
C LYS A 36 -0.45 -6.76 3.13
N ARG A 37 -1.16 -6.88 2.00
CA ARG A 37 -0.59 -7.23 0.71
C ARG A 37 -0.89 -6.13 -0.28
N ALA A 38 -0.07 -6.01 -1.32
CA ALA A 38 -0.20 -5.02 -2.38
C ALA A 38 -0.33 -5.76 -3.71
N GLN A 39 -1.18 -5.29 -4.63
CA GLN A 39 -1.37 -5.90 -5.95
C GLN A 39 -1.77 -4.84 -6.97
N TYR A 40 -1.35 -5.03 -8.23
CA TYR A 40 -1.60 -4.14 -9.37
C TYR A 40 -2.96 -4.41 -10.04
N ARG A 41 -3.56 -5.55 -9.70
CA ARG A 41 -4.84 -6.03 -10.18
C ARG A 41 -5.89 -5.64 -9.16
N HIS A 42 -7.07 -5.29 -9.64
CA HIS A 42 -8.17 -4.88 -8.78
C HIS A 42 -8.64 -6.09 -7.97
N PRO A 43 -9.02 -5.90 -6.69
CA PRO A 43 -9.49 -6.97 -5.81
C PRO A 43 -10.88 -7.49 -6.21
N SER A 44 -11.49 -8.30 -5.34
CA SER A 44 -12.82 -8.85 -5.53
C SER A 44 -13.69 -8.60 -4.28
N GLY A 45 -13.11 -8.56 -3.08
CA GLY A 45 -13.85 -8.33 -1.83
C GLY A 45 -14.99 -9.33 -1.60
N PRO A 46 -15.84 -9.09 -0.59
CA PRO A 46 -16.98 -9.94 -0.26
C PRO A 46 -18.12 -9.74 -1.28
N SER A 47 -18.77 -8.58 -1.23
CA SER A 47 -19.89 -8.12 -2.06
C SER A 47 -19.88 -6.58 -2.06
N SER A 48 -20.91 -5.96 -2.67
CA SER A 48 -21.07 -4.52 -2.72
C SER A 48 -21.27 -3.98 -1.29
N GLY A 49 -21.19 -2.66 -1.15
CA GLY A 49 -21.35 -1.93 0.09
C GLY A 49 -21.75 -0.54 -0.32
N GLY B 1 17.83 -9.80 10.27
CA GLY B 1 18.25 -8.45 9.87
C GLY B 1 18.57 -7.61 11.10
N SER B 2 19.71 -6.91 11.09
CA SER B 2 20.14 -6.07 12.21
C SER B 2 20.64 -4.73 11.71
N SER B 3 20.84 -3.78 12.63
CA SER B 3 21.28 -2.42 12.41
C SER B 3 20.36 -1.77 11.38
N GLY B 4 19.21 -1.31 11.84
CA GLY B 4 18.20 -0.66 11.05
C GLY B 4 17.54 0.42 11.88
N SER B 5 18.18 1.59 11.96
CA SER B 5 17.73 2.76 12.69
C SER B 5 16.40 3.24 12.10
N SER B 6 15.30 3.01 12.82
CA SER B 6 13.94 3.38 12.46
C SER B 6 13.27 3.80 13.78
N GLY B 7 12.24 4.66 13.77
CA GLY B 7 11.57 5.12 14.97
C GLY B 7 10.12 4.64 15.09
N PRO B 8 9.47 4.89 16.23
CA PRO B 8 8.07 4.50 16.44
C PRO B 8 7.20 5.22 15.42
N LEU B 9 7.56 6.47 15.12
CA LEU B 9 7.01 7.43 14.19
C LEU B 9 7.92 8.65 14.26
N GLU B 10 8.25 9.13 13.09
CA GLU B 10 9.11 10.24 12.71
C GLU B 10 8.39 10.99 11.59
N ARG B 11 9.05 11.91 10.86
CA ARG B 11 8.40 12.66 9.78
C ARG B 11 9.29 12.88 8.55
N GLU B 12 10.38 12.13 8.43
CA GLU B 12 11.32 12.20 7.31
C GLU B 12 10.74 11.58 6.03
N GLY B 13 11.53 11.57 4.96
CA GLY B 13 11.18 11.02 3.66
C GLY B 13 11.26 9.49 3.66
N LEU B 14 11.25 8.89 2.46
CA LEU B 14 11.32 7.44 2.28
C LEU B 14 12.41 7.06 1.27
N PRO B 15 12.90 5.82 1.32
CA PRO B 15 13.94 5.35 0.40
C PRO B 15 13.39 5.08 -1.01
N PRO B 16 14.29 4.97 -2.01
CA PRO B 16 13.90 4.66 -3.36
C PRO B 16 13.32 3.26 -3.31
N GLY B 17 12.14 3.08 -3.90
CA GLY B 17 11.43 1.81 -3.92
C GLY B 17 10.32 1.72 -2.88
N TRP B 18 10.09 2.74 -2.04
CA TRP B 18 9.03 2.75 -1.03
C TRP B 18 8.02 3.87 -1.30
N GLU B 19 6.87 3.80 -0.63
CA GLU B 19 5.81 4.79 -0.73
C GLU B 19 5.01 4.80 0.58
N ARG B 20 4.43 5.95 0.93
CA ARG B 20 3.61 6.15 2.12
C ARG B 20 2.17 6.21 1.62
N VAL B 21 1.23 5.78 2.45
CA VAL B 21 -0.18 5.78 2.14
C VAL B 21 -0.91 6.48 3.28
N GLU B 22 -1.51 7.63 3.03
CA GLU B 22 -2.28 8.36 4.02
C GLU B 22 -3.75 8.17 3.67
N SER B 23 -4.61 8.12 4.68
CA SER B 23 -6.03 7.93 4.54
C SER B 23 -6.74 8.49 5.78
N SER B 24 -8.02 8.17 5.91
CA SER B 24 -8.90 8.55 7.01
C SER B 24 -9.42 7.27 7.66
N GLU B 25 -9.83 6.29 6.84
CA GLU B 25 -10.37 5.02 7.29
C GLU B 25 -9.35 4.17 8.08
N PHE B 26 -8.05 4.38 7.84
CA PHE B 26 -6.97 3.63 8.47
C PHE B 26 -5.96 4.51 9.22
N GLY B 27 -5.71 5.73 8.74
CA GLY B 27 -4.79 6.70 9.34
C GLY B 27 -3.64 6.94 8.37
N THR B 28 -2.48 6.37 8.65
CA THR B 28 -1.29 6.52 7.81
C THR B 28 -0.42 5.26 7.93
N TYR B 29 0.10 4.73 6.82
CA TYR B 29 0.97 3.56 6.80
C TYR B 29 1.93 3.64 5.61
N TYR B 30 2.73 2.61 5.37
CA TYR B 30 3.71 2.54 4.30
C TYR B 30 3.58 1.21 3.57
N VAL B 31 4.01 1.15 2.32
CA VAL B 31 3.96 -0.05 1.49
C VAL B 31 5.32 -0.25 0.84
N ASP B 32 5.80 -1.49 0.89
CA ASP B 32 7.06 -1.95 0.35
C ASP B 32 6.86 -2.58 -1.01
N HIS B 33 7.35 -1.94 -2.07
CA HIS B 33 7.21 -2.53 -3.39
C HIS B 33 8.12 -3.76 -3.56
N THR B 34 9.15 -3.94 -2.72
CA THR B 34 10.10 -5.04 -2.75
C THR B 34 9.45 -6.37 -2.41
N ASN B 35 8.51 -6.37 -1.46
CA ASN B 35 7.84 -7.57 -0.98
C ASN B 35 6.32 -7.46 -1.03
N LYS B 36 5.77 -6.35 -1.57
CA LYS B 36 4.34 -6.06 -1.70
C LYS B 36 3.65 -6.19 -0.35
N ARG B 37 4.27 -5.67 0.72
CA ARG B 37 3.71 -5.72 2.07
C ARG B 37 3.38 -4.32 2.54
N ALA B 38 2.53 -4.22 3.56
CA ALA B 38 2.11 -2.96 4.16
C ALA B 38 2.46 -3.00 5.65
N GLN B 39 2.80 -1.87 6.25
CA GLN B 39 3.16 -1.76 7.67
C GLN B 39 2.95 -0.31 8.13
N TYR B 40 2.74 -0.07 9.42
CA TYR B 40 2.51 1.25 10.00
C TYR B 40 3.80 1.88 10.56
N ARG B 41 4.92 1.15 10.53
CA ARG B 41 6.21 1.63 11.02
C ARG B 41 7.04 1.97 9.80
N HIS B 42 7.80 3.05 9.87
CA HIS B 42 8.65 3.53 8.80
C HIS B 42 9.68 2.45 8.44
N PRO B 43 10.17 2.39 7.18
CA PRO B 43 11.17 1.41 6.78
C PRO B 43 12.53 1.72 7.44
N SER B 44 13.60 1.20 6.85
CA SER B 44 14.98 1.38 7.28
C SER B 44 15.80 1.77 6.06
N GLY B 45 15.78 0.89 5.05
CA GLY B 45 16.52 1.04 3.81
C GLY B 45 17.97 0.60 4.00
N PRO B 46 18.70 0.28 2.92
CA PRO B 46 20.08 -0.15 3.01
C PRO B 46 20.98 1.06 3.35
N SER B 47 20.60 2.23 2.80
CA SER B 47 21.18 3.56 2.89
C SER B 47 20.14 4.54 2.31
N SER B 48 20.39 5.84 2.44
CA SER B 48 19.54 6.89 1.90
C SER B 48 19.66 6.85 0.36
N GLY B 49 18.70 7.45 -0.36
CA GLY B 49 18.69 7.49 -1.82
C GLY B 49 18.65 8.92 -2.28
N GLY A 1 -20.73 -3.86 -0.21
CA GLY A 1 -21.77 -4.50 -1.01
C GLY A 1 -21.40 -5.93 -1.32
N SER A 2 -22.36 -6.75 -1.75
CA SER A 2 -22.11 -8.15 -2.08
C SER A 2 -21.46 -8.30 -3.46
N SER A 3 -21.03 -9.52 -3.74
CA SER A 3 -20.40 -9.98 -4.96
C SER A 3 -21.39 -10.94 -5.61
N GLY A 4 -21.71 -10.75 -6.89
CA GLY A 4 -22.65 -11.62 -7.59
C GLY A 4 -22.33 -11.91 -9.05
N SER A 5 -21.32 -11.26 -9.64
CA SER A 5 -20.95 -11.47 -11.03
C SER A 5 -19.45 -11.70 -11.16
N SER A 6 -19.10 -12.43 -12.22
CA SER A 6 -17.75 -12.78 -12.61
C SER A 6 -17.39 -11.95 -13.84
N GLY A 7 -16.12 -11.66 -14.04
CA GLY A 7 -15.67 -10.89 -15.19
C GLY A 7 -14.14 -10.83 -15.25
N PRO A 8 -13.57 -10.36 -16.37
CA PRO A 8 -12.13 -10.29 -16.53
C PRO A 8 -11.46 -9.28 -15.59
N LEU A 9 -12.04 -8.10 -15.42
CA LEU A 9 -11.52 -7.02 -14.58
C LEU A 9 -12.66 -6.05 -14.27
N GLU A 10 -12.37 -5.01 -13.49
CA GLU A 10 -13.35 -4.00 -13.09
C GLU A 10 -12.76 -2.61 -13.17
N ARG A 11 -13.65 -1.61 -13.18
CA ARG A 11 -13.31 -0.19 -13.23
C ARG A 11 -14.05 0.60 -12.15
N GLU A 12 -15.00 -0.04 -11.47
CA GLU A 12 -15.82 0.52 -10.42
C GLU A 12 -15.00 0.75 -9.14
N GLY A 13 -15.66 1.23 -8.09
CA GLY A 13 -15.03 1.49 -6.80
C GLY A 13 -14.58 0.19 -6.13
N LEU A 14 -13.64 0.26 -5.21
CA LEU A 14 -13.15 -0.93 -4.49
C LEU A 14 -14.10 -1.31 -3.37
N PRO A 15 -14.02 -2.56 -2.87
CA PRO A 15 -14.85 -2.96 -1.75
C PRO A 15 -14.35 -2.22 -0.50
N PRO A 16 -15.14 -2.17 0.58
CA PRO A 16 -14.73 -1.48 1.79
C PRO A 16 -13.48 -2.20 2.32
N GLY A 17 -12.62 -1.45 2.99
CA GLY A 17 -11.37 -1.94 3.56
C GLY A 17 -10.22 -1.96 2.54
N TRP A 18 -10.50 -1.99 1.23
CA TRP A 18 -9.46 -1.97 0.22
C TRP A 18 -9.12 -0.51 -0.09
N GLU A 19 -7.85 -0.23 -0.34
CA GLU A 19 -7.35 1.10 -0.64
C GLU A 19 -6.75 1.16 -2.05
N ARG A 20 -6.82 2.35 -2.66
CA ARG A 20 -6.28 2.65 -3.98
C ARG A 20 -5.22 3.70 -3.75
N VAL A 21 -3.99 3.36 -4.10
CA VAL A 21 -2.86 4.25 -3.97
C VAL A 21 -2.48 4.65 -5.39
N GLU A 22 -2.03 5.89 -5.54
CA GLU A 22 -1.58 6.51 -6.77
C GLU A 22 -0.20 7.08 -6.43
N SER A 23 0.75 6.96 -7.35
CA SER A 23 2.11 7.43 -7.15
C SER A 23 2.77 7.66 -8.50
N SER A 24 3.43 8.80 -8.74
CA SER A 24 4.08 9.05 -10.03
C SER A 24 5.15 8.00 -10.37
N GLU A 25 5.83 7.50 -9.34
CA GLU A 25 6.90 6.52 -9.45
C GLU A 25 6.45 5.09 -9.82
N PHE A 26 5.17 4.76 -9.67
CA PHE A 26 4.67 3.41 -9.96
C PHE A 26 3.41 3.37 -10.81
N GLY A 27 2.56 4.39 -10.70
CA GLY A 27 1.30 4.55 -11.40
C GLY A 27 0.16 4.53 -10.39
N THR A 28 -0.41 3.35 -10.19
CA THR A 28 -1.53 3.12 -9.27
C THR A 28 -1.40 1.68 -8.78
N TYR A 29 -1.52 1.40 -7.48
CA TYR A 29 -1.45 0.04 -6.92
C TYR A 29 -2.43 -0.10 -5.76
N TYR A 30 -3.07 -1.26 -5.60
CA TYR A 30 -4.06 -1.50 -4.55
C TYR A 30 -3.39 -2.20 -3.37
N VAL A 31 -3.98 -2.06 -2.17
CA VAL A 31 -3.48 -2.67 -0.94
C VAL A 31 -4.64 -3.38 -0.23
N ASP A 32 -4.32 -4.53 0.38
CA ASP A 32 -5.22 -5.41 1.13
C ASP A 32 -4.89 -5.22 2.60
N HIS A 33 -5.77 -4.58 3.37
CA HIS A 33 -5.54 -4.35 4.80
C HIS A 33 -5.67 -5.63 5.63
N THR A 34 -6.42 -6.63 5.17
CA THR A 34 -6.64 -7.89 5.88
C THR A 34 -5.37 -8.74 5.87
N ASN A 35 -4.67 -8.80 4.74
CA ASN A 35 -3.46 -9.60 4.58
C ASN A 35 -2.18 -8.76 4.57
N LYS A 36 -2.29 -7.43 4.51
CA LYS A 36 -1.19 -6.47 4.42
C LYS A 36 -0.35 -6.84 3.21
N ARG A 37 -1.00 -6.84 2.05
CA ARG A 37 -0.41 -7.17 0.74
C ARG A 37 -0.68 -6.02 -0.23
N ALA A 38 0.01 -6.02 -1.38
CA ALA A 38 -0.15 -5.04 -2.44
C ALA A 38 -0.26 -5.81 -3.77
N GLN A 39 -1.04 -5.31 -4.73
CA GLN A 39 -1.21 -5.95 -6.03
C GLN A 39 -1.48 -4.94 -7.16
N TYR A 40 -1.31 -5.41 -8.39
CA TYR A 40 -1.49 -4.64 -9.62
C TYR A 40 -2.80 -4.97 -10.35
N ARG A 41 -3.79 -5.56 -9.67
CA ARG A 41 -5.08 -5.90 -10.26
C ARG A 41 -6.20 -5.65 -9.26
N HIS A 42 -7.40 -5.36 -9.74
CA HIS A 42 -8.57 -5.10 -8.90
C HIS A 42 -8.86 -6.34 -8.05
N PRO A 43 -9.24 -6.19 -6.78
CA PRO A 43 -9.53 -7.30 -5.89
C PRO A 43 -10.74 -8.11 -6.37
N SER A 44 -10.48 -9.23 -7.03
CA SER A 44 -11.49 -10.14 -7.56
C SER A 44 -12.08 -11.05 -6.49
N GLY A 45 -11.66 -10.93 -5.22
CA GLY A 45 -12.14 -11.78 -4.14
C GLY A 45 -11.30 -13.07 -4.12
N PRO A 46 -11.67 -14.07 -3.31
CA PRO A 46 -10.99 -15.35 -3.19
C PRO A 46 -11.32 -16.27 -4.38
N SER A 47 -11.42 -15.72 -5.59
CA SER A 47 -11.73 -16.42 -6.82
C SER A 47 -10.85 -15.91 -7.96
N SER A 48 -10.88 -16.62 -9.09
CA SER A 48 -10.12 -16.26 -10.28
C SER A 48 -10.56 -14.87 -10.74
N GLY A 49 -11.86 -14.66 -10.75
CA GLY A 49 -12.52 -13.44 -11.16
C GLY A 49 -13.45 -13.80 -12.29
N GLY B 1 18.84 7.76 0.13
CA GLY B 1 19.79 8.08 1.21
C GLY B 1 20.70 6.88 1.42
N SER B 2 21.22 6.71 2.64
CA SER B 2 22.10 5.60 3.03
C SER B 2 22.08 5.56 4.55
N SER B 3 21.72 4.40 5.10
CA SER B 3 21.65 4.17 6.53
C SER B 3 23.04 4.29 7.16
N GLY B 4 23.11 4.51 8.47
CA GLY B 4 24.39 4.63 9.18
C GLY B 4 24.26 4.85 10.69
N SER B 5 23.06 5.03 11.23
CA SER B 5 22.80 5.25 12.65
C SER B 5 21.95 4.09 13.22
N SER B 6 21.51 4.19 14.47
CA SER B 6 20.69 3.23 15.17
C SER B 6 19.77 4.06 16.06
N GLY B 7 18.46 3.89 15.94
CA GLY B 7 17.49 4.64 16.72
C GLY B 7 16.18 3.88 16.88
N PRO B 8 15.33 4.27 17.83
CA PRO B 8 14.06 3.61 18.08
C PRO B 8 13.08 3.77 16.91
N LEU B 9 13.07 4.96 16.32
CA LEU B 9 12.26 5.39 15.20
C LEU B 9 12.88 6.69 14.66
N GLU B 10 12.35 7.18 13.54
CA GLU B 10 12.80 8.38 12.87
C GLU B 10 11.58 9.12 12.28
N ARG B 11 11.82 10.22 11.57
CA ARG B 11 10.79 11.05 10.95
C ARG B 11 11.12 11.55 9.54
N GLU B 12 12.36 11.34 9.08
CA GLU B 12 12.87 11.75 7.78
C GLU B 12 12.20 10.97 6.63
N GLY B 13 12.55 11.32 5.39
CA GLY B 13 12.04 10.72 4.16
C GLY B 13 12.27 9.22 4.03
N LEU B 14 11.71 8.64 2.97
CA LEU B 14 11.78 7.21 2.67
C LEU B 14 12.85 6.88 1.63
N PRO B 15 13.35 5.64 1.63
CA PRO B 15 14.32 5.19 0.66
C PRO B 15 13.64 5.08 -0.72
N PRO B 16 14.43 5.04 -1.80
CA PRO B 16 13.87 4.90 -3.13
C PRO B 16 13.17 3.55 -3.22
N GLY B 17 12.01 3.53 -3.87
CA GLY B 17 11.22 2.32 -4.01
C GLY B 17 10.21 2.14 -2.89
N TRP B 18 10.26 2.92 -1.80
CA TRP B 18 9.28 2.83 -0.72
C TRP B 18 8.28 3.97 -0.87
N GLU B 19 7.08 3.83 -0.30
CA GLU B 19 6.07 4.87 -0.37
C GLU B 19 5.23 4.90 0.92
N ARG B 20 4.77 6.09 1.33
CA ARG B 20 3.94 6.32 2.50
C ARG B 20 2.54 6.54 1.94
N VAL B 21 1.55 5.92 2.56
CA VAL B 21 0.16 5.98 2.15
C VAL B 21 -0.68 6.50 3.32
N GLU B 22 -1.38 7.61 3.11
CA GLU B 22 -2.25 8.22 4.10
C GLU B 22 -3.68 8.07 3.58
N SER B 23 -4.58 7.69 4.49
CA SER B 23 -5.99 7.46 4.23
C SER B 23 -6.80 7.95 5.42
N SER B 24 -7.91 8.66 5.23
CA SER B 24 -8.69 9.08 6.39
C SER B 24 -9.33 7.89 7.10
N GLU B 25 -9.61 6.80 6.39
CA GLU B 25 -10.23 5.60 6.94
C GLU B 25 -9.29 4.72 7.78
N PHE B 26 -7.97 4.84 7.58
CA PHE B 26 -6.99 4.02 8.31
C PHE B 26 -5.92 4.82 9.05
N GLY B 27 -5.65 6.06 8.68
CA GLY B 27 -4.67 6.94 9.27
C GLY B 27 -3.51 7.06 8.30
N THR B 28 -2.45 6.29 8.50
CA THR B 28 -1.26 6.28 7.64
C THR B 28 -0.53 4.95 7.84
N TYR B 29 0.08 4.42 6.78
CA TYR B 29 0.88 3.21 6.75
C TYR B 29 1.89 3.37 5.60
N TYR B 30 2.77 2.40 5.39
CA TYR B 30 3.77 2.40 4.33
C TYR B 30 3.66 1.09 3.57
N VAL B 31 4.13 1.06 2.34
CA VAL B 31 4.09 -0.14 1.50
C VAL B 31 5.47 -0.35 0.89
N ASP B 32 5.96 -1.58 1.01
CA ASP B 32 7.24 -2.08 0.52
C ASP B 32 7.02 -2.63 -0.87
N HIS B 33 7.41 -1.93 -1.92
CA HIS B 33 7.21 -2.43 -3.28
C HIS B 33 8.04 -3.69 -3.55
N THR B 34 9.17 -3.88 -2.88
CA THR B 34 10.05 -5.03 -3.06
C THR B 34 9.42 -6.33 -2.55
N ASN B 35 8.49 -6.26 -1.60
CA ASN B 35 7.85 -7.43 -1.02
C ASN B 35 6.32 -7.37 -1.09
N LYS B 36 5.79 -6.26 -1.61
CA LYS B 36 4.37 -5.96 -1.76
C LYS B 36 3.64 -6.17 -0.43
N ARG B 37 4.13 -5.56 0.65
CA ARG B 37 3.52 -5.68 1.98
C ARG B 37 3.28 -4.31 2.56
N ALA B 38 2.39 -4.21 3.55
CA ALA B 38 2.02 -2.97 4.21
C ALA B 38 2.40 -3.03 5.70
N GLN B 39 2.92 -1.94 6.27
CA GLN B 39 3.32 -1.85 7.69
C GLN B 39 3.01 -0.46 8.23
N TYR B 40 2.91 -0.33 9.55
CA TYR B 40 2.59 0.91 10.26
C TYR B 40 3.82 1.63 10.85
N ARG B 41 5.05 1.28 10.45
CA ARG B 41 6.28 1.92 10.97
C ARG B 41 7.24 2.26 9.83
N HIS B 42 8.06 3.29 9.98
CA HIS B 42 9.02 3.72 8.96
C HIS B 42 10.01 2.59 8.64
N PRO B 43 10.45 2.42 7.38
CA PRO B 43 11.39 1.36 7.00
C PRO B 43 12.77 1.55 7.65
N SER B 44 13.16 0.57 8.44
CA SER B 44 14.42 0.47 9.18
C SER B 44 15.32 -0.65 8.63
N GLY B 45 14.90 -1.30 7.53
CA GLY B 45 15.65 -2.38 6.89
C GLY B 45 15.79 -3.61 7.79
N PRO B 46 16.59 -4.60 7.38
CA PRO B 46 16.83 -5.82 8.14
C PRO B 46 17.76 -5.51 9.32
N SER B 47 17.20 -4.94 10.38
CA SER B 47 17.86 -4.57 11.62
C SER B 47 16.79 -4.47 12.71
N SER B 48 17.21 -4.23 13.95
CA SER B 48 16.38 -4.08 15.14
C SER B 48 16.25 -2.62 15.58
N GLY B 49 16.75 -1.67 14.77
CA GLY B 49 16.71 -0.25 15.06
C GLY B 49 17.87 0.07 15.98
N GLY A 1 -5.59 -12.66 -13.91
CA GLY A 1 -6.70 -12.84 -14.85
C GLY A 1 -6.27 -13.79 -15.95
N SER A 2 -6.97 -14.92 -16.09
CA SER A 2 -6.69 -15.94 -17.10
C SER A 2 -7.34 -15.63 -18.44
N SER A 3 -8.20 -14.60 -18.51
CA SER A 3 -8.87 -14.17 -19.73
C SER A 3 -8.59 -12.68 -19.95
N GLY A 4 -8.86 -12.17 -21.16
CA GLY A 4 -8.64 -10.78 -21.54
C GLY A 4 -9.88 -10.07 -22.05
N SER A 5 -11.00 -10.78 -22.22
CA SER A 5 -12.26 -10.22 -22.70
C SER A 5 -12.90 -9.31 -21.66
N SER A 6 -13.94 -8.58 -22.07
CA SER A 6 -14.70 -7.67 -21.22
C SER A 6 -15.28 -8.47 -20.05
N GLY A 7 -15.07 -8.04 -18.81
CA GLY A 7 -15.59 -8.75 -17.64
C GLY A 7 -17.10 -8.51 -17.50
N PRO A 8 -17.77 -9.15 -16.53
CA PRO A 8 -19.21 -8.99 -16.33
C PRO A 8 -19.58 -7.55 -15.92
N LEU A 9 -19.17 -7.14 -14.72
CA LEU A 9 -19.44 -5.85 -14.11
C LEU A 9 -18.23 -4.91 -14.25
N GLU A 10 -18.36 -3.70 -13.73
CA GLU A 10 -17.31 -2.68 -13.77
C GLU A 10 -16.25 -2.95 -12.69
N ARG A 11 -15.31 -2.02 -12.56
CA ARG A 11 -14.22 -2.05 -11.60
C ARG A 11 -14.17 -0.73 -10.82
N GLU A 12 -15.29 -0.01 -10.75
CA GLU A 12 -15.40 1.26 -10.06
C GLU A 12 -16.00 1.01 -8.69
N GLY A 13 -15.47 1.69 -7.67
CA GLY A 13 -15.93 1.57 -6.30
C GLY A 13 -15.33 0.33 -5.64
N LEU A 14 -14.17 0.48 -4.99
CA LEU A 14 -13.51 -0.64 -4.30
C LEU A 14 -14.33 -1.04 -3.08
N PRO A 15 -14.15 -2.27 -2.58
CA PRO A 15 -14.87 -2.72 -1.39
C PRO A 15 -14.29 -2.02 -0.15
N PRO A 16 -15.01 -2.06 0.99
CA PRO A 16 -14.57 -1.45 2.24
C PRO A 16 -13.37 -2.22 2.79
N GLY A 17 -12.23 -1.54 2.90
CA GLY A 17 -10.97 -2.07 3.41
C GLY A 17 -9.87 -1.97 2.37
N TRP A 18 -10.23 -1.90 1.08
CA TRP A 18 -9.25 -1.79 0.01
C TRP A 18 -8.94 -0.33 -0.26
N GLU A 19 -7.66 -0.05 -0.44
CA GLU A 19 -7.13 1.29 -0.70
C GLU A 19 -6.42 1.34 -2.05
N ARG A 20 -6.59 2.42 -2.82
CA ARG A 20 -5.94 2.56 -4.12
C ARG A 20 -4.87 3.62 -3.95
N VAL A 21 -3.64 3.25 -4.22
CA VAL A 21 -2.52 4.15 -4.12
C VAL A 21 -2.28 4.68 -5.53
N GLU A 22 -1.97 5.97 -5.63
CA GLU A 22 -1.70 6.71 -6.84
C GLU A 22 -0.34 7.36 -6.59
N SER A 23 0.67 7.02 -7.39
CA SER A 23 2.03 7.50 -7.25
C SER A 23 2.65 7.79 -8.61
N SER A 24 3.83 8.42 -8.65
CA SER A 24 4.51 8.71 -9.91
C SER A 24 5.33 7.49 -10.31
N GLU A 25 6.34 7.16 -9.50
CA GLU A 25 7.28 6.05 -9.68
C GLU A 25 6.64 4.65 -9.73
N PHE A 26 5.39 4.52 -9.28
CA PHE A 26 4.67 3.24 -9.24
C PHE A 26 3.35 3.29 -10.03
N GLY A 27 2.89 4.49 -10.38
CA GLY A 27 1.67 4.74 -11.14
C GLY A 27 0.43 4.56 -10.29
N THR A 28 -0.06 3.33 -10.17
CA THR A 28 -1.26 3.07 -9.39
C THR A 28 -1.27 1.61 -8.95
N TYR A 29 -1.62 1.30 -7.70
CA TYR A 29 -1.69 -0.08 -7.20
C TYR A 29 -2.77 -0.19 -6.13
N TYR A 30 -3.04 -1.40 -5.63
CA TYR A 30 -4.06 -1.67 -4.63
C TYR A 30 -3.45 -2.37 -3.42
N VAL A 31 -3.99 -2.14 -2.24
CA VAL A 31 -3.52 -2.72 -0.98
C VAL A 31 -4.70 -3.41 -0.27
N ASP A 32 -4.42 -4.54 0.38
CA ASP A 32 -5.36 -5.36 1.15
C ASP A 32 -5.00 -5.12 2.62
N HIS A 33 -5.88 -4.49 3.38
CA HIS A 33 -5.62 -4.19 4.80
C HIS A 33 -5.71 -5.42 5.69
N THR A 34 -6.45 -6.45 5.29
CA THR A 34 -6.65 -7.67 6.07
C THR A 34 -5.37 -8.50 6.18
N ASN A 35 -4.55 -8.55 5.13
CA ASN A 35 -3.32 -9.31 5.09
C ASN A 35 -2.10 -8.42 4.89
N LYS A 36 -2.29 -7.11 4.72
CA LYS A 36 -1.24 -6.12 4.51
C LYS A 36 -0.44 -6.47 3.27
N ARG A 37 -1.09 -6.72 2.12
CA ARG A 37 -0.42 -7.06 0.87
C ARG A 37 -0.70 -6.02 -0.20
N ALA A 38 0.10 -5.97 -1.27
CA ALA A 38 -0.05 -5.03 -2.38
C ALA A 38 -0.17 -5.87 -3.66
N GLN A 39 -0.92 -5.38 -4.66
CA GLN A 39 -1.09 -6.07 -5.94
C GLN A 39 -1.39 -5.08 -7.07
N TYR A 40 -1.08 -5.50 -8.30
CA TYR A 40 -1.25 -4.72 -9.53
C TYR A 40 -2.59 -5.07 -10.23
N ARG A 41 -3.60 -5.50 -9.48
CA ARG A 41 -4.91 -5.85 -10.03
C ARG A 41 -6.01 -5.43 -9.07
N HIS A 42 -7.15 -5.03 -9.60
CA HIS A 42 -8.30 -4.61 -8.80
C HIS A 42 -8.69 -5.85 -7.97
N PRO A 43 -9.08 -5.70 -6.70
CA PRO A 43 -9.42 -6.81 -5.84
C PRO A 43 -10.49 -7.76 -6.35
N SER A 44 -11.68 -7.25 -6.65
CA SER A 44 -12.81 -8.05 -7.12
C SER A 44 -12.46 -8.89 -8.35
N GLY A 45 -12.25 -8.27 -9.51
CA GLY A 45 -11.95 -9.01 -10.71
C GLY A 45 -13.21 -9.72 -11.23
N PRO A 46 -13.03 -10.60 -12.22
CA PRO A 46 -14.13 -11.34 -12.80
C PRO A 46 -14.61 -12.34 -11.75
N SER A 47 -15.91 -12.30 -11.45
CA SER A 47 -16.53 -13.16 -10.47
C SER A 47 -18.04 -13.22 -10.79
N SER A 48 -18.82 -13.90 -9.96
CA SER A 48 -20.26 -14.06 -10.12
C SER A 48 -20.84 -14.21 -8.71
N GLY A 49 -20.81 -15.42 -8.13
CA GLY A 49 -21.32 -15.72 -6.80
C GLY A 49 -20.20 -15.68 -5.78
N GLY B 1 8.83 -3.33 17.08
CA GLY B 1 9.74 -2.32 17.63
C GLY B 1 9.88 -2.43 19.14
N SER B 2 10.95 -1.83 19.68
CA SER B 2 11.31 -1.83 21.08
C SER B 2 11.57 -0.38 21.53
N SER B 3 12.50 -0.21 22.48
CA SER B 3 13.01 0.98 23.15
C SER B 3 12.45 2.29 22.57
N GLY B 4 11.47 2.86 23.28
CA GLY B 4 10.79 4.10 22.91
C GLY B 4 11.62 5.37 23.08
N SER B 5 12.92 5.25 23.34
CA SER B 5 13.84 6.36 23.51
C SER B 5 14.13 7.07 22.18
N SER B 6 14.89 8.16 22.26
CA SER B 6 15.28 8.97 21.12
C SER B 6 16.05 8.14 20.10
N GLY B 7 15.69 8.28 18.82
CA GLY B 7 16.34 7.58 17.72
C GLY B 7 17.67 8.28 17.40
N PRO B 8 18.48 7.73 16.50
CA PRO B 8 19.76 8.32 16.13
C PRO B 8 19.62 9.66 15.40
N LEU B 9 18.73 9.72 14.41
CA LEU B 9 18.49 10.90 13.57
C LEU B 9 17.00 11.04 13.24
N GLU B 10 16.62 11.78 12.19
CA GLU B 10 15.21 11.94 11.83
C GLU B 10 14.57 10.60 11.49
N ARG B 11 13.24 10.60 11.45
CA ARG B 11 12.41 9.44 11.20
C ARG B 11 11.49 9.76 10.03
N GLU B 12 12.05 10.34 8.95
CA GLU B 12 11.35 10.76 7.74
C GLU B 12 12.17 10.43 6.49
N GLY B 13 11.65 10.81 5.31
CA GLY B 13 12.25 10.60 4.00
C GLY B 13 12.25 9.11 3.64
N LEU B 14 11.18 8.61 3.01
CA LEU B 14 11.15 7.21 2.65
C LEU B 14 12.15 6.91 1.53
N PRO B 15 12.74 5.72 1.54
CA PRO B 15 13.70 5.32 0.53
C PRO B 15 13.06 5.14 -0.86
N PRO B 16 13.88 5.20 -1.93
CA PRO B 16 13.46 5.04 -3.31
C PRO B 16 13.06 3.58 -3.59
N GLY B 17 11.81 3.26 -3.27
CA GLY B 17 11.19 1.94 -3.40
C GLY B 17 10.13 1.70 -2.33
N TRP B 18 9.85 2.71 -1.50
CA TRP B 18 8.85 2.69 -0.45
C TRP B 18 7.94 3.87 -0.72
N GLU B 19 6.72 3.82 -0.21
CA GLU B 19 5.73 4.88 -0.38
C GLU B 19 4.89 5.04 0.88
N ARG B 20 4.33 6.23 1.08
CA ARG B 20 3.48 6.59 2.21
C ARG B 20 2.06 6.73 1.67
N VAL B 21 1.15 5.95 2.24
CA VAL B 21 -0.26 5.94 1.89
C VAL B 21 -0.96 6.71 3.01
N GLU B 22 -1.82 7.65 2.66
CA GLU B 22 -2.57 8.51 3.56
C GLU B 22 -4.07 8.33 3.30
N SER B 23 -4.83 8.02 4.35
CA SER B 23 -6.27 7.80 4.29
C SER B 23 -6.94 8.25 5.60
N SER B 24 -8.25 8.03 5.73
CA SER B 24 -9.00 8.36 6.94
C SER B 24 -9.49 7.07 7.62
N GLU B 25 -9.74 6.01 6.85
CA GLU B 25 -10.17 4.73 7.40
C GLU B 25 -8.95 3.98 7.97
N PHE B 26 -7.74 4.42 7.62
CA PHE B 26 -6.47 3.82 8.02
C PHE B 26 -5.45 4.81 8.59
N GLY B 27 -5.59 6.10 8.32
CA GLY B 27 -4.70 7.14 8.81
C GLY B 27 -3.49 7.28 7.92
N THR B 28 -2.41 6.58 8.27
CA THR B 28 -1.16 6.61 7.53
C THR B 28 -0.41 5.30 7.69
N TYR B 29 0.06 4.71 6.58
CA TYR B 29 0.86 3.48 6.62
C TYR B 29 1.83 3.51 5.45
N TYR B 30 2.76 2.54 5.38
CA TYR B 30 3.76 2.47 4.33
C TYR B 30 3.64 1.17 3.57
N VAL B 31 4.13 1.15 2.33
CA VAL B 31 4.12 -0.02 1.46
C VAL B 31 5.51 -0.20 0.88
N ASP B 32 5.92 -1.47 0.81
CA ASP B 32 7.20 -1.95 0.31
C ASP B 32 7.00 -2.50 -1.10
N HIS B 33 7.58 -1.85 -2.11
CA HIS B 33 7.43 -2.30 -3.49
C HIS B 33 8.30 -3.52 -3.85
N THR B 34 9.26 -3.89 -3.02
CA THR B 34 10.16 -5.01 -3.25
C THR B 34 9.60 -6.32 -2.68
N ASN B 35 8.68 -6.24 -1.70
CA ASN B 35 8.05 -7.41 -1.08
C ASN B 35 6.52 -7.34 -1.19
N LYS B 36 5.96 -6.24 -1.69
CA LYS B 36 4.51 -5.99 -1.85
C LYS B 36 3.75 -6.23 -0.56
N ARG B 37 4.20 -5.59 0.54
CA ARG B 37 3.57 -5.72 1.85
C ARG B 37 3.39 -4.34 2.47
N ALA B 38 2.40 -4.18 3.35
CA ALA B 38 2.08 -2.94 4.04
C ALA B 38 2.55 -3.06 5.49
N GLN B 39 2.85 -1.93 6.15
CA GLN B 39 3.25 -1.91 7.56
C GLN B 39 3.03 -0.54 8.18
N TYR B 40 2.81 -0.54 9.49
CA TYR B 40 2.56 0.66 10.29
C TYR B 40 3.85 1.18 10.96
N ARG B 41 5.03 0.94 10.37
CA ARG B 41 6.31 1.40 10.92
C ARG B 41 7.22 1.79 9.78
N HIS B 42 8.07 2.79 9.98
CA HIS B 42 8.97 3.28 8.93
C HIS B 42 9.98 2.19 8.57
N PRO B 43 10.35 2.04 7.29
CA PRO B 43 11.30 1.02 6.85
C PRO B 43 12.71 1.20 7.40
N SER B 44 13.18 2.44 7.52
CA SER B 44 14.51 2.76 8.02
C SER B 44 14.61 2.31 9.49
N GLY B 45 14.02 3.07 10.43
CA GLY B 45 14.09 2.73 11.83
C GLY B 45 15.48 2.97 12.40
N PRO B 46 15.73 2.61 13.67
CA PRO B 46 17.03 2.80 14.29
C PRO B 46 18.07 1.93 13.58
N SER B 47 19.26 2.49 13.36
CA SER B 47 20.43 1.90 12.71
C SER B 47 21.64 2.79 13.03
N SER B 48 22.83 2.40 12.61
CA SER B 48 24.07 3.15 12.81
C SER B 48 25.04 2.91 11.65
N GLY B 49 25.09 1.70 11.10
CA GLY B 49 25.94 1.32 9.97
C GLY B 49 25.05 0.76 8.90
N GLY A 1 0.38 -10.95 -15.78
CA GLY A 1 -1.06 -10.98 -15.96
C GLY A 1 -1.50 -9.89 -16.92
N SER A 2 -2.70 -9.35 -16.73
CA SER A 2 -3.21 -8.28 -17.57
C SER A 2 -4.15 -7.38 -16.77
N SER A 3 -4.54 -6.26 -17.39
CA SER A 3 -5.43 -5.22 -16.87
C SER A 3 -6.34 -4.77 -18.02
N GLY A 4 -7.35 -3.94 -17.74
CA GLY A 4 -8.26 -3.46 -18.78
C GLY A 4 -9.31 -2.52 -18.18
N SER A 5 -10.04 -1.81 -19.06
CA SER A 5 -11.08 -0.84 -18.71
C SER A 5 -10.59 0.26 -17.76
N SER A 6 -9.29 0.51 -17.70
CA SER A 6 -8.68 1.50 -16.84
C SER A 6 -9.25 2.90 -17.13
N GLY A 7 -9.27 3.77 -16.13
CA GLY A 7 -9.78 5.14 -16.23
C GLY A 7 -9.68 5.82 -14.87
N PRO A 8 -10.22 7.04 -14.72
CA PRO A 8 -10.19 7.74 -13.45
C PRO A 8 -11.04 6.98 -12.44
N LEU A 9 -12.34 6.89 -12.72
CA LEU A 9 -13.40 6.25 -11.96
C LEU A 9 -14.40 5.66 -12.97
N GLU A 10 -15.13 4.62 -12.58
CA GLU A 10 -16.12 3.91 -13.38
C GLU A 10 -16.92 3.02 -12.41
N ARG A 11 -17.51 3.65 -11.39
CA ARG A 11 -18.31 3.07 -10.31
C ARG A 11 -17.66 1.90 -9.55
N GLU A 12 -16.38 1.59 -9.82
CA GLU A 12 -15.61 0.51 -9.25
C GLU A 12 -15.28 0.59 -7.76
N GLY A 13 -15.80 1.58 -7.01
CA GLY A 13 -15.63 1.83 -5.57
C GLY A 13 -15.29 0.56 -4.80
N LEU A 14 -14.02 0.42 -4.44
CA LEU A 14 -13.39 -0.70 -3.74
C LEU A 14 -14.11 -1.16 -2.48
N PRO A 15 -13.92 -2.44 -2.09
CA PRO A 15 -14.54 -2.98 -0.88
C PRO A 15 -13.87 -2.40 0.37
N PRO A 16 -14.49 -2.54 1.55
CA PRO A 16 -13.94 -2.01 2.78
C PRO A 16 -12.69 -2.82 3.14
N GLY A 17 -11.59 -2.10 3.30
CA GLY A 17 -10.28 -2.65 3.62
C GLY A 17 -9.33 -2.55 2.43
N TRP A 18 -9.82 -2.22 1.24
CA TRP A 18 -8.98 -2.07 0.06
C TRP A 18 -8.81 -0.59 -0.23
N GLU A 19 -7.67 -0.24 -0.83
CA GLU A 19 -7.32 1.12 -1.20
C GLU A 19 -6.56 1.10 -2.52
N ARG A 20 -6.54 2.21 -3.26
CA ARG A 20 -5.86 2.37 -4.54
C ARG A 20 -4.80 3.43 -4.34
N VAL A 21 -3.54 3.10 -4.59
CA VAL A 21 -2.43 4.03 -4.47
C VAL A 21 -2.21 4.57 -5.87
N GLU A 22 -2.19 5.88 -6.02
CA GLU A 22 -1.95 6.57 -7.28
C GLU A 22 -0.77 7.49 -6.99
N SER A 23 0.35 7.25 -7.66
CA SER A 23 1.60 7.99 -7.52
C SER A 23 2.29 8.22 -8.86
N SER A 24 3.12 9.26 -8.99
CA SER A 24 3.82 9.55 -10.23
C SER A 24 5.03 8.63 -10.47
N GLU A 25 5.56 7.97 -9.43
CA GLU A 25 6.71 7.09 -9.56
C GLU A 25 6.28 5.68 -10.02
N PHE A 26 5.34 5.08 -9.30
CA PHE A 26 4.83 3.73 -9.54
C PHE A 26 3.58 3.66 -10.40
N GLY A 27 2.95 4.80 -10.65
CA GLY A 27 1.75 4.91 -11.45
C GLY A 27 0.58 4.59 -10.55
N THR A 28 0.16 3.33 -10.50
CA THR A 28 -0.97 2.92 -9.67
C THR A 28 -0.89 1.44 -9.30
N TYR A 29 -1.40 1.10 -8.12
CA TYR A 29 -1.51 -0.25 -7.58
C TYR A 29 -2.55 -0.26 -6.45
N TYR A 30 -2.83 -1.39 -5.81
CA TYR A 30 -3.81 -1.50 -4.74
C TYR A 30 -3.17 -2.13 -3.50
N VAL A 31 -3.77 -1.91 -2.33
CA VAL A 31 -3.31 -2.44 -1.06
C VAL A 31 -4.51 -3.07 -0.35
N ASP A 32 -4.25 -4.20 0.30
CA ASP A 32 -5.17 -5.00 1.09
C ASP A 32 -4.82 -4.88 2.55
N HIS A 33 -5.71 -4.34 3.37
CA HIS A 33 -5.44 -4.23 4.79
C HIS A 33 -5.75 -5.55 5.53
N THR A 34 -6.45 -6.50 4.92
CA THR A 34 -6.79 -7.77 5.57
C THR A 34 -5.56 -8.63 5.73
N ASN A 35 -4.77 -8.78 4.66
CA ASN A 35 -3.55 -9.59 4.62
C ASN A 35 -2.30 -8.72 4.57
N LYS A 36 -2.45 -7.39 4.51
CA LYS A 36 -1.38 -6.42 4.44
C LYS A 36 -0.49 -6.71 3.24
N ARG A 37 -1.10 -6.82 2.05
CA ARG A 37 -0.39 -7.08 0.81
C ARG A 37 -0.65 -5.95 -0.16
N ALA A 38 0.15 -5.88 -1.22
CA ALA A 38 0.05 -4.89 -2.28
C ALA A 38 -0.02 -5.67 -3.60
N GLN A 39 -0.87 -5.25 -4.54
CA GLN A 39 -0.98 -5.91 -5.84
C GLN A 39 -1.41 -4.92 -6.91
N TYR A 40 -1.00 -5.19 -8.15
CA TYR A 40 -1.30 -4.35 -9.30
C TYR A 40 -2.69 -4.60 -9.92
N ARG A 41 -3.56 -5.41 -9.31
CA ARG A 41 -4.88 -5.71 -9.88
C ARG A 41 -6.02 -5.44 -8.91
N HIS A 42 -7.18 -5.15 -9.50
CA HIS A 42 -8.41 -4.85 -8.79
C HIS A 42 -8.83 -6.06 -7.95
N PRO A 43 -9.32 -5.87 -6.72
CA PRO A 43 -9.74 -6.96 -5.84
C PRO A 43 -10.99 -7.72 -6.31
N SER A 44 -11.36 -8.73 -5.53
CA SER A 44 -12.49 -9.60 -5.76
C SER A 44 -13.41 -9.64 -4.53
N GLY A 45 -13.07 -10.40 -3.47
CA GLY A 45 -13.88 -10.50 -2.27
C GLY A 45 -13.42 -11.63 -1.34
N PRO A 46 -14.01 -11.75 -0.14
CA PRO A 46 -13.66 -12.77 0.85
C PRO A 46 -14.33 -14.12 0.60
N SER A 47 -15.47 -14.15 -0.10
CA SER A 47 -16.29 -15.30 -0.47
C SER A 47 -17.49 -14.75 -1.23
N SER A 48 -18.25 -15.59 -1.92
CA SER A 48 -19.45 -15.20 -2.63
C SER A 48 -20.56 -16.16 -2.19
N GLY A 49 -20.31 -17.47 -2.29
CA GLY A 49 -21.24 -18.51 -1.88
C GLY A 49 -20.94 -18.87 -0.44
N GLY B 1 3.36 -2.87 19.52
CA GLY B 1 3.73 -1.85 18.53
C GLY B 1 4.80 -0.94 19.13
N SER B 2 5.09 0.16 18.45
CA SER B 2 6.06 1.17 18.84
C SER B 2 5.66 2.48 18.19
N SER B 3 6.25 3.60 18.60
CA SER B 3 5.94 4.93 18.07
C SER B 3 7.09 5.91 18.34
N GLY B 4 6.95 7.17 17.93
CA GLY B 4 7.93 8.23 18.10
C GLY B 4 7.34 9.54 17.58
N SER B 5 8.17 10.60 17.53
CA SER B 5 7.79 11.92 17.07
C SER B 5 7.07 11.82 15.73
N SER B 6 5.85 12.37 15.67
CA SER B 6 4.97 12.37 14.51
C SER B 6 5.04 13.72 13.80
N GLY B 7 4.31 13.85 12.69
CA GLY B 7 4.24 15.07 11.90
C GLY B 7 4.20 14.79 10.41
N PRO B 8 3.82 15.81 9.60
CA PRO B 8 3.73 15.67 8.15
C PRO B 8 5.08 15.35 7.52
N LEU B 9 6.15 15.97 8.04
CA LEU B 9 7.52 15.84 7.60
C LEU B 9 8.43 15.93 8.81
N GLU B 10 9.56 15.22 8.76
CA GLU B 10 10.53 15.15 9.83
C GLU B 10 11.90 14.67 9.32
N ARG B 11 12.29 15.04 8.09
CA ARG B 11 13.54 14.67 7.41
C ARG B 11 13.74 13.15 7.33
N GLU B 12 12.64 12.41 7.37
CA GLU B 12 12.51 10.96 7.35
C GLU B 12 12.27 10.41 5.93
N GLY B 13 12.91 11.03 4.93
CA GLY B 13 12.81 10.65 3.52
C GLY B 13 12.90 9.15 3.32
N LEU B 14 11.82 8.52 2.87
CA LEU B 14 11.74 7.08 2.64
C LEU B 14 12.79 6.58 1.64
N PRO B 15 13.17 5.30 1.72
CA PRO B 15 14.13 4.77 0.77
C PRO B 15 13.46 4.67 -0.61
N PRO B 16 14.24 4.67 -1.69
CA PRO B 16 13.68 4.54 -3.02
C PRO B 16 13.09 3.13 -3.08
N GLY B 17 11.93 3.01 -3.71
CA GLY B 17 11.23 1.74 -3.83
C GLY B 17 10.20 1.55 -2.72
N TRP B 18 10.07 2.48 -1.75
CA TRP B 18 9.07 2.42 -0.70
C TRP B 18 8.03 3.50 -1.02
N GLU B 19 6.89 3.46 -0.35
CA GLU B 19 5.83 4.45 -0.56
C GLU B 19 5.15 4.73 0.78
N ARG B 20 4.55 5.91 0.91
CA ARG B 20 3.83 6.36 2.09
C ARG B 20 2.41 6.62 1.62
N VAL B 21 1.43 6.14 2.36
CA VAL B 21 0.02 6.31 2.04
C VAL B 21 -0.65 6.95 3.25
N GLU B 22 -1.52 7.93 3.02
CA GLU B 22 -2.30 8.63 4.02
C GLU B 22 -3.75 8.54 3.57
N SER B 23 -4.64 8.23 4.51
CA SER B 23 -6.08 8.04 4.34
C SER B 23 -6.81 8.41 5.65
N SER B 24 -8.15 8.31 5.68
CA SER B 24 -8.94 8.61 6.88
C SER B 24 -9.57 7.35 7.46
N GLU B 25 -9.79 6.30 6.66
CA GLU B 25 -10.38 5.05 7.14
C GLU B 25 -9.34 4.24 7.95
N PHE B 26 -8.05 4.50 7.69
CA PHE B 26 -6.92 3.84 8.31
C PHE B 26 -5.99 4.82 9.03
N GLY B 27 -5.50 5.87 8.36
CA GLY B 27 -4.60 6.87 8.96
C GLY B 27 -3.38 7.05 8.05
N THR B 28 -2.22 6.51 8.40
CA THR B 28 -1.01 6.62 7.58
C THR B 28 -0.22 5.31 7.69
N TYR B 29 0.18 4.75 6.56
CA TYR B 29 0.97 3.53 6.50
C TYR B 29 2.03 3.66 5.41
N TYR B 30 2.87 2.63 5.32
CA TYR B 30 3.97 2.54 4.39
C TYR B 30 3.84 1.23 3.64
N VAL B 31 4.19 1.24 2.35
CA VAL B 31 4.12 0.06 1.48
C VAL B 31 5.52 -0.27 0.96
N ASP B 32 5.83 -1.56 1.02
CA ASP B 32 7.06 -2.17 0.55
C ASP B 32 6.74 -2.77 -0.80
N HIS B 33 7.18 -2.13 -1.88
CA HIS B 33 6.94 -2.63 -3.23
C HIS B 33 7.80 -3.85 -3.55
N THR B 34 8.94 -4.03 -2.89
CA THR B 34 9.87 -5.13 -3.10
C THR B 34 9.31 -6.44 -2.56
N ASN B 35 8.59 -6.41 -1.44
CA ASN B 35 8.01 -7.57 -0.79
C ASN B 35 6.48 -7.54 -0.78
N LYS B 36 5.87 -6.52 -1.39
CA LYS B 36 4.42 -6.30 -1.47
C LYS B 36 3.79 -6.47 -0.10
N ARG B 37 4.19 -5.62 0.85
CA ARG B 37 3.69 -5.64 2.23
C ARG B 37 3.21 -4.25 2.63
N ALA B 38 2.38 -4.17 3.67
CA ALA B 38 1.82 -2.93 4.20
C ALA B 38 2.06 -2.91 5.72
N GLN B 39 2.58 -1.81 6.25
CA GLN B 39 2.84 -1.67 7.69
C GLN B 39 2.62 -0.23 8.14
N TYR B 40 2.19 -0.05 9.38
CA TYR B 40 1.91 1.24 10.01
C TYR B 40 3.15 1.78 10.75
N ARG B 41 4.35 1.38 10.30
CA ARG B 41 5.65 1.76 10.87
C ARG B 41 6.62 2.05 9.72
N HIS B 42 7.61 2.90 9.97
CA HIS B 42 8.62 3.30 8.99
C HIS B 42 9.56 2.13 8.63
N PRO B 43 10.06 2.04 7.38
CA PRO B 43 10.98 0.99 6.94
C PRO B 43 12.40 1.12 7.53
N SER B 44 13.33 0.27 7.08
CA SER B 44 14.72 0.26 7.52
C SER B 44 15.69 0.37 6.34
N GLY B 45 15.38 -0.29 5.21
CA GLY B 45 16.19 -0.29 4.00
C GLY B 45 16.46 -1.73 3.52
N PRO B 46 17.17 -1.89 2.38
CA PRO B 46 17.52 -3.20 1.83
C PRO B 46 18.57 -3.89 2.69
N SER B 47 19.56 -3.13 3.16
CA SER B 47 20.67 -3.53 3.99
C SER B 47 21.19 -2.24 4.65
N SER B 48 22.40 -2.24 5.18
CA SER B 48 23.01 -1.09 5.83
C SER B 48 24.49 -1.07 5.44
N GLY B 49 25.30 -1.91 6.08
CA GLY B 49 26.73 -2.05 5.83
C GLY B 49 27.03 -3.49 5.53
N GLY A 1 -3.25 -14.55 -5.32
CA GLY A 1 -3.02 -15.55 -6.38
C GLY A 1 -3.54 -15.04 -7.71
N SER A 2 -3.44 -15.82 -8.79
CA SER A 2 -3.91 -15.41 -10.10
C SER A 2 -4.02 -16.62 -11.03
N SER A 3 -5.20 -16.82 -11.60
CA SER A 3 -5.54 -17.89 -12.53
C SER A 3 -6.35 -17.21 -13.63
N GLY A 4 -5.98 -17.41 -14.90
CA GLY A 4 -6.66 -16.79 -16.03
C GLY A 4 -6.14 -15.35 -16.19
N SER A 5 -6.49 -14.68 -17.29
CA SER A 5 -6.05 -13.31 -17.55
C SER A 5 -6.87 -12.30 -16.72
N SER A 6 -6.40 -11.05 -16.68
CA SER A 6 -7.04 -9.95 -15.98
C SER A 6 -6.67 -8.65 -16.70
N GLY A 7 -7.42 -7.57 -16.45
CA GLY A 7 -7.16 -6.27 -17.02
C GLY A 7 -5.86 -5.69 -16.41
N PRO A 8 -5.32 -4.59 -16.96
CA PRO A 8 -4.10 -3.98 -16.46
C PRO A 8 -4.33 -3.43 -15.05
N LEU A 9 -5.27 -2.50 -14.91
CA LEU A 9 -5.71 -1.83 -13.69
C LEU A 9 -7.03 -1.17 -14.07
N GLU A 10 -7.99 -1.15 -13.15
CA GLU A 10 -9.33 -0.58 -13.32
C GLU A 10 -9.58 0.53 -12.29
N ARG A 11 -10.74 1.18 -12.36
CA ARG A 11 -11.12 2.30 -11.47
C ARG A 11 -12.42 2.14 -10.70
N GLU A 12 -13.05 0.96 -10.77
CA GLU A 12 -14.32 0.70 -10.09
C GLU A 12 -14.26 0.89 -8.56
N GLY A 13 -15.45 0.95 -7.96
CA GLY A 13 -15.64 1.13 -6.52
C GLY A 13 -15.10 -0.08 -5.76
N LEU A 14 -14.15 0.14 -4.86
CA LEU A 14 -13.51 -0.89 -4.05
C LEU A 14 -14.30 -1.29 -2.80
N PRO A 15 -14.06 -2.50 -2.26
CA PRO A 15 -14.71 -2.97 -1.05
C PRO A 15 -14.14 -2.25 0.18
N PRO A 16 -14.86 -2.26 1.32
CA PRO A 16 -14.42 -1.62 2.55
C PRO A 16 -13.19 -2.36 3.08
N GLY A 17 -12.08 -1.66 3.27
CA GLY A 17 -10.82 -2.20 3.75
C GLY A 17 -9.73 -2.06 2.69
N TRP A 18 -10.09 -2.13 1.41
CA TRP A 18 -9.11 -2.00 0.33
C TRP A 18 -8.85 -0.52 0.09
N GLU A 19 -7.65 -0.19 -0.38
CA GLU A 19 -7.24 1.18 -0.66
C GLU A 19 -6.53 1.23 -2.02
N ARG A 20 -6.77 2.28 -2.80
CA ARG A 20 -6.14 2.46 -4.10
C ARG A 20 -5.07 3.50 -3.87
N VAL A 21 -3.86 3.23 -4.35
CA VAL A 21 -2.73 4.12 -4.20
C VAL A 21 -2.31 4.56 -5.60
N GLU A 22 -2.02 5.85 -5.78
CA GLU A 22 -1.56 6.43 -7.02
C GLU A 22 -0.21 7.06 -6.68
N SER A 23 0.76 7.00 -7.60
CA SER A 23 2.09 7.54 -7.37
C SER A 23 2.75 7.92 -8.68
N SER A 24 3.57 8.97 -8.69
CA SER A 24 4.28 9.34 -9.92
C SER A 24 5.44 8.38 -10.17
N GLU A 25 5.80 7.54 -9.20
CA GLU A 25 6.88 6.58 -9.33
C GLU A 25 6.33 5.19 -9.59
N PHE A 26 5.31 4.76 -8.83
CA PHE A 26 4.73 3.43 -8.95
C PHE A 26 3.52 3.32 -9.88
N GLY A 27 2.90 4.46 -10.18
CA GLY A 27 1.76 4.58 -11.05
C GLY A 27 0.46 4.45 -10.31
N THR A 28 -0.07 3.23 -10.24
CA THR A 28 -1.32 2.95 -9.56
C THR A 28 -1.33 1.50 -9.09
N TYR A 29 -1.54 1.29 -7.79
CA TYR A 29 -1.61 -0.06 -7.22
C TYR A 29 -2.74 -0.13 -6.18
N TYR A 30 -2.97 -1.30 -5.61
CA TYR A 30 -4.01 -1.55 -4.63
C TYR A 30 -3.41 -2.27 -3.43
N VAL A 31 -3.94 -2.03 -2.24
CA VAL A 31 -3.46 -2.65 -1.00
C VAL A 31 -4.63 -3.26 -0.23
N ASP A 32 -4.38 -4.47 0.27
CA ASP A 32 -5.26 -5.31 1.07
C ASP A 32 -4.88 -5.16 2.53
N HIS A 33 -5.80 -4.63 3.35
CA HIS A 33 -5.56 -4.46 4.77
C HIS A 33 -5.85 -5.75 5.55
N THR A 34 -6.44 -6.80 4.95
CA THR A 34 -6.74 -8.03 5.65
C THR A 34 -5.48 -8.85 5.86
N ASN A 35 -4.64 -8.95 4.84
CA ASN A 35 -3.40 -9.72 4.87
C ASN A 35 -2.16 -8.84 4.68
N LYS A 36 -2.31 -7.52 4.53
CA LYS A 36 -1.22 -6.55 4.32
C LYS A 36 -0.44 -6.97 3.07
N ARG A 37 -1.12 -7.02 1.92
CA ARG A 37 -0.52 -7.41 0.64
C ARG A 37 -0.84 -6.37 -0.42
N ALA A 38 0.10 -6.08 -1.32
CA ALA A 38 -0.06 -5.11 -2.40
C ALA A 38 -0.21 -5.85 -3.74
N GLN A 39 -0.99 -5.33 -4.67
CA GLN A 39 -1.22 -5.90 -6.00
C GLN A 39 -1.48 -4.80 -7.02
N TYR A 40 -1.35 -5.13 -8.31
CA TYR A 40 -1.55 -4.20 -9.43
C TYR A 40 -2.90 -4.34 -10.14
N ARG A 41 -3.85 -5.13 -9.62
CA ARG A 41 -5.17 -5.31 -10.24
C ARG A 41 -6.28 -5.08 -9.22
N HIS A 42 -7.49 -4.82 -9.71
CA HIS A 42 -8.65 -4.58 -8.85
C HIS A 42 -8.92 -5.85 -8.01
N PRO A 43 -9.17 -5.73 -6.70
CA PRO A 43 -9.41 -6.87 -5.81
C PRO A 43 -10.77 -7.55 -5.95
N SER A 44 -11.68 -7.00 -6.75
CA SER A 44 -12.99 -7.61 -6.92
C SER A 44 -12.87 -8.59 -8.10
N GLY A 45 -12.82 -8.06 -9.32
CA GLY A 45 -12.74 -8.81 -10.56
C GLY A 45 -13.77 -8.22 -11.52
N PRO A 46 -13.92 -8.77 -12.74
CA PRO A 46 -14.88 -8.28 -13.73
C PRO A 46 -16.35 -8.42 -13.27
N SER A 47 -16.62 -9.20 -12.23
CA SER A 47 -17.95 -9.43 -11.67
C SER A 47 -17.79 -9.68 -10.16
N SER A 48 -18.81 -9.36 -9.36
CA SER A 48 -18.80 -9.53 -7.90
C SER A 48 -19.72 -10.65 -7.40
N GLY A 49 -20.49 -11.28 -8.28
CA GLY A 49 -21.41 -12.34 -7.92
C GLY A 49 -22.36 -12.48 -9.08
N GLY B 1 9.67 -9.24 10.58
CA GLY B 1 10.69 -9.44 11.61
C GLY B 1 10.75 -8.22 12.50
N SER B 2 10.70 -8.43 13.82
CA SER B 2 10.75 -7.37 14.81
C SER B 2 11.85 -7.66 15.82
N SER B 3 12.40 -6.61 16.43
CA SER B 3 13.45 -6.61 17.43
C SER B 3 13.33 -5.27 18.16
N GLY B 4 13.87 -5.18 19.37
CA GLY B 4 13.86 -3.96 20.16
C GLY B 4 12.46 -3.38 20.30
N SER B 5 12.33 -2.06 20.14
CA SER B 5 11.10 -1.31 20.21
C SER B 5 11.06 -0.33 19.03
N SER B 6 9.92 0.32 18.81
CA SER B 6 9.69 1.31 17.76
C SER B 6 8.72 2.35 18.35
N GLY B 7 8.50 3.46 17.65
CA GLY B 7 7.63 4.55 18.06
C GLY B 7 6.22 4.36 17.50
N PRO B 8 5.37 5.41 17.57
CA PRO B 8 4.01 5.37 17.04
C PRO B 8 4.18 5.47 15.52
N LEU B 9 4.54 6.66 15.04
CA LEU B 9 4.78 6.96 13.65
C LEU B 9 5.62 8.21 13.54
N GLU B 10 6.29 8.36 12.41
CA GLU B 10 7.15 9.47 12.04
C GLU B 10 6.82 9.80 10.57
N ARG B 11 7.36 10.91 10.03
CA ARG B 11 7.08 11.36 8.67
C ARG B 11 8.31 11.78 7.86
N GLU B 12 9.54 11.53 8.33
CA GLU B 12 10.75 11.91 7.60
C GLU B 12 10.85 11.21 6.24
N GLY B 13 11.85 11.59 5.44
CA GLY B 13 12.15 11.09 4.10
C GLY B 13 12.22 9.57 4.03
N LEU B 14 12.05 9.02 2.82
CA LEU B 14 12.07 7.59 2.56
C LEU B 14 13.02 7.19 1.44
N PRO B 15 13.49 5.93 1.44
CA PRO B 15 14.38 5.44 0.41
C PRO B 15 13.63 5.26 -0.93
N PRO B 16 14.35 5.24 -2.06
CA PRO B 16 13.74 5.07 -3.37
C PRO B 16 13.22 3.64 -3.44
N GLY B 17 11.93 3.48 -3.71
CA GLY B 17 11.24 2.21 -3.80
C GLY B 17 10.09 2.13 -2.78
N TRP B 18 10.20 2.87 -1.67
CA TRP B 18 9.16 2.87 -0.65
C TRP B 18 8.14 3.97 -0.94
N GLU B 19 6.93 3.82 -0.41
CA GLU B 19 5.85 4.78 -0.58
C GLU B 19 5.09 4.90 0.74
N ARG B 20 4.50 6.07 1.01
CA ARG B 20 3.71 6.37 2.20
C ARG B 20 2.30 6.63 1.70
N VAL B 21 1.33 5.96 2.30
CA VAL B 21 -0.07 6.08 1.92
C VAL B 21 -0.85 6.62 3.10
N GLU B 22 -1.51 7.77 2.95
CA GLU B 22 -2.35 8.37 3.97
C GLU B 22 -3.80 8.20 3.51
N SER B 23 -4.71 8.02 4.47
CA SER B 23 -6.14 7.80 4.26
C SER B 23 -6.95 8.35 5.43
N SER B 24 -8.27 8.39 5.28
CA SER B 24 -9.18 8.84 6.33
C SER B 24 -9.68 7.59 7.08
N GLU B 25 -9.87 6.49 6.35
CA GLU B 25 -10.34 5.22 6.89
C GLU B 25 -9.22 4.52 7.69
N PHE B 26 -7.95 4.79 7.36
CA PHE B 26 -6.80 4.16 8.01
C PHE B 26 -5.75 5.10 8.60
N GLY B 27 -5.70 6.36 8.19
CA GLY B 27 -4.73 7.32 8.73
C GLY B 27 -3.48 7.31 7.88
N THR B 28 -2.53 6.42 8.16
CA THR B 28 -1.31 6.34 7.36
C THR B 28 -0.62 4.98 7.53
N TYR B 29 -0.19 4.36 6.41
CA TYR B 29 0.55 3.10 6.37
C TYR B 29 1.57 3.21 5.23
N TYR B 30 2.64 2.40 5.25
CA TYR B 30 3.68 2.39 4.24
C TYR B 30 3.58 1.09 3.46
N VAL B 31 4.14 1.06 2.25
CA VAL B 31 4.15 -0.13 1.40
C VAL B 31 5.55 -0.40 0.86
N ASP B 32 5.96 -1.66 0.93
CA ASP B 32 7.25 -2.15 0.46
C ASP B 32 7.08 -2.74 -0.92
N HIS B 33 7.67 -2.13 -1.94
CA HIS B 33 7.56 -2.65 -3.30
C HIS B 33 8.40 -3.91 -3.51
N THR B 34 9.36 -4.20 -2.64
CA THR B 34 10.25 -5.36 -2.74
C THR B 34 9.58 -6.66 -2.25
N ASN B 35 8.64 -6.57 -1.30
CA ASN B 35 7.92 -7.74 -0.77
C ASN B 35 6.41 -7.62 -0.96
N LYS B 36 5.92 -6.47 -1.48
CA LYS B 36 4.50 -6.17 -1.68
C LYS B 36 3.74 -6.31 -0.36
N ARG B 37 4.29 -5.73 0.71
CA ARG B 37 3.71 -5.78 2.06
C ARG B 37 3.37 -4.39 2.55
N ALA B 38 2.49 -4.32 3.56
CA ALA B 38 2.04 -3.09 4.19
C ALA B 38 2.40 -3.13 5.68
N GLN B 39 2.82 -1.99 6.24
CA GLN B 39 3.18 -1.85 7.65
C GLN B 39 2.94 -0.41 8.12
N TYR B 40 2.73 -0.21 9.42
CA TYR B 40 2.47 1.11 10.02
C TYR B 40 3.75 1.73 10.60
N ARG B 41 4.88 1.00 10.65
CA ARG B 41 6.17 1.47 11.18
C ARG B 41 7.06 1.87 10.02
N HIS B 42 7.84 2.93 10.17
CA HIS B 42 8.72 3.44 9.11
C HIS B 42 9.71 2.34 8.67
N PRO B 43 10.07 2.25 7.39
CA PRO B 43 10.99 1.22 6.90
C PRO B 43 12.46 1.38 7.28
N SER B 44 12.97 2.61 7.48
CA SER B 44 14.37 2.84 7.83
C SER B 44 14.55 2.56 9.33
N GLY B 45 14.28 3.52 10.21
CA GLY B 45 14.41 3.33 11.65
C GLY B 45 14.94 4.58 12.36
N PRO B 46 15.21 4.47 13.65
CA PRO B 46 15.72 5.57 14.47
C PRO B 46 17.17 5.94 14.11
N SER B 47 17.83 5.17 13.24
CA SER B 47 19.19 5.40 12.81
C SER B 47 19.43 4.67 11.48
N SER B 48 20.54 4.98 10.82
CA SER B 48 20.97 4.37 9.56
C SER B 48 22.46 4.03 9.62
N GLY B 49 22.96 3.73 10.82
CA GLY B 49 24.35 3.41 11.08
C GLY B 49 24.88 4.47 12.00
N GLY A 1 -23.48 -18.40 13.15
CA GLY A 1 -23.82 -18.76 11.78
C GLY A 1 -23.39 -17.68 10.80
N SER A 2 -22.21 -17.82 10.21
CA SER A 2 -21.64 -16.89 9.25
C SER A 2 -22.26 -17.09 7.87
N SER A 3 -21.97 -16.18 6.93
CA SER A 3 -22.48 -16.22 5.58
C SER A 3 -21.50 -15.53 4.63
N GLY A 4 -21.93 -15.25 3.40
CA GLY A 4 -21.11 -14.57 2.42
C GLY A 4 -21.63 -14.78 1.01
N SER A 5 -22.61 -13.99 0.61
CA SER A 5 -23.20 -14.05 -0.71
C SER A 5 -22.47 -12.98 -1.53
N SER A 6 -21.37 -13.39 -2.15
CA SER A 6 -20.52 -12.53 -2.97
C SER A 6 -21.24 -12.15 -4.28
N GLY A 7 -20.67 -11.23 -5.04
CA GLY A 7 -21.21 -10.76 -6.30
C GLY A 7 -20.21 -10.94 -7.45
N PRO A 8 -20.67 -10.84 -8.71
CA PRO A 8 -19.84 -10.98 -9.88
C PRO A 8 -18.94 -9.74 -10.00
N LEU A 9 -19.53 -8.56 -10.17
CA LEU A 9 -18.85 -7.29 -10.30
C LEU A 9 -19.65 -6.24 -9.54
N GLU A 10 -19.02 -5.11 -9.28
CA GLU A 10 -19.58 -3.96 -8.57
C GLU A 10 -19.38 -2.70 -9.44
N ARG A 11 -19.96 -1.56 -9.04
CA ARG A 11 -19.87 -0.29 -9.77
C ARG A 11 -19.54 0.83 -8.79
N GLU A 12 -18.66 0.55 -7.85
CA GLU A 12 -18.20 1.47 -6.81
C GLU A 12 -16.67 1.52 -6.89
N GLY A 13 -16.00 2.26 -6.00
CA GLY A 13 -14.55 2.38 -6.03
C GLY A 13 -13.86 1.06 -5.68
N LEU A 14 -13.81 0.77 -4.39
CA LEU A 14 -13.19 -0.42 -3.81
C LEU A 14 -14.00 -0.88 -2.60
N PRO A 15 -13.86 -2.15 -2.17
CA PRO A 15 -14.59 -2.64 -1.01
C PRO A 15 -14.09 -1.94 0.27
N PRO A 16 -14.89 -1.92 1.36
CA PRO A 16 -14.52 -1.30 2.61
C PRO A 16 -13.41 -2.15 3.24
N GLY A 17 -12.16 -1.75 3.01
CA GLY A 17 -10.98 -2.43 3.50
C GLY A 17 -9.86 -2.47 2.46
N TRP A 18 -10.09 -1.94 1.27
CA TRP A 18 -9.10 -1.88 0.21
C TRP A 18 -8.86 -0.41 -0.10
N GLU A 19 -7.65 -0.11 -0.57
CA GLU A 19 -7.24 1.24 -0.91
C GLU A 19 -6.47 1.24 -2.23
N ARG A 20 -6.50 2.37 -2.94
CA ARG A 20 -5.82 2.60 -4.21
C ARG A 20 -4.76 3.67 -3.99
N VAL A 21 -3.55 3.35 -4.39
CA VAL A 21 -2.42 4.26 -4.29
C VAL A 21 -1.99 4.65 -5.69
N GLU A 22 -2.07 5.94 -6.02
CA GLU A 22 -1.62 6.44 -7.30
C GLU A 22 -0.13 6.77 -7.06
N SER A 23 0.69 6.72 -8.09
CA SER A 23 2.11 7.00 -7.96
C SER A 23 2.70 7.57 -9.26
N SER A 24 3.99 7.91 -9.24
CA SER A 24 4.70 8.47 -10.39
C SER A 24 5.79 7.55 -10.93
N GLU A 25 6.24 6.58 -10.13
CA GLU A 25 7.27 5.65 -10.52
C GLU A 25 6.67 4.23 -10.62
N PHE A 26 5.43 4.05 -10.13
CA PHE A 26 4.68 2.80 -10.10
C PHE A 26 3.33 2.91 -10.81
N GLY A 27 2.90 4.13 -11.12
CA GLY A 27 1.65 4.45 -11.78
C GLY A 27 0.48 4.31 -10.82
N THR A 28 0.02 3.09 -10.52
CA THR A 28 -1.08 2.87 -9.58
C THR A 28 -1.08 1.43 -9.10
N TYR A 29 -1.32 1.20 -7.81
CA TYR A 29 -1.41 -0.14 -7.22
C TYR A 29 -2.51 -0.14 -6.15
N TYR A 30 -2.85 -1.31 -5.61
CA TYR A 30 -3.89 -1.46 -4.60
C TYR A 30 -3.32 -2.18 -3.39
N VAL A 31 -3.88 -1.94 -2.20
CA VAL A 31 -3.45 -2.57 -0.95
C VAL A 31 -4.64 -3.18 -0.21
N ASP A 32 -4.40 -4.35 0.40
CA ASP A 32 -5.29 -5.21 1.18
C ASP A 32 -4.95 -5.04 2.65
N HIS A 33 -5.86 -4.43 3.41
CA HIS A 33 -5.64 -4.20 4.84
C HIS A 33 -5.86 -5.46 5.70
N THR A 34 -6.54 -6.48 5.19
CA THR A 34 -6.79 -7.71 5.94
C THR A 34 -5.53 -8.59 5.94
N ASN A 35 -4.74 -8.56 4.85
CA ASN A 35 -3.54 -9.39 4.72
C ASN A 35 -2.26 -8.56 4.64
N LYS A 36 -2.36 -7.24 4.60
CA LYS A 36 -1.27 -6.27 4.52
C LYS A 36 -0.39 -6.57 3.31
N ARG A 37 -1.02 -6.69 2.14
CA ARG A 37 -0.36 -6.97 0.87
C ARG A 37 -0.69 -5.91 -0.15
N ALA A 38 0.06 -5.87 -1.25
CA ALA A 38 -0.10 -4.93 -2.35
C ALA A 38 -0.20 -5.74 -3.66
N GLN A 39 -0.90 -5.20 -4.66
CA GLN A 39 -1.06 -5.87 -5.95
C GLN A 39 -1.27 -4.86 -7.07
N TYR A 40 -1.00 -5.32 -8.29
CA TYR A 40 -1.11 -4.55 -9.53
C TYR A 40 -2.47 -4.69 -10.25
N ARG A 41 -3.52 -5.18 -9.58
CA ARG A 41 -4.84 -5.34 -10.19
C ARG A 41 -5.93 -5.05 -9.17
N HIS A 42 -7.08 -4.55 -9.62
CA HIS A 42 -8.23 -4.24 -8.75
C HIS A 42 -8.66 -5.52 -8.01
N PRO A 43 -9.08 -5.45 -6.73
CA PRO A 43 -9.51 -6.60 -5.92
C PRO A 43 -10.87 -7.23 -6.30
N SER A 44 -11.13 -7.46 -7.59
CA SER A 44 -12.36 -8.09 -8.03
C SER A 44 -12.11 -9.61 -7.93
N GLY A 45 -13.05 -10.33 -7.31
CA GLY A 45 -13.03 -11.77 -7.10
C GLY A 45 -12.08 -12.23 -5.99
N PRO A 46 -12.22 -13.48 -5.50
CA PRO A 46 -11.37 -14.03 -4.45
C PRO A 46 -10.00 -14.33 -5.04
N SER A 47 -8.95 -14.26 -4.22
CA SER A 47 -7.62 -14.55 -4.72
C SER A 47 -7.44 -16.04 -4.91
N SER A 48 -6.86 -16.42 -6.04
CA SER A 48 -6.54 -17.79 -6.41
C SER A 48 -5.09 -17.98 -5.99
N GLY A 49 -4.19 -17.13 -6.48
CA GLY A 49 -2.77 -17.16 -6.15
C GLY A 49 -2.59 -16.17 -5.02
N GLY B 1 31.70 -7.43 -8.10
CA GLY B 1 30.99 -8.01 -6.96
C GLY B 1 30.20 -6.97 -6.19
N SER B 2 29.01 -7.35 -5.73
CA SER B 2 28.08 -6.52 -4.98
C SER B 2 28.63 -6.01 -3.64
N SER B 3 27.99 -4.95 -3.12
CA SER B 3 28.27 -4.27 -1.86
C SER B 3 26.93 -3.89 -1.23
N GLY B 4 26.91 -3.59 0.06
CA GLY B 4 25.75 -3.19 0.83
C GLY B 4 26.23 -2.50 2.11
N SER B 5 26.05 -1.19 2.20
CA SER B 5 26.45 -0.38 3.34
C SER B 5 25.23 0.37 3.87
N SER B 6 24.26 -0.37 4.43
CA SER B 6 23.04 0.18 4.98
C SER B 6 23.37 1.25 6.03
N GLY B 7 22.68 2.40 5.95
CA GLY B 7 22.90 3.51 6.87
C GLY B 7 22.15 3.30 8.19
N PRO B 8 22.33 4.21 9.17
CA PRO B 8 21.69 4.14 10.46
C PRO B 8 20.24 4.63 10.38
N LEU B 9 20.02 5.93 10.19
CA LEU B 9 18.73 6.60 10.10
C LEU B 9 18.89 7.75 9.12
N GLU B 10 18.08 7.82 8.07
CA GLU B 10 18.14 8.91 7.09
C GLU B 10 17.28 10.06 7.61
N ARG B 11 17.48 11.25 7.07
CA ARG B 11 16.71 12.43 7.45
C ARG B 11 15.58 12.67 6.45
N GLU B 12 15.70 12.10 5.26
CA GLU B 12 14.73 12.25 4.18
C GLU B 12 13.41 11.53 4.48
N GLY B 13 12.45 11.69 3.58
CA GLY B 13 11.11 11.12 3.67
C GLY B 13 11.13 9.61 3.77
N LEU B 14 11.53 8.92 2.70
CA LEU B 14 11.59 7.46 2.61
C LEU B 14 12.68 7.06 1.63
N PRO B 15 13.18 5.81 1.68
CA PRO B 15 14.20 5.34 0.75
C PRO B 15 13.62 5.26 -0.69
N PRO B 16 14.47 5.20 -1.72
CA PRO B 16 14.03 5.15 -3.11
C PRO B 16 13.29 3.85 -3.38
N GLY B 17 11.98 3.91 -3.57
CA GLY B 17 11.11 2.77 -3.84
C GLY B 17 10.01 2.59 -2.80
N TRP B 18 10.20 3.07 -1.55
CA TRP B 18 9.18 2.94 -0.52
C TRP B 18 8.14 4.05 -0.71
N GLU B 19 6.89 3.76 -0.35
CA GLU B 19 5.81 4.73 -0.48
C GLU B 19 5.01 4.82 0.83
N ARG B 20 4.42 5.99 1.05
CA ARG B 20 3.58 6.31 2.20
C ARG B 20 2.17 6.47 1.67
N VAL B 21 1.19 5.95 2.41
CA VAL B 21 -0.20 6.02 2.05
C VAL B 21 -0.91 6.71 3.22
N GLU B 22 -1.80 7.64 2.93
CA GLU B 22 -2.58 8.37 3.91
C GLU B 22 -4.06 8.19 3.57
N SER B 23 -4.88 8.05 4.61
CA SER B 23 -6.32 7.83 4.59
C SER B 23 -6.93 8.34 5.90
N SER B 24 -8.19 7.99 6.20
CA SER B 24 -8.87 8.38 7.42
C SER B 24 -9.31 7.15 8.20
N GLU B 25 -9.95 6.20 7.51
CA GLU B 25 -10.45 4.96 8.10
C GLU B 25 -9.27 4.19 8.66
N PHE B 26 -8.24 4.00 7.84
CA PHE B 26 -7.05 3.29 8.25
C PHE B 26 -6.21 4.29 9.04
N GLY B 27 -5.81 5.40 8.41
CA GLY B 27 -5.02 6.45 9.01
C GLY B 27 -3.81 6.70 8.13
N THR B 28 -2.64 6.14 8.44
CA THR B 28 -1.45 6.32 7.63
C THR B 28 -0.59 5.07 7.79
N TYR B 29 -0.06 4.58 6.69
CA TYR B 29 0.78 3.41 6.66
C TYR B 29 1.76 3.51 5.51
N TYR B 30 2.64 2.50 5.40
CA TYR B 30 3.64 2.44 4.37
C TYR B 30 3.51 1.13 3.63
N VAL B 31 3.94 1.14 2.37
CA VAL B 31 3.91 -0.03 1.49
C VAL B 31 5.34 -0.27 1.02
N ASP B 32 5.72 -1.55 0.97
CA ASP B 32 7.02 -2.03 0.56
C ASP B 32 6.89 -2.52 -0.88
N HIS B 33 7.39 -1.77 -1.86
CA HIS B 33 7.29 -2.20 -3.25
C HIS B 33 8.12 -3.45 -3.54
N THR B 34 9.19 -3.68 -2.79
CA THR B 34 10.12 -4.79 -2.94
C THR B 34 9.43 -6.13 -2.66
N ASN B 35 8.56 -6.17 -1.66
CA ASN B 35 7.87 -7.39 -1.24
C ASN B 35 6.35 -7.33 -1.35
N LYS B 36 5.80 -6.19 -1.79
CA LYS B 36 4.37 -5.94 -1.92
C LYS B 36 3.64 -6.25 -0.63
N ARG B 37 4.14 -5.70 0.47
CA ARG B 37 3.57 -5.86 1.81
C ARG B 37 3.33 -4.46 2.37
N ALA B 38 2.54 -4.36 3.43
CA ALA B 38 2.21 -3.09 4.08
C ALA B 38 2.63 -3.14 5.54
N GLN B 39 2.96 -2.01 6.16
CA GLN B 39 3.36 -1.94 7.57
C GLN B 39 2.90 -0.64 8.22
N TYR B 40 2.68 -0.72 9.53
CA TYR B 40 2.22 0.38 10.39
C TYR B 40 3.38 1.12 11.08
N ARG B 41 4.59 1.12 10.50
CA ARG B 41 5.76 1.82 11.06
C ARG B 41 6.69 2.21 9.92
N HIS B 42 7.67 3.07 10.17
CA HIS B 42 8.63 3.51 9.14
C HIS B 42 9.53 2.34 8.71
N PRO B 43 10.11 2.33 7.49
CA PRO B 43 10.98 1.26 7.00
C PRO B 43 12.41 1.46 7.48
N SER B 44 12.57 1.86 8.74
CA SER B 44 13.85 2.12 9.36
C SER B 44 14.60 0.82 9.64
N GLY B 45 15.81 0.71 9.09
CA GLY B 45 16.69 -0.44 9.22
C GLY B 45 16.13 -1.68 8.50
N PRO B 46 16.95 -2.74 8.36
CA PRO B 46 16.51 -3.96 7.71
C PRO B 46 15.39 -4.56 8.56
N SER B 47 14.40 -5.12 7.89
CA SER B 47 13.24 -5.75 8.48
C SER B 47 13.63 -7.02 9.23
N SER B 48 13.67 -6.93 10.57
CA SER B 48 14.03 -8.02 11.46
C SER B 48 13.11 -9.25 11.31
N GLY B 49 11.94 -9.11 10.67
CA GLY B 49 11.01 -10.20 10.46
C GLY B 49 9.62 -9.67 10.66
#